data_5QGH
# 
_entry.id   5QGH 
# 
_audit_conform.dict_name       mmcif_pdbx.dic 
_audit_conform.dict_version    5.381 
_audit_conform.dict_location   http://mmcif.pdb.org/dictionaries/ascii/mmcif_pdbx.dic 
# 
loop_
_database_2.database_id 
_database_2.database_code 
_database_2.pdbx_database_accession 
_database_2.pdbx_DOI 
PDB   5QGH         pdb_00005qgh 10.2210/pdb5qgh/pdb 
WWPDB D_1001401918 ?            ?                   
# 
_pdbx_database_status.entry_id                        5QGH 
_pdbx_database_status.status_code                     REL 
_pdbx_database_status.status_code_sf                  REL 
_pdbx_database_status.status_code_mr                  ? 
_pdbx_database_status.status_code_cs                  ? 
_pdbx_database_status.recvd_initial_deposition_date   2018-05-15 
_pdbx_database_status.deposit_site                    RCSB 
_pdbx_database_status.process_site                    RCSB 
_pdbx_database_status.SG_entry                        ? 
_pdbx_database_status.pdb_format_compatible           Y 
_pdbx_database_status.methods_development_category    ? 
_pdbx_database_status.status_code_nmr_data            ? 
# 
loop_
_audit_author.name 
_audit_author.pdbx_ordinal 
_audit_author.identifier_ORCID 
'Krojer, T.'         1  ? 
'Talon, R.'          2  ? 
'Fairhead, M.'       3  ? 
'Diaz Saez, L.'      4  ? 
'Bradley, A.R.'      5  ? 
'Aimon, A.'          6  ? 
'Collins, P.'        7  ? 
'Brandao-Neto, J.'   8  ? 
'Douangamath, A.'    9  ? 
'Ruda, G.F.'         10 ? 
'Szommer, T.'        11 ? 
'Srikannathasan, V.' 12 ? 
'Elkins, J.'         13 ? 
'Spencer, J.'        14 ? 
'London, N.'         15 ? 
'Nelson, A.'         16 ? 
'Brennan, P.E.'      17 ? 
'Huber, K.'          18 ? 
'Bountra, C.'        19 ? 
'Arrowsmith, C.H.'   20 ? 
'Edwards, A.'        21 ? 
'von Delft, F.'      22 ? 
# 
_citation.id                        primary 
_citation.title                     'PanDDA analysis group deposition of models with modelled events (e.g. bound ligands)' 
_citation.journal_abbrev            'To Be Published' 
_citation.journal_volume            ? 
_citation.page_first                ? 
_citation.page_last                 ? 
_citation.year                      ? 
_citation.journal_id_ASTM           ? 
_citation.country                   ? 
_citation.journal_id_ISSN           ? 
_citation.journal_id_CSD            0353 
_citation.book_publisher            ? 
_citation.pdbx_database_id_PubMed   ? 
_citation.pdbx_database_id_DOI      ? 
# 
loop_
_citation_author.citation_id 
_citation_author.name 
_citation_author.identifier_ORCID 
_citation_author.ordinal 
primary 'Krojer, T.'         ? 1  
primary 'Talon, R.'          ? 2  
primary 'Fairhead, M.'       ? 3  
primary 'Diaz Saez, L.'      ? 4  
primary 'Bradley, A.R.'      ? 5  
primary 'Aimon, A.'          ? 6  
primary 'Collins, P.'        ? 7  
primary 'Brandao-Neto, J.'   ? 8  
primary 'Douangamath, A.'    ? 9  
primary 'Ruda, G.F.'         ? 10 
primary 'Szommer, T.'        ? 11 
primary 'Srikannathasan, V.' ? 12 
primary 'Elkins, J.'         ? 13 
primary 'Spencer, J.'        ? 14 
primary 'London, N.'         ? 15 
primary 'Nelson, A.'         ? 16 
primary 'Brennan, P.E.'      ? 17 
primary 'Huber, K.'          ? 18 
primary 'Bountra, C.'        ? 19 
primary 'Arrowsmith, C.H.'   ? 20 
primary 'Edwards, A.'        ? 21 
primary 'von Delft, F.'      ? 22 
# 
_cell.entry_id           5QGH 
_cell.length_a           126.022 
_cell.length_b           126.022 
_cell.length_c           41.550 
_cell.angle_alpha        90.000 
_cell.angle_beta         90.000 
_cell.angle_gamma        120.000 
_cell.Z_PDB              6 
_cell.pdbx_unique_axis   ? 
# 
_symmetry.entry_id                         5QGH 
_symmetry.space_group_name_H-M             'P 3 2 1' 
_symmetry.pdbx_full_space_group_name_H-M   ? 
_symmetry.cell_setting                     ? 
_symmetry.Int_Tables_number                150 
# 
loop_
_entity.id 
_entity.type 
_entity.src_method 
_entity.pdbx_description 
_entity.formula_weight 
_entity.pdbx_number_of_molecules 
_entity.pdbx_ec 
_entity.pdbx_mutation 
_entity.pdbx_fragment 
_entity.details 
1 polymer     man 'Peroxisomal coenzyme A diphosphatase NUDT7'  22197.600 1   3.6.1.- ? ? ? 
2 non-polymer syn 'ACETATE ION'                                 59.044    2   ?       ? ? ? 
3 non-polymer syn 'DIMETHYL SULFOXIDE'                          78.133    2   ?       ? ? ? 
4 non-polymer syn '(2R)-N-(1,2-oxazol-3-yl)-2-phenylbutanamide' 230.262   1   ?       ? ? ? 
5 water       nat water                                         18.015    167 ?       ? ? ? 
# 
_entity_name_com.entity_id   1 
_entity_name_com.name        'Nucleoside diphosphate-linked moiety X motif 7,Nudix motif 7' 
# 
_entity_poly.entity_id                      1 
_entity_poly.type                           'polypeptide(L)' 
_entity_poly.nstd_linkage                   no 
_entity_poly.nstd_monomer                   yes 
_entity_poly.pdbx_seq_one_letter_code       
;SMLDDAKARLRKYDIGGKYSHLPYNKYSVLLPLVAKEGKLHLLFTVRSEKLRRAPGEVCFPGGKRDPTDMDDAATALREA
QEEVGLR(HYP)HQVEVV(CSO)CLVPCLIDTDTLITPFVGLIDHNFQAQPNPAEVKDVFLVPLAYFLHPQVHDQHYVTR
LGHRFINHIFEYTNPEDGVTYQIKGMTANLAVLVAFIILEKKPT
;
_entity_poly.pdbx_seq_one_letter_code_can   
;SMLDDAKARLRKYDIGGKYSHLPYNKYSVLLPLVAKEGKLHLLFTVRSEKLRRAPGEVCFPGGKRDPTDMDDAATALREA
QEEVGLRPHQVEVVCCLVPCLIDTDTLITPFVGLIDHNFQAQPNPAEVKDVFLVPLAYFLHPQVHDQHYVTRLGHRFINH
IFEYTNPEDGVTYQIKGMTANLAVLVAFIILEKKPT
;
_entity_poly.pdbx_strand_id                 A 
_entity_poly.pdbx_target_identifier         ? 
# 
loop_
_entity_poly_seq.entity_id 
_entity_poly_seq.num 
_entity_poly_seq.mon_id 
_entity_poly_seq.hetero 
1 1   SER n 
1 2   MET n 
1 3   LEU n 
1 4   ASP n 
1 5   ASP n 
1 6   ALA n 
1 7   LYS n 
1 8   ALA n 
1 9   ARG n 
1 10  LEU n 
1 11  ARG n 
1 12  LYS n 
1 13  TYR n 
1 14  ASP n 
1 15  ILE n 
1 16  GLY n 
1 17  GLY n 
1 18  LYS n 
1 19  TYR n 
1 20  SER n 
1 21  HIS n 
1 22  LEU n 
1 23  PRO n 
1 24  TYR n 
1 25  ASN n 
1 26  LYS n 
1 27  TYR n 
1 28  SER n 
1 29  VAL n 
1 30  LEU n 
1 31  LEU n 
1 32  PRO n 
1 33  LEU n 
1 34  VAL n 
1 35  ALA n 
1 36  LYS n 
1 37  GLU n 
1 38  GLY n 
1 39  LYS n 
1 40  LEU n 
1 41  HIS n 
1 42  LEU n 
1 43  LEU n 
1 44  PHE n 
1 45  THR n 
1 46  VAL n 
1 47  ARG n 
1 48  SER n 
1 49  GLU n 
1 50  LYS n 
1 51  LEU n 
1 52  ARG n 
1 53  ARG n 
1 54  ALA n 
1 55  PRO n 
1 56  GLY n 
1 57  GLU n 
1 58  VAL n 
1 59  CYS n 
1 60  PHE n 
1 61  PRO n 
1 62  GLY n 
1 63  GLY n 
1 64  LYS n 
1 65  ARG n 
1 66  ASP n 
1 67  PRO n 
1 68  THR n 
1 69  ASP n 
1 70  MET n 
1 71  ASP n 
1 72  ASP n 
1 73  ALA n 
1 74  ALA n 
1 75  THR n 
1 76  ALA n 
1 77  LEU n 
1 78  ARG n 
1 79  GLU n 
1 80  ALA n 
1 81  GLN n 
1 82  GLU n 
1 83  GLU n 
1 84  VAL n 
1 85  GLY n 
1 86  LEU n 
1 87  ARG n 
1 88  HYP n 
1 89  HIS n 
1 90  GLN n 
1 91  VAL n 
1 92  GLU n 
1 93  VAL n 
1 94  VAL n 
1 95  CSO n 
1 96  CYS n 
1 97  LEU n 
1 98  VAL n 
1 99  PRO n 
1 100 CYS n 
1 101 LEU n 
1 102 ILE n 
1 103 ASP n 
1 104 THR n 
1 105 ASP n 
1 106 THR n 
1 107 LEU n 
1 108 ILE n 
1 109 THR n 
1 110 PRO n 
1 111 PHE n 
1 112 VAL n 
1 113 GLY n 
1 114 LEU n 
1 115 ILE n 
1 116 ASP n 
1 117 HIS n 
1 118 ASN n 
1 119 PHE n 
1 120 GLN n 
1 121 ALA n 
1 122 GLN n 
1 123 PRO n 
1 124 ASN n 
1 125 PRO n 
1 126 ALA n 
1 127 GLU n 
1 128 VAL n 
1 129 LYS n 
1 130 ASP n 
1 131 VAL n 
1 132 PHE n 
1 133 LEU n 
1 134 VAL n 
1 135 PRO n 
1 136 LEU n 
1 137 ALA n 
1 138 TYR n 
1 139 PHE n 
1 140 LEU n 
1 141 HIS n 
1 142 PRO n 
1 143 GLN n 
1 144 VAL n 
1 145 HIS n 
1 146 ASP n 
1 147 GLN n 
1 148 HIS n 
1 149 TYR n 
1 150 VAL n 
1 151 THR n 
1 152 ARG n 
1 153 LEU n 
1 154 GLY n 
1 155 HIS n 
1 156 ARG n 
1 157 PHE n 
1 158 ILE n 
1 159 ASN n 
1 160 HIS n 
1 161 ILE n 
1 162 PHE n 
1 163 GLU n 
1 164 TYR n 
1 165 THR n 
1 166 ASN n 
1 167 PRO n 
1 168 GLU n 
1 169 ASP n 
1 170 GLY n 
1 171 VAL n 
1 172 THR n 
1 173 TYR n 
1 174 GLN n 
1 175 ILE n 
1 176 LYS n 
1 177 GLY n 
1 178 MET n 
1 179 THR n 
1 180 ALA n 
1 181 ASN n 
1 182 LEU n 
1 183 ALA n 
1 184 VAL n 
1 185 LEU n 
1 186 VAL n 
1 187 ALA n 
1 188 PHE n 
1 189 ILE n 
1 190 ILE n 
1 191 LEU n 
1 192 GLU n 
1 193 LYS n 
1 194 LYS n 
1 195 PRO n 
1 196 THR n 
# 
_entity_src_gen.entity_id                          1 
_entity_src_gen.pdbx_src_id                        1 
_entity_src_gen.pdbx_alt_source_flag               sample 
_entity_src_gen.pdbx_seq_type                      'Biological sequence' 
_entity_src_gen.pdbx_beg_seq_num                   1 
_entity_src_gen.pdbx_end_seq_num                   196 
_entity_src_gen.gene_src_common_name               Human 
_entity_src_gen.gene_src_genus                     ? 
_entity_src_gen.pdbx_gene_src_gene                 NUDT7 
_entity_src_gen.gene_src_species                   ? 
_entity_src_gen.gene_src_strain                    ? 
_entity_src_gen.gene_src_tissue                    ? 
_entity_src_gen.gene_src_tissue_fraction           ? 
_entity_src_gen.gene_src_details                   ? 
_entity_src_gen.pdbx_gene_src_fragment             ? 
_entity_src_gen.pdbx_gene_src_scientific_name      'Homo sapiens' 
_entity_src_gen.pdbx_gene_src_ncbi_taxonomy_id     9606 
_entity_src_gen.pdbx_gene_src_variant              ? 
_entity_src_gen.pdbx_gene_src_cell_line            ? 
_entity_src_gen.pdbx_gene_src_atcc                 ? 
_entity_src_gen.pdbx_gene_src_organ                ? 
_entity_src_gen.pdbx_gene_src_organelle            ? 
_entity_src_gen.pdbx_gene_src_cell                 ? 
_entity_src_gen.pdbx_gene_src_cellular_location    ? 
_entity_src_gen.host_org_common_name               ? 
_entity_src_gen.pdbx_host_org_scientific_name      'Escherichia coli' 
_entity_src_gen.pdbx_host_org_ncbi_taxonomy_id     562 
_entity_src_gen.host_org_genus                     ? 
_entity_src_gen.pdbx_host_org_gene                 ? 
_entity_src_gen.pdbx_host_org_organ                ? 
_entity_src_gen.host_org_species                   ? 
_entity_src_gen.pdbx_host_org_tissue               ? 
_entity_src_gen.pdbx_host_org_tissue_fraction      ? 
_entity_src_gen.pdbx_host_org_strain               ? 
_entity_src_gen.pdbx_host_org_variant              ? 
_entity_src_gen.pdbx_host_org_cell_line            ? 
_entity_src_gen.pdbx_host_org_atcc                 ? 
_entity_src_gen.pdbx_host_org_culture_collection   ? 
_entity_src_gen.pdbx_host_org_cell                 ? 
_entity_src_gen.pdbx_host_org_organelle            ? 
_entity_src_gen.pdbx_host_org_cellular_location    ? 
_entity_src_gen.pdbx_host_org_vector_type          ? 
_entity_src_gen.pdbx_host_org_vector               ? 
_entity_src_gen.host_org_details                   ? 
_entity_src_gen.expression_system_id               ? 
_entity_src_gen.plasmid_name                       ? 
_entity_src_gen.plasmid_details                    ? 
_entity_src_gen.pdbx_description                   ? 
# 
_struct_ref.id                         1 
_struct_ref.db_name                    UNP 
_struct_ref.db_code                    NUDT7_HUMAN 
_struct_ref.pdbx_db_accession          P0C024 
_struct_ref.pdbx_db_isoform            ? 
_struct_ref.entity_id                  1 
_struct_ref.pdbx_seq_one_letter_code   
;SLLDDAKARLRKYDIGGKYSHLPYNKYSVLLPLVAKEGKLHLLFTVRSEKLRRAPGEVCFPGGKRDPTDMDDAATALREA
QEEVGLRPHQVEVVCCLVPCLIDTDTLITPFVGLIDHNFQAQPNPAEVKDVFLVPLAYFLHPQVHDQHYVTRLGHRFINH
IFEYTNPEDGVTYQIKGMTANLAVLVAFIILEKKPT
;
_struct_ref.pdbx_align_begin           14 
# 
_struct_ref_seq.align_id                      1 
_struct_ref_seq.ref_id                        1 
_struct_ref_seq.pdbx_PDB_id_code              5QGH 
_struct_ref_seq.pdbx_strand_id                A 
_struct_ref_seq.seq_align_beg                 1 
_struct_ref_seq.pdbx_seq_align_beg_ins_code   ? 
_struct_ref_seq.seq_align_end                 196 
_struct_ref_seq.pdbx_seq_align_end_ins_code   ? 
_struct_ref_seq.pdbx_db_accession             P0C024 
_struct_ref_seq.db_align_beg                  14 
_struct_ref_seq.pdbx_db_align_beg_ins_code    ? 
_struct_ref_seq.db_align_end                  209 
_struct_ref_seq.pdbx_db_align_end_ins_code    ? 
_struct_ref_seq.pdbx_auth_seq_align_beg       15 
_struct_ref_seq.pdbx_auth_seq_align_end       210 
# 
_struct_ref_seq_dif.align_id                     1 
_struct_ref_seq_dif.pdbx_pdb_id_code             5QGH 
_struct_ref_seq_dif.mon_id                       MET 
_struct_ref_seq_dif.pdbx_pdb_strand_id           A 
_struct_ref_seq_dif.seq_num                      2 
_struct_ref_seq_dif.pdbx_pdb_ins_code            ? 
_struct_ref_seq_dif.pdbx_seq_db_name             UNP 
_struct_ref_seq_dif.pdbx_seq_db_accession_code   P0C024 
_struct_ref_seq_dif.db_mon_id                    LEU 
_struct_ref_seq_dif.pdbx_seq_db_seq_num          15 
_struct_ref_seq_dif.details                      conflict 
_struct_ref_seq_dif.pdbx_auth_seq_num            16 
_struct_ref_seq_dif.pdbx_ordinal                 1 
# 
loop_
_chem_comp.id 
_chem_comp.type 
_chem_comp.mon_nstd_flag 
_chem_comp.name 
_chem_comp.pdbx_synonyms 
_chem_comp.formula 
_chem_comp.formula_weight 
ACT non-polymer         . 'ACETATE ION'                                 ?              'C2 H3 O2 -1'    59.044  
ALA 'L-peptide linking' y ALANINE                                       ?              'C3 H7 N O2'     89.093  
ARG 'L-peptide linking' y ARGININE                                      ?              'C6 H15 N4 O2 1' 175.209 
ASN 'L-peptide linking' y ASPARAGINE                                    ?              'C4 H8 N2 O3'    132.118 
ASP 'L-peptide linking' y 'ASPARTIC ACID'                               ?              'C4 H7 N O4'     133.103 
CSO 'L-peptide linking' n S-HYDROXYCYSTEINE                             ?              'C3 H7 N O3 S'   137.158 
CYS 'L-peptide linking' y CYSTEINE                                      ?              'C3 H7 N O2 S'   121.158 
DMS non-polymer         . 'DIMETHYL SULFOXIDE'                          ?              'C2 H6 O S'      78.133  
GLN 'L-peptide linking' y GLUTAMINE                                     ?              'C5 H10 N2 O3'   146.144 
GLU 'L-peptide linking' y 'GLUTAMIC ACID'                               ?              'C5 H9 N O4'     147.129 
GLY 'peptide linking'   y GLYCINE                                       ?              'C2 H5 N O2'     75.067  
H2D non-polymer         . '(2R)-N-(1,2-oxazol-3-yl)-2-phenylbutanamide' ?              'C13 H14 N2 O2'  230.262 
HIS 'L-peptide linking' y HISTIDINE                                     ?              'C6 H10 N3 O2 1' 156.162 
HOH non-polymer         . WATER                                         ?              'H2 O'           18.015  
HYP 'L-peptide linking' n 4-HYDROXYPROLINE                              HYDROXYPROLINE 'C5 H9 N O3'     131.130 
ILE 'L-peptide linking' y ISOLEUCINE                                    ?              'C6 H13 N O2'    131.173 
LEU 'L-peptide linking' y LEUCINE                                       ?              'C6 H13 N O2'    131.173 
LYS 'L-peptide linking' y LYSINE                                        ?              'C6 H15 N2 O2 1' 147.195 
MET 'L-peptide linking' y METHIONINE                                    ?              'C5 H11 N O2 S'  149.211 
PHE 'L-peptide linking' y PHENYLALANINE                                 ?              'C9 H11 N O2'    165.189 
PRO 'L-peptide linking' y PROLINE                                       ?              'C5 H9 N O2'     115.130 
SER 'L-peptide linking' y SERINE                                        ?              'C3 H7 N O3'     105.093 
THR 'L-peptide linking' y THREONINE                                     ?              'C4 H9 N O3'     119.119 
TYR 'L-peptide linking' y TYROSINE                                      ?              'C9 H11 N O3'    181.189 
VAL 'L-peptide linking' y VALINE                                        ?              'C5 H11 N O2'    117.146 
# 
_exptl.crystals_number   1 
_exptl.entry_id          5QGH 
_exptl.method            'X-RAY DIFFRACTION' 
# 
_exptl_crystal.id                    1 
_exptl_crystal.pdbx_mosaicity        0.050 
_exptl_crystal.pdbx_mosaicity_esd    ? 
_exptl_crystal.density_Matthews      4.29 
_exptl_crystal.density_diffrn        ? 
_exptl_crystal.density_meas          ? 
_exptl_crystal.density_meas_temp     ? 
_exptl_crystal.density_percent_sol   71.33 
_exptl_crystal.size_max              ? 
_exptl_crystal.size_mid              ? 
_exptl_crystal.size_min              ? 
_exptl_crystal.size_rad              ? 
_exptl_crystal.description           ? 
_exptl_crystal.preparation           ? 
# 
_exptl_crystal_grow.crystal_id      1 
_exptl_crystal_grow.method          'VAPOR DIFFUSION, SITTING DROP' 
_exptl_crystal_grow.pH              5.5 
_exptl_crystal_grow.temp            293 
_exptl_crystal_grow.pdbx_details    '0.1M bis-tris pH 5.5 -- 0.1M ammonium acetate -- 5%(w/v) PEG10K' 
_exptl_crystal_grow.temp_details    ? 
_exptl_crystal_grow.pdbx_pH_range   ? 
# 
_diffrn.id                     1 
_diffrn.ambient_temp           100 
_diffrn.crystal_id             1 
_diffrn.ambient_temp_details   ? 
# 
_diffrn_detector.detector               PIXEL 
_diffrn_detector.type                   'DECTRIS PILATUS 6M' 
_diffrn_detector.pdbx_collection_date   2017-05-11 
_diffrn_detector.diffrn_id              1 
_diffrn_detector.details                ? 
# 
_diffrn_radiation.diffrn_id                        1 
_diffrn_radiation.wavelength_id                    1 
_diffrn_radiation.pdbx_diffrn_protocol             'SINGLE WAVELENGTH' 
_diffrn_radiation.pdbx_monochromatic_or_laue_m_l   ? 
_diffrn_radiation.monochromator                    ? 
_diffrn_radiation.pdbx_scattering_type             x-ray 
# 
_diffrn_radiation_wavelength.id           1 
_diffrn_radiation_wavelength.wavelength   0.92819 
_diffrn_radiation_wavelength.wt           1.0 
# 
_diffrn_source.diffrn_id                   1 
_diffrn_source.source                      SYNCHROTRON 
_diffrn_source.type                        'DIAMOND BEAMLINE I04-1' 
_diffrn_source.pdbx_wavelength_list        0.92819 
_diffrn_source.pdbx_synchrotron_site       Diamond 
_diffrn_source.pdbx_synchrotron_beamline   I04-1 
_diffrn_source.pdbx_wavelength             ? 
# 
_reflns.entry_id                     5QGH 
_reflns.pdbx_diffrn_id               1 
_reflns.pdbx_ordinal                 1 
_reflns.observed_criterion_sigma_I   ? 
_reflns.observed_criterion_sigma_F   ? 
_reflns.d_resolution_low             29.270 
_reflns.d_resolution_high            1.820 
_reflns.number_obs                   34222 
_reflns.number_all                   ? 
_reflns.percent_possible_obs         99.900 
_reflns.pdbx_Rmerge_I_obs            0.059 
_reflns.pdbx_Rsym_value              ? 
_reflns.pdbx_netI_over_sigmaI        22.400 
_reflns.B_iso_Wilson_estimate        ? 
_reflns.pdbx_redundancy              10.200 
_reflns.pdbx_Rrim_I_all              0.062 
_reflns.pdbx_Rpim_I_all              0.019 
_reflns.pdbx_CC_half                 0.999 
_reflns.pdbx_netI_over_av_sigmaI     ? 
_reflns.pdbx_number_measured_all     350076 
_reflns.pdbx_scaling_rejects         2 
_reflns.pdbx_chi_squared             ? 
_reflns.Rmerge_F_all                 ? 
_reflns.Rmerge_F_obs                 ? 
_reflns.observed_criterion_F_max     ? 
_reflns.observed_criterion_F_min     ? 
_reflns.observed_criterion_I_max     ? 
_reflns.observed_criterion_I_min     ? 
_reflns.pdbx_d_res_high_opt          ? 
_reflns.pdbx_d_res_low_opt           ? 
_reflns.details                      ? 
# 
loop_
_reflns_shell.pdbx_diffrn_id 
_reflns_shell.pdbx_ordinal 
_reflns_shell.d_res_high 
_reflns_shell.d_res_low 
_reflns_shell.number_measured_obs 
_reflns_shell.number_measured_all 
_reflns_shell.number_unique_obs 
_reflns_shell.pdbx_rejects 
_reflns_shell.Rmerge_I_obs 
_reflns_shell.meanI_over_sigI_obs 
_reflns_shell.pdbx_Rsym_value 
_reflns_shell.pdbx_chi_squared 
_reflns_shell.pdbx_redundancy 
_reflns_shell.percent_possible_obs 
_reflns_shell.pdbx_netI_over_sigmaI_obs 
_reflns_shell.number_possible 
_reflns_shell.number_unique_all 
_reflns_shell.Rmerge_F_all 
_reflns_shell.Rmerge_F_obs 
_reflns_shell.Rmerge_I_all 
_reflns_shell.meanI_over_sigI_all 
_reflns_shell.percent_possible_all 
_reflns_shell.pdbx_Rrim_I_all 
_reflns_shell.pdbx_Rpim_I_all 
_reflns_shell.pdbx_CC_half 
1 1 1.820 1.870  ? 25332 ? ? 0.804 ? ? ? 10.200 ? 2.800  ? 2472 ? ? ? ? 99.100 0.845 0.261 0.847 
1 2 8.130 29.270 ? 4124  ? ? 0.031 ? ? ? 9.900  ? 71.900 ? 418  ? ? ? ? 97.600 0.033 0.011 0.998 
# 
_refine.entry_id                                 5QGH 
_refine.pdbx_refine_id                           'X-RAY DIFFRACTION' 
_refine.ls_d_res_high                            1.8200 
_refine.ls_d_res_low                             109.1400 
_refine.pdbx_ls_sigma_F                          0.000 
_refine.pdbx_data_cutoff_high_absF               ? 
_refine.pdbx_data_cutoff_low_absF                ? 
_refine.ls_percent_reflns_obs                    99.9000 
_refine.ls_number_reflns_obs                     32480 
_refine.ls_number_reflns_all                     ? 
_refine.pdbx_ls_cross_valid_method               THROUGHOUT 
_refine.ls_matrix_type                           ? 
_refine.pdbx_R_Free_selection_details            RANDOM 
_refine.details                                  
'HYDROGENS HAVE BEEN ADDED IN THE RIDING POSITIONS U VALUES      : REFINED INDIVIDUALLY' 
_refine.ls_R_factor_all                          ? 
_refine.ls_R_factor_obs                          0.1927 
_refine.ls_R_factor_R_work                       0.1914 
_refine.ls_wR_factor_R_work                      ? 
_refine.ls_R_factor_R_free                       0.2167 
_refine.ls_wR_factor_R_free                      ? 
_refine.ls_percent_reflns_R_free                 5.1000 
_refine.ls_number_reflns_R_free                  1740 
_refine.ls_number_reflns_R_work                  ? 
_refine.ls_R_factor_R_free_error                 ? 
_refine.B_iso_mean                               36.3750 
_refine.solvent_model_param_bsol                 ? 
_refine.solvent_model_param_ksol                 ? 
_refine.pdbx_isotropic_thermal_model             ? 
_refine.aniso_B[1][1]                            0.1900 
_refine.aniso_B[2][2]                            0.1900 
_refine.aniso_B[3][3]                            -0.6000 
_refine.aniso_B[1][2]                            0.0900 
_refine.aniso_B[1][3]                            0.0000 
_refine.aniso_B[2][3]                            -0.0000 
_refine.correlation_coeff_Fo_to_Fc               0.9600 
_refine.correlation_coeff_Fo_to_Fc_free          0.9500 
_refine.overall_SU_R_Cruickshank_DPI             ? 
_refine.pdbx_overall_SU_R_free_Cruickshank_DPI   ? 
_refine.pdbx_overall_SU_R_Blow_DPI               ? 
_refine.pdbx_overall_SU_R_free_Blow_DPI          ? 
_refine.overall_SU_R_free                        ? 
_refine.pdbx_overall_ESU_R                       0.0900 
_refine.pdbx_overall_ESU_R_Free                  0.0910 
_refine.overall_SU_ML                            0.0630 
_refine.overall_SU_B                             2.0450 
_refine.solvent_model_details                    MASK 
_refine.pdbx_solvent_vdw_probe_radii             1.2000 
_refine.pdbx_solvent_ion_probe_radii             0.8000 
_refine.pdbx_solvent_shrinkage_radii             0.8000 
_refine.ls_number_parameters                     ? 
_refine.ls_number_restraints                     ? 
_refine.pdbx_starting_model                      5T3P 
_refine.pdbx_method_to_determine_struct          'FOURIER SYNTHESIS' 
_refine.pdbx_stereochemistry_target_values       'MAXIMUM LIKELIHOOD' 
_refine.pdbx_stereochem_target_val_spec_case     ? 
_refine.overall_FOM_work_R_set                   ? 
_refine.B_iso_max                                132.330 
_refine.B_iso_min                                19.680 
_refine.pdbx_overall_phase_error                 ? 
_refine.occupancy_max                            ? 
_refine.occupancy_min                            ? 
_refine.pdbx_diffrn_id                           1 
_refine.pdbx_TLS_residual_ADP_flag               ? 
_refine.pdbx_ls_sigma_I                          ? 
_refine.pdbx_data_cutoff_high_rms_absF           ? 
_refine.ls_R_factor_R_free_error_details         ? 
# 
_refine_hist.cycle_id                         final 
_refine_hist.pdbx_refine_id                   'X-RAY DIFFRACTION' 
_refine_hist.d_res_high                       1.8200 
_refine_hist.d_res_low                        109.1400 
_refine_hist.pdbx_number_atoms_ligand         33 
_refine_hist.number_atoms_solvent             167 
_refine_hist.number_atoms_total               1667 
_refine_hist.pdbx_number_residues_total       186 
_refine_hist.pdbx_B_iso_mean_ligand           53.62 
_refine_hist.pdbx_B_iso_mean_solvent          46.94 
_refine_hist.pdbx_number_atoms_protein        1467 
_refine_hist.pdbx_number_atoms_nucleic_acid   0 
# 
loop_
_refine_ls_restr.pdbx_refine_id 
_refine_ls_restr.type 
_refine_ls_restr.number 
_refine_ls_restr.dev_ideal 
_refine_ls_restr.dev_ideal_target 
_refine_ls_restr.weight 
_refine_ls_restr.pdbx_restraint_function 
'X-RAY DIFFRACTION' r_bond_refined_d       1531 0.015  0.019  ? ? 
'X-RAY DIFFRACTION' r_bond_other_d         1455 0.001  0.020  ? ? 
'X-RAY DIFFRACTION' r_angle_refined_deg    2076 1.647  1.995  ? ? 
'X-RAY DIFFRACTION' r_angle_other_deg      3372 0.967  2.988  ? ? 
'X-RAY DIFFRACTION' r_dihedral_angle_1_deg 184  5.872  5.000  ? ? 
'X-RAY DIFFRACTION' r_dihedral_angle_2_deg 66   30.459 24.242 ? ? 
'X-RAY DIFFRACTION' r_dihedral_angle_3_deg 252  12.858 15.000 ? ? 
'X-RAY DIFFRACTION' r_dihedral_angle_4_deg 8    16.659 15.000 ? ? 
'X-RAY DIFFRACTION' r_chiral_restr         238  0.110  0.200  ? ? 
'X-RAY DIFFRACTION' r_gen_planes_refined   1668 0.008  0.021  ? ? 
'X-RAY DIFFRACTION' r_gen_planes_other     292  0.001  0.020  ? ? 
'X-RAY DIFFRACTION' r_mcbond_it            744  2.621  3.233  ? ? 
'X-RAY DIFFRACTION' r_mcbond_other         741  2.596  3.220  ? ? 
'X-RAY DIFFRACTION' r_mcangle_it           924  3.832  4.801  ? ? 
# 
_refine_ls_shell.d_res_high                       1.8180 
_refine_ls_shell.d_res_low                        1.8660 
_refine_ls_shell.pdbx_total_number_of_bins_used   20 
_refine_ls_shell.percent_reflns_obs               99.2400 
_refine_ls_shell.number_reflns_R_work             2316 
_refine_ls_shell.R_factor_all                     ? 
_refine_ls_shell.R_factor_R_work                  0.2700 
_refine_ls_shell.R_factor_R_free                  0.3020 
_refine_ls_shell.percent_reflns_R_free            ? 
_refine_ls_shell.number_reflns_R_free             155 
_refine_ls_shell.R_factor_R_free_error            ? 
_refine_ls_shell.number_reflns_all                2471 
_refine_ls_shell.number_reflns_obs                ? 
_refine_ls_shell.pdbx_refine_id                   'X-RAY DIFFRACTION' 
# 
_struct.entry_id                  5QGH 
_struct.title                     
;PanDDA analysis group deposition of models with modelled events (e.g. bound ligands) -- Crystal Structure of NUDT7 in complex with FMOPL000420a
;
_struct.pdbx_model_details        ? 
_struct.pdbx_CASP_flag            ? 
_struct.pdbx_model_type_details   ? 
# 
_struct_keywords.entry_id        5QGH 
_struct_keywords.text            'PanDDA, SGC - Diamond I04-1 fragment screening, NUDIX domain, XChemExplorer, HYDROLASE' 
_struct_keywords.pdbx_keywords   HYDROLASE 
# 
loop_
_struct_asym.id 
_struct_asym.pdbx_blank_PDB_chainid_flag 
_struct_asym.pdbx_modified 
_struct_asym.entity_id 
_struct_asym.details 
A N N 1 ? 
B N N 2 ? 
C N N 2 ? 
D N N 3 ? 
E N N 3 ? 
F N N 4 ? 
G N N 5 ? 
# 
loop_
_struct_conf.conf_type_id 
_struct_conf.id 
_struct_conf.pdbx_PDB_helix_id 
_struct_conf.beg_label_comp_id 
_struct_conf.beg_label_asym_id 
_struct_conf.beg_label_seq_id 
_struct_conf.pdbx_beg_PDB_ins_code 
_struct_conf.end_label_comp_id 
_struct_conf.end_label_asym_id 
_struct_conf.end_label_seq_id 
_struct_conf.pdbx_end_PDB_ins_code 
_struct_conf.beg_auth_comp_id 
_struct_conf.beg_auth_asym_id 
_struct_conf.beg_auth_seq_id 
_struct_conf.end_auth_comp_id 
_struct_conf.end_auth_asym_id 
_struct_conf.end_auth_seq_id 
_struct_conf.pdbx_PDB_helix_class 
_struct_conf.details 
_struct_conf.pdbx_PDB_helix_length 
HELX_P HELX_P1 AA1 SER A 1   ? LYS A 12  ? SER A 15  LYS A 26  1 ? 12 
HELX_P HELX_P2 AA2 ASP A 71  ? GLY A 85  ? ASP A 85  GLY A 99  1 ? 15 
HELX_P HELX_P3 AA3 ARG A 87  ? HIS A 89  ? ARG A 101 HIS A 103 5 ? 3  
HELX_P HELX_P4 AA4 ALA A 137 ? HIS A 141 ? ALA A 151 HIS A 155 5 ? 5  
HELX_P HELX_P5 AA5 LYS A 176 ? GLU A 192 ? LYS A 190 GLU A 206 1 ? 17 
# 
_struct_conf_type.id          HELX_P 
_struct_conf_type.criteria    ? 
_struct_conf_type.reference   ? 
# 
loop_
_struct_conn.id 
_struct_conn.conn_type_id 
_struct_conn.pdbx_leaving_atom_flag 
_struct_conn.pdbx_PDB_id 
_struct_conn.ptnr1_label_asym_id 
_struct_conn.ptnr1_label_comp_id 
_struct_conn.ptnr1_label_seq_id 
_struct_conn.ptnr1_label_atom_id 
_struct_conn.pdbx_ptnr1_label_alt_id 
_struct_conn.pdbx_ptnr1_PDB_ins_code 
_struct_conn.pdbx_ptnr1_standard_comp_id 
_struct_conn.ptnr1_symmetry 
_struct_conn.ptnr2_label_asym_id 
_struct_conn.ptnr2_label_comp_id 
_struct_conn.ptnr2_label_seq_id 
_struct_conn.ptnr2_label_atom_id 
_struct_conn.pdbx_ptnr2_label_alt_id 
_struct_conn.pdbx_ptnr2_PDB_ins_code 
_struct_conn.ptnr1_auth_asym_id 
_struct_conn.ptnr1_auth_comp_id 
_struct_conn.ptnr1_auth_seq_id 
_struct_conn.ptnr2_auth_asym_id 
_struct_conn.ptnr2_auth_comp_id 
_struct_conn.ptnr2_auth_seq_id 
_struct_conn.ptnr2_symmetry 
_struct_conn.pdbx_ptnr3_label_atom_id 
_struct_conn.pdbx_ptnr3_label_seq_id 
_struct_conn.pdbx_ptnr3_label_comp_id 
_struct_conn.pdbx_ptnr3_label_asym_id 
_struct_conn.pdbx_ptnr3_label_alt_id 
_struct_conn.pdbx_ptnr3_PDB_ins_code 
_struct_conn.details 
_struct_conn.pdbx_dist_value 
_struct_conn.pdbx_value_order 
_struct_conn.pdbx_role 
covale1 covale both ? A ARG 87 C ? ? ? 1_555 A HYP 88 N ? ? A ARG 101 A HYP 102 1_555 ? ? ? ? ? ? ? 1.346 ? ? 
covale2 covale both ? A HYP 88 C ? ? ? 1_555 A HIS 89 N ? ? A HYP 102 A HIS 103 1_555 ? ? ? ? ? ? ? 1.335 ? ? 
covale3 covale both ? A VAL 94 C ? ? ? 1_555 A CSO 95 N ? ? A VAL 108 A CSO 109 1_555 ? ? ? ? ? ? ? 1.328 ? ? 
covale4 covale both ? A CSO 95 C ? ? ? 1_555 A CYS 96 N ? ? A CSO 109 A CYS 110 1_555 ? ? ? ? ? ? ? 1.329 ? ? 
# 
_struct_conn_type.id          covale 
_struct_conn_type.criteria    ? 
_struct_conn_type.reference   ? 
# 
loop_
_struct_sheet.id 
_struct_sheet.type 
_struct_sheet.number_strands 
_struct_sheet.details 
AA1 ? 4 ? 
AA2 ? 4 ? 
AA3 ? 3 ? 
AA4 ? 3 ? 
# 
loop_
_struct_sheet_order.sheet_id 
_struct_sheet_order.range_id_1 
_struct_sheet_order.range_id_2 
_struct_sheet_order.offset 
_struct_sheet_order.sense 
AA1 1 2 ? anti-parallel 
AA1 2 3 ? parallel      
AA1 3 4 ? anti-parallel 
AA2 1 2 ? anti-parallel 
AA2 2 3 ? parallel      
AA2 3 4 ? anti-parallel 
AA3 1 2 ? anti-parallel 
AA3 2 3 ? anti-parallel 
AA4 1 2 ? anti-parallel 
AA4 2 3 ? anti-parallel 
# 
loop_
_struct_sheet_range.sheet_id 
_struct_sheet_range.id 
_struct_sheet_range.beg_label_comp_id 
_struct_sheet_range.beg_label_asym_id 
_struct_sheet_range.beg_label_seq_id 
_struct_sheet_range.pdbx_beg_PDB_ins_code 
_struct_sheet_range.end_label_comp_id 
_struct_sheet_range.end_label_asym_id 
_struct_sheet_range.end_label_seq_id 
_struct_sheet_range.pdbx_end_PDB_ins_code 
_struct_sheet_range.beg_auth_comp_id 
_struct_sheet_range.beg_auth_asym_id 
_struct_sheet_range.beg_auth_seq_id 
_struct_sheet_range.end_auth_comp_id 
_struct_sheet_range.end_auth_asym_id 
_struct_sheet_range.end_auth_seq_id 
AA1 1 VAL A 91  ? CYS A 96  ? VAL A 105 CYS A 110 
AA1 2 THR A 106 ? ILE A 115 ? THR A 120 ILE A 129 
AA1 3 ASN A 25  ? LYS A 36  ? ASN A 39  LYS A 50  
AA1 4 LYS A 39  ? ARG A 47  ? LYS A 53  ARG A 61  
AA2 1 CYS A 100 ? ILE A 102 ? CYS A 114 ILE A 116 
AA2 2 THR A 106 ? ILE A 115 ? THR A 120 ILE A 129 
AA2 3 ASN A 25  ? LYS A 36  ? ASN A 39  LYS A 50  
AA2 4 GLY A 62  ? LYS A 64  ? GLY A 76  LYS A 78  
AA3 1 VAL A 128 ? PRO A 135 ? VAL A 142 PRO A 149 
AA3 2 LYS A 39  ? ARG A 47  ? LYS A 53  ARG A 61  
AA3 3 VAL A 58  ? CYS A 59  ? VAL A 72  CYS A 73  
AA4 1 VAL A 144 ? ASP A 146 ? VAL A 158 ASP A 160 
AA4 2 HIS A 160 ? THR A 165 ? HIS A 174 THR A 179 
AA4 3 THR A 172 ? ILE A 175 ? THR A 186 ILE A 189 
# 
loop_
_pdbx_struct_sheet_hbond.sheet_id 
_pdbx_struct_sheet_hbond.range_id_1 
_pdbx_struct_sheet_hbond.range_id_2 
_pdbx_struct_sheet_hbond.range_1_label_atom_id 
_pdbx_struct_sheet_hbond.range_1_label_comp_id 
_pdbx_struct_sheet_hbond.range_1_label_asym_id 
_pdbx_struct_sheet_hbond.range_1_label_seq_id 
_pdbx_struct_sheet_hbond.range_1_PDB_ins_code 
_pdbx_struct_sheet_hbond.range_1_auth_atom_id 
_pdbx_struct_sheet_hbond.range_1_auth_comp_id 
_pdbx_struct_sheet_hbond.range_1_auth_asym_id 
_pdbx_struct_sheet_hbond.range_1_auth_seq_id 
_pdbx_struct_sheet_hbond.range_2_label_atom_id 
_pdbx_struct_sheet_hbond.range_2_label_comp_id 
_pdbx_struct_sheet_hbond.range_2_label_asym_id 
_pdbx_struct_sheet_hbond.range_2_label_seq_id 
_pdbx_struct_sheet_hbond.range_2_PDB_ins_code 
_pdbx_struct_sheet_hbond.range_2_auth_atom_id 
_pdbx_struct_sheet_hbond.range_2_auth_comp_id 
_pdbx_struct_sheet_hbond.range_2_auth_asym_id 
_pdbx_struct_sheet_hbond.range_2_auth_seq_id 
AA1 1 2 N GLU A 92  ? N GLU A 106 O LEU A 114 ? O LEU A 128 
AA1 2 3 O PHE A 111 ? O PHE A 125 N LEU A 31  ? N LEU A 45  
AA1 3 4 N LYS A 36  ? N LYS A 50  O LYS A 39  ? O LYS A 53  
AA2 1 2 N CYS A 100 ? N CYS A 114 O ILE A 108 ? O ILE A 122 
AA2 2 3 O PHE A 111 ? O PHE A 125 N LEU A 31  ? N LEU A 45  
AA2 3 4 N SER A 28  ? N SER A 42  O GLY A 63  ? O GLY A 77  
AA3 1 2 O PHE A 132 ? O PHE A 146 N PHE A 44  ? N PHE A 58  
AA3 2 3 N THR A 45  ? N THR A 59  O CYS A 59  ? O CYS A 73  
AA4 1 2 N HIS A 145 ? N HIS A 159 O ILE A 161 ? O ILE A 175 
AA4 2 3 N TYR A 164 ? N TYR A 178 O TYR A 173 ? O TYR A 187 
# 
loop_
_struct_site.id 
_struct_site.pdbx_evidence_code 
_struct_site.pdbx_auth_asym_id 
_struct_site.pdbx_auth_comp_id 
_struct_site.pdbx_auth_seq_id 
_struct_site.pdbx_auth_ins_code 
_struct_site.pdbx_num_residues 
_struct_site.details 
AC1 Software A ACT 301 ? 5  'binding site for residue ACT A 301' 
AC2 Software A ACT 302 ? 2  'binding site for residue ACT A 302' 
AC3 Software A DMS 303 ? 6  'binding site for residue DMS A 303' 
AC4 Software A DMS 304 ? 3  'binding site for residue DMS A 304' 
AC5 Software A H2D 305 ? 12 'binding site for residue H2D A 305' 
# 
loop_
_struct_site_gen.id 
_struct_site_gen.site_id 
_struct_site_gen.pdbx_num_res 
_struct_site_gen.label_comp_id 
_struct_site_gen.label_asym_id 
_struct_site_gen.label_seq_id 
_struct_site_gen.pdbx_auth_ins_code 
_struct_site_gen.auth_comp_id 
_struct_site_gen.auth_asym_id 
_struct_site_gen.auth_seq_id 
_struct_site_gen.label_atom_id 
_struct_site_gen.label_alt_id 
_struct_site_gen.symmetry 
_struct_site_gen.details 
1  AC1 5  GLY A 56  ? GLY A 70  . ? 1_555 ? 
2  AC1 5  VAL A 58  ? VAL A 72  . ? 1_555 ? 
3  AC1 5  TYR A 173 ? TYR A 187 . ? 1_555 ? 
4  AC1 5  GLN A 174 ? GLN A 188 . ? 1_555 ? 
5  AC1 5  HOH G .   ? HOH A 493 . ? 1_555 ? 
6  AC2 2  HYP A 88  ? HYP A 102 . ? 1_555 ? 
7  AC2 2  VAL A 91  ? VAL A 105 . ? 1_555 ? 
8  AC3 6  GLY A 85  ? GLY A 99  . ? 1_555 ? 
9  AC3 6  ARG A 87  ? ARG A 101 . ? 1_555 ? 
10 AC3 6  GLN A 90  ? GLN A 104 . ? 1_555 ? 
11 AC3 6  PHE A 119 ? PHE A 133 . ? 1_555 ? 
12 AC3 6  GLN A 120 ? GLN A 134 . ? 1_555 ? 
13 AC3 6  GLN A 122 ? GLN A 136 . ? 1_555 ? 
14 AC4 3  ASP A 116 ? ASP A 130 . ? 1_555 ? 
15 AC4 3  HIS A 117 ? HIS A 131 . ? 1_555 ? 
16 AC4 3  ASP A 130 ? ASP A 144 . ? 2_545 ? 
17 AC5 12 VAL A 29  ? VAL A 43  . ? 1_555 ? 
18 AC5 12 THR A 45  ? THR A 59  . ? 1_555 ? 
19 AC5 12 ARG A 47  ? ARG A 61  . ? 1_555 ? 
20 AC5 12 CYS A 59  ? CYS A 73  . ? 1_555 ? 
21 AC5 12 PHE A 60  ? PHE A 74  . ? 1_555 ? 
22 AC5 12 GLY A 62  ? GLY A 76  . ? 1_555 ? 
23 AC5 12 GLY A 63  ? GLY A 77  . ? 1_555 ? 
24 AC5 12 GLU A 83  ? GLU A 97  . ? 1_555 ? 
25 AC5 12 GLU A 127 ? GLU A 141 . ? 1_555 ? 
26 AC5 12 VAL A 128 ? VAL A 142 . ? 1_555 ? 
27 AC5 12 MET A 178 ? MET A 192 . ? 1_555 ? 
28 AC5 12 THR A 179 ? THR A 193 . ? 1_555 ? 
# 
_atom_sites.entry_id                    5QGH 
_atom_sites.fract_transf_matrix[1][1]   -0.00477925 
_atom_sites.fract_transf_matrix[1][2]   0.00421342 
_atom_sites.fract_transf_matrix[1][3]   0.00658450 
_atom_sites.fract_transf_matrix[2][1]   -0.00457832 
_atom_sites.fract_transf_matrix[2][2]   -0.00493974 
_atom_sites.fract_transf_matrix[2][3]   0.00621277 
_atom_sites.fract_transf_matrix[3][1]   0.01943102 
_atom_sites.fract_transf_matrix[3][2]   -0.00015013 
_atom_sites.fract_transf_matrix[3][3]   0.01419977 
_atom_sites.fract_transf_vector[1]      0.137148 
_atom_sites.fract_transf_vector[2]      -0.433973 
_atom_sites.fract_transf_vector[3]      1.980664 
# 
loop_
_atom_type.symbol 
C 
N 
O 
S 
# 
loop_
_atom_site.group_PDB 
_atom_site.id 
_atom_site.type_symbol 
_atom_site.label_atom_id 
_atom_site.label_alt_id 
_atom_site.label_comp_id 
_atom_site.label_asym_id 
_atom_site.label_entity_id 
_atom_site.label_seq_id 
_atom_site.pdbx_PDB_ins_code 
_atom_site.Cartn_x 
_atom_site.Cartn_y 
_atom_site.Cartn_z 
_atom_site.occupancy 
_atom_site.B_iso_or_equiv 
_atom_site.pdbx_formal_charge 
_atom_site.auth_seq_id 
_atom_site.auth_comp_id 
_atom_site.auth_asym_id 
_atom_site.auth_atom_id 
_atom_site.pdbx_PDB_model_num 
ATOM   1    N N   . SER A 1 1   ? 11.070  19.558  5.893   1.00 52.55  ? 15  SER A N   1 
ATOM   2    C CA  . SER A 1 1   ? 10.174  18.852  6.849   1.00 47.67  ? 15  SER A CA  1 
ATOM   3    C C   . SER A 1 1   ? 10.171  17.335  6.548   1.00 46.32  ? 15  SER A C   1 
ATOM   4    O O   . SER A 1 1   ? 10.711  16.911  5.508   1.00 46.19  ? 15  SER A O   1 
ATOM   5    C CB  . SER A 1 1   ? 8.765   19.462  6.781   1.00 47.92  ? 15  SER A CB  1 
ATOM   6    O OG  . SER A 1 1   ? 8.093   19.153  5.550   1.00 41.51  ? 15  SER A OG  1 
ATOM   7    N N   . MET A 1 2   ? 9.618   16.549  7.476   1.00 43.94  ? 16  MET A N   1 
ATOM   8    C CA  . MET A 1 2   ? 9.460   15.088  7.333   1.00 45.66  ? 16  MET A CA  1 
ATOM   9    C C   . MET A 1 2   ? 8.698   14.747  6.048   1.00 48.36  ? 16  MET A C   1 
ATOM   10   O O   . MET A 1 2   ? 9.107   13.855  5.280   1.00 41.04  ? 16  MET A O   1 
ATOM   11   C CB  . MET A 1 2   ? 8.743   14.475  8.552   1.00 46.25  ? 16  MET A CB  1 
ATOM   12   C CG  . MET A 1 2   ? 8.207   13.043  8.372   1.00 50.37  ? 16  MET A CG  1 
ATOM   13   S SD  . MET A 1 2   ? 7.698   12.236  9.935   1.00 54.72  ? 16  MET A SD  1 
ATOM   14   C CE  . MET A 1 2   ? 6.278   13.196  10.405  1.00 49.65  ? 16  MET A CE  1 
ATOM   15   N N   . LEU A 1 3   ? 7.604   15.465  5.808   1.00 45.73  ? 17  LEU A N   1 
ATOM   16   C CA  . LEU A 1 3   ? 6.755   15.136  4.661   1.00 43.37  ? 17  LEU A CA  1 
ATOM   17   C C   . LEU A 1 3   ? 7.363   15.573  3.327   1.00 43.26  ? 17  LEU A C   1 
ATOM   18   O O   . LEU A 1 3   ? 7.229   14.864  2.326   1.00 43.82  ? 17  LEU A O   1 
ATOM   19   C CB  . LEU A 1 3   ? 5.365   15.718  4.843   1.00 41.88  ? 17  LEU A CB  1 
ATOM   20   C CG  . LEU A 1 3   ? 4.473   14.930  5.790   1.00 44.41  ? 17  LEU A CG  1 
ATOM   21   C CD1 . LEU A 1 3   ? 3.235   15.775  6.100   1.00 42.10  ? 17  LEU A CD1 1 
ATOM   22   C CD2 . LEU A 1 3   ? 4.076   13.586  5.183   1.00 48.15  ? 17  LEU A CD2 1 
ATOM   23   N N   . ASP A 1 4   ? 8.047   16.718  3.326   1.00 42.85  ? 18  ASP A N   1 
ATOM   24   C CA  . ASP A 1 4   ? 8.699   17.220  2.127   1.00 44.06  ? 18  ASP A CA  1 
ATOM   25   C C   . ASP A 1 4   ? 9.917   16.370  1.759   1.00 40.98  ? 18  ASP A C   1 
ATOM   26   O O   . ASP A 1 4   ? 10.199  16.165  0.575   1.00 37.41  ? 18  ASP A O   1 
ATOM   27   C CB  . ASP A 1 4   ? 9.110   18.688  2.295   1.00 48.91  ? 18  ASP A CB  1 
ATOM   28   C CG  . ASP A 1 4   ? 7.918   19.651  2.190   1.00 55.81  ? 18  ASP A CG  1 
ATOM   29   O OD1 . ASP A 1 4   ? 6.750   19.206  2.025   1.00 57.48  ? 18  ASP A OD1 1 
ATOM   30   O OD2 . ASP A 1 4   ? 8.161   20.870  2.258   1.00 61.16  ? 18  ASP A OD2 1 
ATOM   31   N N   . ASP A 1 5   ? 10.619  15.899  2.785   1.00 38.61  ? 19  ASP A N   1 
ATOM   32   C CA  . ASP A 1 5   ? 11.736  15.005  2.631   1.00 38.49  ? 19  ASP A CA  1 
ATOM   33   C C   . ASP A 1 5   ? 11.271  13.641  2.026   1.00 32.83  ? 19  ASP A C   1 
ATOM   34   O O   . ASP A 1 5   ? 11.939  13.121  1.121   1.00 31.59  ? 19  ASP A O   1 
ATOM   35   C CB  . ASP A 1 5   ? 12.431  14.788  3.979   1.00 41.72  ? 19  ASP A CB  1 
ATOM   36   C CG  . ASP A 1 5   ? 13.310  15.991  4.419   1.00 48.76  ? 19  ASP A CG  1 
ATOM   37   O OD1 . ASP A 1 5   ? 13.616  16.903  3.606   1.00 49.43  ? 19  ASP A OD1 1 
ATOM   38   O OD2 . ASP A 1 5   ? 13.695  16.003  5.614   1.00 56.16  ? 19  ASP A OD2 1 
ATOM   39   N N   . ALA A 1 6   ? 10.159  13.104  2.512   1.00 29.85  ? 20  ALA A N   1 
ATOM   40   C CA  . ALA A 1 6   ? 9.613   11.837  1.962   1.00 30.78  ? 20  ALA A CA  1 
ATOM   41   C C   . ALA A 1 6   ? 9.223   11.934  0.486   1.00 30.63  ? 20  ALA A C   1 
ATOM   42   O O   . ALA A 1 6   ? 9.623   11.070  -0.326  1.00 26.81  ? 20  ALA A O   1 
ATOM   43   C CB  . ALA A 1 6   ? 8.443   11.344  2.777   1.00 31.60  ? 20  ALA A CB  1 
ATOM   44   N N   . LYS A 1 7   ? 8.459   12.976  0.124   1.00 29.15  ? 21  LYS A N   1 
ATOM   45   C CA  . LYS A 1 7   ? 8.067   13.180  -1.267  1.00 31.54  ? 21  LYS A CA  1 
ATOM   46   C C   . LYS A 1 7   ? 9.295   13.392  -2.191  1.00 29.40  ? 21  LYS A C   1 
ATOM   47   O O   . LYS A 1 7   ? 9.344   12.860  -3.311  1.00 29.47  ? 21  LYS A O   1 
ATOM   48   C CB  . LYS A 1 7   ? 7.131   14.387  -1.442  1.00 33.88  ? 21  LYS A CB  1 
ATOM   49   C CG  . LYS A 1 7   ? 5.890   14.392  -0.606  1.00 40.60  ? 21  LYS A CG  1 
ATOM   50   C CD  . LYS A 1 7   ? 5.053   15.650  -0.914  1.00 48.93  ? 21  LYS A CD  1 
ATOM   51   C CE  . LYS A 1 7   ? 4.692   16.459  0.328   1.00 52.03  ? 21  LYS A CE  1 
ATOM   52   N NZ  . LYS A 1 7   ? 3.568   17.394  0.013   1.00 56.91  ? 21  LYS A NZ  1 
ATOM   53   N N   . ALA A 1 8   ? 10.291  14.136  -1.730  1.00 31.21  ? 22  ALA A N   1 
ATOM   54   C CA  . ALA A 1 8   ? 11.508  14.351  -2.541  1.00 30.56  ? 22  ALA A CA  1 
ATOM   55   C C   . ALA A 1 8   ? 12.273  13.028  -2.831  1.00 30.35  ? 22  ALA A C   1 
ATOM   56   O O   . ALA A 1 8   ? 12.755  12.810  -3.964  1.00 30.22  ? 22  ALA A O   1 
ATOM   57   C CB  . ALA A 1 8   ? 12.423  15.380  -1.886  1.00 34.23  ? 22  ALA A CB  1 
ATOM   58   N N   . ARG A 1 9   ? 12.331  12.147  -1.832  1.00 26.84  ? 23  ARG A N   1 
ATOM   59   C CA  . ARG A 1 9   ? 12.968  10.821  -1.984  1.00 26.51  ? 23  ARG A CA  1 
ATOM   60   C C   . ARG A 1 9   ? 12.168  9.982   -2.964  1.00 27.68  ? 23  ARG A C   1 
ATOM   61   O O   . ARG A 1 9   ? 12.734  9.376   -3.875  1.00 24.83  ? 23  ARG A O   1 
ATOM   62   C CB  . ARG A 1 9   ? 13.023  10.041  -0.668  1.00 29.03  ? 23  ARG A CB  1 
ATOM   63   C CG  . ARG A 1 9   ? 14.029  10.497  0.388   1.00 31.39  ? 23  ARG A CG  1 
ATOM   64   C CD  . ARG A 1 9   ? 15.444  10.236  -0.063  1.00 35.69  ? 23  ARG A CD  1 
ATOM   65   N NE  . ARG A 1 9   ? 16.413  10.509  1.035   1.00 39.59  ? 23  ARG A NE  1 
ATOM   66   C CZ  . ARG A 1 9   ? 16.734  9.672   2.038   1.00 39.25  ? 23  ARG A CZ  1 
ATOM   67   N NH1 . ARG A 1 9   ? 16.221  8.437   2.139   1.00 31.81  ? 23  ARG A NH1 1 
ATOM   68   N NH2 . ARG A 1 9   ? 17.653  10.064  2.940   1.00 41.46  ? 23  ARG A NH2 1 
ATOM   69   N N   . LEU A 1 10  ? 10.846  9.928   -2.744  1.00 22.94  ? 24  LEU A N   1 
ATOM   70   C CA  . LEU A 1 10  ? 9.942   9.137   -3.598  1.00 24.81  ? 24  LEU A CA  1 
ATOM   71   C C   . LEU A 1 10  ? 9.977   9.504   -5.082  1.00 25.55  ? 24  LEU A C   1 
ATOM   72   O O   . LEU A 1 10  ? 9.930   8.611   -5.950  1.00 25.69  ? 24  LEU A O   1 
ATOM   73   C CB  . LEU A 1 10  ? 8.508   9.220   -3.075  1.00 24.64  ? 24  LEU A CB  1 
ATOM   74   C CG  . LEU A 1 10  ? 8.164   8.483   -1.770  1.00 24.28  ? 24  LEU A CG  1 
ATOM   75   C CD1 . LEU A 1 10  ? 6.855   9.000   -1.136  1.00 26.45  ? 24  LEU A CD1 1 
ATOM   76   C CD2 . LEU A 1 10  ? 8.054   6.992   -1.952  1.00 24.64  ? 24  LEU A CD2 1 
ATOM   77   N N   . ARG A 1 11  ? 10.041  10.790  -5.381  1.00 25.01  ? 25  ARG A N   1 
ATOM   78   C CA  . ARG A 1 11  ? 10.065  11.262  -6.764  1.00 29.33  ? 25  ARG A CA  1 
ATOM   79   C C   . ARG A 1 11  ? 11.265  10.740  -7.571  1.00 30.54  ? 25  ARG A C   1 
ATOM   80   O O   . ARG A 1 11  ? 11.138  10.575  -8.803  1.00 30.31  ? 25  ARG A O   1 
ATOM   81   C CB  . ARG A 1 11  ? 9.939   12.785  -6.836  1.00 32.88  ? 25  ARG A CB  1 
ATOM   82   C CG  . ARG A 1 11  ? 8.541   13.279  -6.443  1.00 39.23  ? 25  ARG A CG  1 
ATOM   83   C CD  . ARG A 1 11  ? 8.428   14.799  -6.453  1.00 45.85  ? 25  ARG A CD  1 
ATOM   84   N NE  . ARG A 1 11  ? 7.219   15.265  -5.751  1.00 51.47  ? 25  ARG A NE  1 
ATOM   85   C CZ  . ARG A 1 11  ? 7.175   16.157  -4.738  1.00 57.40  ? 25  ARG A CZ  1 
ATOM   86   N NH1 . ARG A 1 11  ? 8.289   16.750  -4.246  1.00 55.67  ? 25  ARG A NH1 1 
ATOM   87   N NH2 . ARG A 1 11  ? 5.989   16.465  -4.199  1.00 56.46  ? 25  ARG A NH2 1 
ATOM   88   N N   . LYS A 1 12  ? 12.385  10.448  -6.900  1.00 29.54  ? 26  LYS A N   1 
ATOM   89   C CA  . LYS A 1 12  ? 13.569  9.899   -7.571  1.00 32.10  ? 26  LYS A CA  1 
ATOM   90   C C   . LYS A 1 12  ? 13.381  8.464   -8.123  1.00 31.51  ? 26  LYS A C   1 
ATOM   91   O O   . LYS A 1 12  ? 14.192  8.010   -8.938  1.00 30.77  ? 26  LYS A O   1 
ATOM   92   C CB  . LYS A 1 12  ? 14.789  9.933   -6.643  1.00 36.06  ? 26  LYS A CB  1 
ATOM   93   C CG  . LYS A 1 12  ? 15.200  11.330  -6.179  1.00 40.60  ? 26  LYS A CG  1 
ATOM   94   C CD  . LYS A 1 12  ? 16.612  11.328  -5.597  1.00 46.78  ? 26  LYS A CD  1 
ATOM   95   C CE  . LYS A 1 12  ? 16.881  12.546  -4.729  1.00 54.42  ? 26  LYS A CE  1 
ATOM   96   N NZ  . LYS A 1 12  ? 16.586  13.817  -5.430  1.00 59.00  ? 26  LYS A NZ  1 
ATOM   97   N N   . TYR A 1 13  ? 12.348  7.738   -7.671  1.00 26.70  ? 27  TYR A N   1 
ATOM   98   C CA  . TYR A 1 13  ? 12.076  6.391   -8.103  1.00 24.26  ? 27  TYR A CA  1 
ATOM   99   C C   . TYR A 1 13  ? 10.840  6.273   -9.012  1.00 24.37  ? 27  TYR A C   1 
ATOM   100  O O   . TYR A 1 13  ? 10.451  5.155   -9.322  1.00 25.40  ? 27  TYR A O   1 
ATOM   101  C CB  . TYR A 1 13  ? 11.926  5.484   -6.878  1.00 24.97  ? 27  TYR A CB  1 
ATOM   102  C CG  . TYR A 1 13  ? 13.188  5.437   -6.019  1.00 24.74  ? 27  TYR A CG  1 
ATOM   103  C CD1 . TYR A 1 13  ? 13.441  6.439   -5.067  1.00 25.65  ? 27  TYR A CD1 1 
ATOM   104  C CD2 . TYR A 1 13  ? 14.141  4.431   -6.185  1.00 26.66  ? 27  TYR A CD2 1 
ATOM   105  C CE1 . TYR A 1 13  ? 14.589  6.413   -4.289  1.00 27.67  ? 27  TYR A CE1 1 
ATOM   106  C CE2 . TYR A 1 13  ? 15.322  4.408   -5.408  1.00 29.09  ? 27  TYR A CE2 1 
ATOM   107  C CZ  . TYR A 1 13  ? 15.521  5.424   -4.457  1.00 30.83  ? 27  TYR A CZ  1 
ATOM   108  O OH  . TYR A 1 13  ? 16.653  5.456   -3.645  1.00 34.11  ? 27  TYR A OH  1 
ATOM   109  N N   . ASP A 1 14  ? 10.224  7.397   -9.360  1.00 25.48  ? 28  ASP A N   1 
ATOM   110  C CA  . ASP A 1 14  ? 8.965   7.456   -10.155 1.00 26.77  ? 28  ASP A CA  1 
ATOM   111  C C   . ASP A 1 14  ? 9.275   6.986   -11.564 1.00 33.77  ? 28  ASP A C   1 
ATOM   112  O O   . ASP A 1 14  ? 10.178  7.513   -12.201 1.00 33.87  ? 28  ASP A O   1 
ATOM   113  C CB  . ASP A 1 14  ? 8.457   8.899   -10.175 1.00 28.80  ? 28  ASP A CB  1 
ATOM   114  C CG  . ASP A 1 14  ? 7.050   9.074   -10.776 1.00 34.07  ? 28  ASP A CG  1 
ATOM   115  O OD1 . ASP A 1 14  ? 6.263   8.129   -10.930 1.00 31.54  ? 28  ASP A OD1 1 
ATOM   116  O OD2 . ASP A 1 14  ? 6.708   10.238  -11.021 1.00 42.43  ? 28  ASP A OD2 1 
ATOM   117  N N   . ILE A 1 15  ? 8.615   5.931   -11.999 1.00 32.91  ? 29  ILE A N   1 
ATOM   118  C CA  . ILE A 1 15  ? 8.755   5.545   -13.409 1.00 40.44  ? 29  ILE A CA  1 
ATOM   119  C C   . ILE A 1 15  ? 7.700   6.231   -14.303 1.00 39.79  ? 29  ILE A C   1 
ATOM   120  O O   . ILE A 1 15  ? 7.786   6.140   -15.505 1.00 44.64  ? 29  ILE A O   1 
ATOM   121  C CB  . ILE A 1 15  ? 8.813   4.023   -13.578 1.00 44.50  ? 29  ILE A CB  1 
ATOM   122  C CG1 . ILE A 1 15  ? 7.464   3.359   -13.372 1.00 44.89  ? 29  ILE A CG1 1 
ATOM   123  C CG2 . ILE A 1 15  ? 9.866   3.408   -12.632 1.00 48.88  ? 29  ILE A CG2 1 
ATOM   124  C CD1 . ILE A 1 15  ? 7.333   2.125   -14.231 1.00 49.40  ? 29  ILE A CD1 1 
ATOM   125  N N   . GLY A 1 16  ? 6.707   6.898   -13.704 1.00 41.18  ? 30  GLY A N   1 
ATOM   126  C CA  . GLY A 1 16  ? 5.606   7.516   -14.466 1.00 42.59  ? 30  GLY A CA  1 
ATOM   127  C C   . GLY A 1 16  ? 4.796   6.512   -15.298 1.00 42.64  ? 30  GLY A C   1 
ATOM   128  O O   . GLY A 1 16  ? 4.480   5.401   -14.815 1.00 39.95  ? 30  GLY A O   1 
ATOM   129  N N   . GLY A 1 17  ? 4.489   6.893   -16.552 1.00 41.68  ? 31  GLY A N   1 
ATOM   130  C CA  . GLY A 1 17  ? 3.613   6.098   -17.446 1.00 39.23  ? 31  GLY A CA  1 
ATOM   131  C C   . GLY A 1 17  ? 4.286   5.133   -18.421 1.00 37.95  ? 31  GLY A C   1 
ATOM   132  O O   . GLY A 1 17  ? 3.611   4.501   -19.242 1.00 33.32  ? 31  GLY A O   1 
ATOM   133  N N   . LYS A 1 18  ? 5.612   5.025   -18.302 1.00 41.27  ? 32  LYS A N   1 
ATOM   134  C CA  . LYS A 1 18  ? 6.482   4.166   -19.130 1.00 39.45  ? 32  LYS A CA  1 
ATOM   135  C C   . LYS A 1 18  ? 5.903   2.755   -19.508 1.00 36.53  ? 32  LYS A C   1 
ATOM   136  O O   . LYS A 1 18  ? 5.785   2.425   -20.692 1.00 40.05  ? 32  LYS A O   1 
ATOM   137  C CB  . LYS A 1 18  ? 7.888   4.128   -18.434 1.00 40.96  ? 32  LYS A CB  1 
ATOM   138  C CG  . LYS A 1 18  ? 9.038   3.652   -19.305 1.00 45.04  ? 32  LYS A CG  1 
ATOM   139  C CD  . LYS A 1 18  ? 10.414  3.940   -18.714 1.00 44.09  ? 32  LYS A CD  1 
ATOM   140  C CE  . LYS A 1 18  ? 10.812  5.389   -18.917 1.00 49.06  ? 32  LYS A CE  1 
ATOM   141  N NZ  . LYS A 1 18  ? 12.254  5.585   -18.599 1.00 52.22  ? 32  LYS A NZ  1 
ATOM   142  N N   . TYR A 1 19  ? 5.430   1.996   -18.526 1.00 32.10  ? 33  TYR A N   1 
ATOM   143  C CA  . TYR A 1 19  ? 4.880   0.639   -18.718 1.00 29.55  ? 33  TYR A CA  1 
ATOM   144  C C   . TYR A 1 19  ? 3.307   0.555   -18.787 1.00 31.67  ? 33  TYR A C   1 
ATOM   145  O O   . TYR A 1 19  ? 2.724   -0.541  -18.972 1.00 29.88  ? 33  TYR A O   1 
ATOM   146  C CB  . TYR A 1 19  ? 5.389   -0.252  -17.590 1.00 29.85  ? 33  TYR A CB  1 
ATOM   147  C CG  . TYR A 1 19  ? 6.874   -0.618  -17.737 1.00 26.87  ? 33  TYR A CG  1 
ATOM   148  C CD1 . TYR A 1 19  ? 7.871   0.338   -17.584 1.00 28.37  ? 33  TYR A CD1 1 
ATOM   149  C CD2 . TYR A 1 19  ? 7.260   -1.899  -18.109 1.00 27.49  ? 33  TYR A CD2 1 
ATOM   150  C CE1 . TYR A 1 19  ? 9.237   0.022   -17.758 1.00 27.80  ? 33  TYR A CE1 1 
ATOM   151  C CE2 . TYR A 1 19  ? 8.609   -2.237  -18.235 1.00 26.52  ? 33  TYR A CE2 1 
ATOM   152  C CZ  . TYR A 1 19  ? 9.585   -1.284  -18.081 1.00 27.61  ? 33  TYR A CZ  1 
ATOM   153  O OH  . TYR A 1 19  ? 10.909  -1.622  -18.216 1.00 27.21  ? 33  TYR A OH  1 
ATOM   154  N N   . SER A 1 20  ? 2.658   1.715   -18.689 1.00 30.42  ? 34  SER A N   1 
ATOM   155  C CA  . SER A 1 20  ? 1.178   1.773   -18.528 1.00 29.64  ? 34  SER A CA  1 
ATOM   156  C C   . SER A 1 20  ? 0.329   1.344   -19.736 1.00 31.81  ? 34  SER A C   1 
ATOM   157  O O   . SER A 1 20  ? -0.829  0.967   -19.548 1.00 30.33  ? 34  SER A O   1 
ATOM   158  C CB  . SER A 1 20  ? 0.788   3.208   -18.134 1.00 33.68  ? 34  SER A CB  1 
ATOM   159  O OG  . SER A 1 20  ? 1.025   4.145   -19.205 1.00 37.02  ? 34  SER A OG  1 
ATOM   160  N N   . HIS A 1 21  ? 0.860   1.429   -20.957 1.00 30.22  ? 35  HIS A N   1 
ATOM   161  C CA  . HIS A 1 21  ? 0.062   1.096   -22.166 1.00 34.41  ? 35  HIS A CA  1 
ATOM   162  C C   . HIS A 1 21  ? 0.186   -0.379  -22.605 1.00 34.08  ? 35  HIS A C   1 
ATOM   163  O O   . HIS A 1 21  ? -0.583  -0.829  -23.495 1.00 32.75  ? 35  HIS A O   1 
ATOM   164  C CB  . HIS A 1 21  ? 0.433   1.976   -23.359 1.00 40.50  ? 35  HIS A CB  1 
ATOM   165  C CG  . HIS A 1 21  ? 1.601   1.448   -24.138 1.00 52.38  ? 35  HIS A CG  1 
ATOM   166  N ND1 . HIS A 1 21  ? 2.907   1.743   -23.807 1.00 54.00  ? 35  HIS A ND1 1 
ATOM   167  C CD2 . HIS A 1 21  ? 1.668   0.587   -25.189 1.00 58.16  ? 35  HIS A CD2 1 
ATOM   168  C CE1 . HIS A 1 21  ? 3.726   1.112   -24.627 1.00 51.04  ? 35  HIS A CE1 1 
ATOM   169  N NE2 . HIS A 1 21  ? 3.001   0.397   -25.473 1.00 59.30  ? 35  HIS A NE2 1 
ATOM   170  N N   . LEU A 1 22  ? 1.117   -1.135  -22.010 1.00 27.10  ? 36  LEU A N   1 
ATOM   171  C CA  . LEU A 1 22  ? 1.325   -2.524  -22.442 1.00 27.64  ? 36  LEU A CA  1 
ATOM   172  C C   . LEU A 1 22  ? 0.067   -3.393  -22.266 1.00 30.18  ? 36  LEU A C   1 
ATOM   173  O O   . LEU A 1 22  ? -0.721  -3.188  -21.301 1.00 27.88  ? 36  LEU A O   1 
ATOM   174  C CB  . LEU A 1 22  ? 2.532   -3.139  -21.706 1.00 27.64  ? 36  LEU A CB  1 
ATOM   175  C CG  . LEU A 1 22  ? 3.908   -2.557  -22.067 1.00 27.60  ? 36  LEU A CG  1 
ATOM   176  C CD1 . LEU A 1 22  ? 4.917   -2.963  -21.029 1.00 31.18  ? 36  LEU A CD1 1 
ATOM   177  C CD2 . LEU A 1 22  ? 4.372   -3.023  -23.450 1.00 29.95  ? 36  LEU A CD2 1 
ATOM   178  N N   . PRO A 1 23  ? -0.138  -4.393  -23.158 1.00 30.02  ? 37  PRO A N   1 
ATOM   179  C CA  . PRO A 1 23  ? -1.440  -5.122  -23.222 1.00 29.86  ? 37  PRO A CA  1 
ATOM   180  C C   . PRO A 1 23  ? -1.683  -6.240  -22.201 1.00 29.86  ? 37  PRO A C   1 
ATOM   181  O O   . PRO A 1 23  ? -1.961  -7.393  -22.557 1.00 32.64  ? 37  PRO A O   1 
ATOM   182  C CB  . PRO A 1 23  ? -1.450  -5.644  -24.695 1.00 33.30  ? 37  PRO A CB  1 
ATOM   183  C CG  . PRO A 1 23  ? -0.006  -5.938  -24.950 1.00 30.92  ? 37  PRO A CG  1 
ATOM   184  C CD  . PRO A 1 23  ? 0.736   -4.772  -24.302 1.00 31.42  ? 37  PRO A CD  1 
ATOM   185  N N   . TYR A 1 24  ? -1.642  -5.890  -20.903 1.00 25.48  ? 38  TYR A N   1 
ATOM   186  C CA  . TYR A 1 24  ? -1.864  -6.817  -19.814 1.00 24.43  ? 38  TYR A CA  1 
ATOM   187  C C   . TYR A 1 24  ? -3.294  -6.752  -19.231 1.00 23.33  ? 38  TYR A C   1 
ATOM   188  O O   . TYR A 1 24  ? -3.992  -5.768  -19.451 1.00 24.68  ? 38  TYR A O   1 
ATOM   189  C CB  . TYR A 1 24  ? -0.871  -6.455  -18.685 1.00 25.26  ? 38  TYR A CB  1 
ATOM   190  C CG  . TYR A 1 24  ? 0.562   -6.888  -18.989 1.00 24.36  ? 38  TYR A CG  1 
ATOM   191  C CD1 . TYR A 1 24  ? 0.948   -8.181  -18.778 1.00 27.52  ? 38  TYR A CD1 1 
ATOM   192  C CD2 . TYR A 1 24  ? 1.510   -5.977  -19.408 1.00 24.04  ? 38  TYR A CD2 1 
ATOM   193  C CE1 . TYR A 1 24  ? 2.257   -8.608  -19.029 1.00 29.05  ? 38  TYR A CE1 1 
ATOM   194  C CE2 . TYR A 1 24  ? 2.848   -6.373  -19.638 1.00 24.82  ? 38  TYR A CE2 1 
ATOM   195  C CZ  . TYR A 1 24  ? 3.198   -7.684  -19.477 1.00 25.52  ? 38  TYR A CZ  1 
ATOM   196  O OH  . TYR A 1 24  ? 4.510   -8.114  -19.701 1.00 28.45  ? 38  TYR A OH  1 
ATOM   197  N N   . ASN A 1 25  ? -3.656  -7.761  -18.465 1.00 23.01  ? 39  ASN A N   1 
ATOM   198  C CA  . ASN A 1 25  ? -4.746  -7.640  -17.444 1.00 26.97  ? 39  ASN A CA  1 
ATOM   199  C C   . ASN A 1 25  ? -4.188  -6.682  -16.365 1.00 26.55  ? 39  ASN A C   1 
ATOM   200  O O   . ASN A 1 25  ? -3.147  -6.993  -15.781 1.00 25.45  ? 39  ASN A O   1 
ATOM   201  C CB  . ASN A 1 25  ? -5.076  -8.969  -16.813 1.00 28.54  ? 39  ASN A CB  1 
ATOM   202  C CG  . ASN A 1 25  ? -5.718  -9.941  -17.800 1.00 36.93  ? 39  ASN A CG  1 
ATOM   203  O OD1 . ASN A 1 25  ? -6.661  -9.596  -18.498 1.00 42.75  ? 39  ASN A OD1 1 
ATOM   204  N ND2 . ASN A 1 25  ? -5.175  -11.135 -17.883 1.00 38.66  ? 39  ASN A ND2 1 
ATOM   205  N N   . LYS A 1 26  ? -4.832  -5.533  -16.153 1.00 26.01  ? 40  LYS A N   1 
ATOM   206  C CA  . LYS A 1 26  ? -4.227  -4.421  -15.355 1.00 24.17  ? 40  LYS A CA  1 
ATOM   207  C C   . LYS A 1 26  ? -4.906  -4.197  -13.994 1.00 25.57  ? 40  LYS A C   1 
ATOM   208  O O   . LYS A 1 26  ? -6.153  -4.083  -13.908 1.00 24.02  ? 40  LYS A O   1 
ATOM   209  C CB  . LYS A 1 26  ? -4.211  -3.166  -16.164 1.00 25.99  ? 40  LYS A CB  1 
ATOM   210  C CG  . LYS A 1 26  ? -3.200  -3.229  -17.322 1.00 27.91  ? 40  LYS A CG  1 
ATOM   211  C CD  . LYS A 1 26  ? -3.337  -2.077  -18.283 1.00 28.78  ? 40  LYS A CD  1 
ATOM   212  C CE  . LYS A 1 26  ? -2.954  -0.711  -17.683 1.00 30.79  ? 40  LYS A CE  1 
ATOM   213  N NZ  . LYS A 1 26  ? -1.626  -0.693  -16.945 1.00 29.96  ? 40  LYS A NZ  1 
ATOM   214  N N   . TYR A 1 27  ? -4.079  -4.158  -12.931 1.00 24.95  ? 41  TYR A N   1 
ATOM   215  C CA  . TYR A 1 27  ? -4.552  -3.852  -11.525 1.00 23.38  ? 41  TYR A CA  1 
ATOM   216  C C   . TYR A 1 27  ? -3.661  -2.751  -10.978 1.00 24.06  ? 41  TYR A C   1 
ATOM   217  O O   . TYR A 1 27  ? -2.475  -2.646  -11.363 1.00 20.62  ? 41  TYR A O   1 
ATOM   218  C CB  . TYR A 1 27  ? -4.431  -5.068  -10.596 1.00 25.11  ? 41  TYR A CB  1 
ATOM   219  C CG  . TYR A 1 27  ? -5.304  -6.242  -10.930 1.00 27.44  ? 41  TYR A CG  1 
ATOM   220  C CD1 . TYR A 1 27  ? -5.078  -7.014  -12.091 1.00 30.11  ? 41  TYR A CD1 1 
ATOM   221  C CD2 . TYR A 1 27  ? -6.388  -6.575  -10.117 1.00 29.19  ? 41  TYR A CD2 1 
ATOM   222  C CE1 . TYR A 1 27  ? -5.910  -8.068  -12.420 1.00 31.46  ? 41  TYR A CE1 1 
ATOM   223  C CE2 . TYR A 1 27  ? -7.216  -7.632  -10.431 1.00 28.72  ? 41  TYR A CE2 1 
ATOM   224  C CZ  . TYR A 1 27  ? -6.970  -8.378  -11.570 1.00 32.40  ? 41  TYR A CZ  1 
ATOM   225  O OH  . TYR A 1 27  ? -7.795  -9.440  -11.878 1.00 35.18  ? 41  TYR A OH  1 
ATOM   226  N N   . SER A 1 28  ? -4.216  -1.892  -10.091 1.00 23.13  ? 42  SER A N   1 
ATOM   227  C CA  . SER A 1 28  ? -3.414  -0.906  -9.361  1.00 21.42  ? 42  SER A CA  1 
ATOM   228  C C   . SER A 1 28  ? -3.598  -1.083  -7.828  1.00 21.93  ? 42  SER A C   1 
ATOM   229  O O   . SER A 1 28  ? -4.645  -1.594  -7.362  1.00 21.66  ? 42  SER A O   1 
ATOM   230  C CB  . SER A 1 28  ? -3.790  0.536   -9.743  1.00 22.82  ? 42  SER A CB  1 
ATOM   231  O OG  . SER A 1 28  ? -3.589  0.851   -11.129 1.00 22.84  ? 42  SER A OG  1 
ATOM   232  N N   . VAL A 1 29  ? -2.554  -0.703  -7.076  1.00 21.20  ? 43  VAL A N   1 
ATOM   233  C CA  . VAL A 1 29  ? -2.601  -0.636  -5.610  1.00 21.38  ? 43  VAL A CA  1 
ATOM   234  C C   . VAL A 1 29  ? -2.156  0.742   -5.144  1.00 20.73  ? 43  VAL A C   1 
ATOM   235  O O   . VAL A 1 29  ? -1.374  1.461   -5.823  1.00 20.85  ? 43  VAL A O   1 
ATOM   236  C CB  . VAL A 1 29  ? -1.842  -1.755  -4.865  1.00 23.40  ? 43  VAL A CB  1 
ATOM   237  C CG1 . VAL A 1 29  ? -2.407  -3.134  -5.195  1.00 25.91  ? 43  VAL A CG1 1 
ATOM   238  C CG2 . VAL A 1 29  ? -0.357  -1.728  -5.142  1.00 24.92  ? 43  VAL A CG2 1 
ATOM   239  N N   . LEU A 1 30  ? -2.749  1.173   -4.019  1.00 22.11  ? 44  LEU A N   1 
ATOM   240  C CA  . LEU A 1 30  ? -2.325  2.400   -3.345  1.00 22.84  ? 44  LEU A CA  1 
ATOM   241  C C   . LEU A 1 30  ? -1.560  2.053   -2.068  1.00 21.72  ? 44  LEU A C   1 
ATOM   242  O O   . LEU A 1 30  ? -2.058  1.289   -1.253  1.00 21.37  ? 44  LEU A O   1 
ATOM   243  C CB  . LEU A 1 30  ? -3.535  3.301   -3.011  1.00 22.08  ? 44  LEU A CB  1 
ATOM   244  C CG  . LEU A 1 30  ? -3.174  4.627   -2.331  1.00 22.24  ? 44  LEU A CG  1 
ATOM   245  C CD1 . LEU A 1 30  ? -2.511  5.589   -3.292  1.00 23.52  ? 44  LEU A CD1 1 
ATOM   246  C CD2 . LEU A 1 30  ? -4.432  5.288   -1.757  1.00 25.14  ? 44  LEU A CD2 1 
ATOM   247  N N   . LEU A 1 31  ? -0.334  2.580   -1.941  1.00 21.03  ? 45  LEU A N   1 
ATOM   248  C CA  . LEU A 1 31  ? 0.509   2.443   -0.732  1.00 22.50  ? 45  LEU A CA  1 
ATOM   249  C C   . LEU A 1 31  ? 0.281   3.742   0.111   1.00 20.83  ? 45  LEU A C   1 
ATOM   250  O O   . LEU A 1 31  ? 0.835   4.777   -0.246  1.00 21.49  ? 45  LEU A O   1 
ATOM   251  C CB  . LEU A 1 31  ? 1.985   2.345   -1.126  1.00 24.72  ? 45  LEU A CB  1 
ATOM   252  C CG  . LEU A 1 31  ? 2.499   0.958   -1.629  1.00 30.79  ? 45  LEU A CG  1 
ATOM   253  C CD1 . LEU A 1 31  ? 1.531   0.106   -2.356  1.00 29.83  ? 45  LEU A CD1 1 
ATOM   254  C CD2 . LEU A 1 31  ? 3.769   1.083   -2.495  1.00 32.36  ? 45  LEU A CD2 1 
ATOM   255  N N   . PRO A 1 32  ? -0.604  3.712   1.121   1.00 20.44  ? 46  PRO A N   1 
ATOM   256  C CA  . PRO A 1 32  ? -1.028  4.970   1.755   1.00 19.92  ? 46  PRO A CA  1 
ATOM   257  C C   . PRO A 1 32  ? -0.147  5.326   2.983   1.00 20.04  ? 46  PRO A C   1 
ATOM   258  O O   . PRO A 1 32  ? -0.079  4.526   3.926   1.00 19.68  ? 46  PRO A O   1 
ATOM   259  C CB  . PRO A 1 32  ? -2.472  4.678   2.182   1.00 21.63  ? 46  PRO A CB  1 
ATOM   260  C CG  . PRO A 1 32  ? -2.786  3.269   1.694   1.00 20.86  ? 46  PRO A CG  1 
ATOM   261  C CD  . PRO A 1 32  ? -1.438  2.611   1.625   1.00 21.53  ? 46  PRO A CD  1 
ATOM   262  N N   . LEU A 1 33  ? 0.523   6.470   2.919   1.00 20.05  ? 47  LEU A N   1 
ATOM   263  C CA  . LEU A 1 33  ? 1.425   6.929   3.992   1.00 23.00  ? 47  LEU A CA  1 
ATOM   264  C C   . LEU A 1 33  ? 0.675   7.897   4.882   1.00 23.75  ? 47  LEU A C   1 
ATOM   265  O O   . LEU A 1 33  ? 0.148   8.890   4.367   1.00 22.92  ? 47  LEU A O   1 
ATOM   266  C CB  . LEU A 1 33  ? 2.636   7.665   3.438   1.00 23.92  ? 47  LEU A CB  1 
ATOM   267  C CG  . LEU A 1 33  ? 3.744   6.801   2.855   1.00 28.47  ? 47  LEU A CG  1 
ATOM   268  C CD1 . LEU A 1 33  ? 4.730   7.723   2.113   1.00 30.00  ? 47  LEU A CD1 1 
ATOM   269  C CD2 . LEU A 1 33  ? 4.494   6.009   3.946   1.00 27.63  ? 47  LEU A CD2 1 
ATOM   270  N N   . VAL A 1 34  ? 0.708   7.620   6.173   1.00 24.91  ? 48  VAL A N   1 
ATOM   271  C CA  . VAL A 1 34  ? -0.033  8.360   7.205   1.00 24.94  ? 48  VAL A CA  1 
ATOM   272  C C   . VAL A 1 34  ? 1.004   8.832   8.233   1.00 26.88  ? 48  VAL A C   1 
ATOM   273  O O   . VAL A 1 34  ? 1.781   7.992   8.741   1.00 27.86  ? 48  VAL A O   1 
ATOM   274  C CB  . VAL A 1 34  ? -1.025  7.416   7.903   1.00 27.75  ? 48  VAL A CB  1 
ATOM   275  C CG1 . VAL A 1 34  ? -1.727  8.112   9.069   1.00 30.34  ? 48  VAL A CG1 1 
ATOM   276  C CG2 . VAL A 1 34  ? -2.074  6.892   6.899   1.00 29.97  ? 48  VAL A CG2 1 
ATOM   277  N N   . ALA A 1 35  ? 1.009   10.131  8.570   1.00 26.13  ? 49  ALA A N   1 
ATOM   278  C CA  . ALA A 1 35  ? 1.892   10.593  9.647   1.00 28.03  ? 49  ALA A CA  1 
ATOM   279  C C   . ALA A 1 35  ? 1.157   10.620  10.977  1.00 33.07  ? 49  ALA A C   1 
ATOM   280  O O   . ALA A 1 35  ? 0.073   11.194  11.043  1.00 33.96  ? 49  ALA A O   1 
ATOM   281  C CB  . ALA A 1 35  ? 2.456   11.943  9.312   1.00 31.02  ? 49  ALA A CB  1 
ATOM   282  N N   . LYS A 1 36  ? 1.705   9.972   12.006  1.00 33.39  ? 50  LYS A N   1 
ATOM   283  C CA  . LYS A 1 36  ? 1.089   9.932   13.373  1.00 38.04  ? 50  LYS A CA  1 
ATOM   284  C C   . LYS A 1 36  ? 2.198   9.970   14.390  1.00 37.88  ? 50  LYS A C   1 
ATOM   285  O O   . LYS A 1 36  ? 3.183   9.250   14.247  1.00 30.73  ? 50  LYS A O   1 
ATOM   286  C CB  . LYS A 1 36  ? 0.297   8.642   13.644  1.00 41.30  ? 50  LYS A CB  1 
ATOM   287  C CG  . LYS A 1 36  ? -0.982  8.447   12.856  1.00 52.68  ? 50  LYS A CG  1 
ATOM   288  C CD  . LYS A 1 36  ? -2.197  9.148   13.464  1.00 57.49  ? 50  LYS A CD  1 
ATOM   289  C CE  . LYS A 1 36  ? -3.512  8.777   12.764  1.00 61.63  ? 50  LYS A CE  1 
ATOM   290  N NZ  . LYS A 1 36  ? -3.943  9.757   11.721  1.00 65.92  ? 50  LYS A NZ  1 
ATOM   291  N N   . GLU A 1 37  ? 2.032   10.770  15.451  1.00 38.24  ? 51  GLU A N   1 
ATOM   292  C CA  . GLU A 1 37  ? 3.003   10.802  16.544  1.00 37.94  ? 51  GLU A CA  1 
ATOM   293  C C   . GLU A 1 37  ? 4.429   11.023  16.084  1.00 34.49  ? 51  GLU A C   1 
ATOM   294  O O   . GLU A 1 37  ? 5.379   10.437  16.621  1.00 36.98  ? 51  GLU A O   1 
ATOM   295  C CB  . GLU A 1 37  ? 2.899   9.513   17.374  1.00 47.93  ? 51  GLU A CB  1 
ATOM   296  C CG  . GLU A 1 37  ? 1.511   9.277   17.953  1.00 54.11  ? 51  GLU A CG  1 
ATOM   297  C CD  . GLU A 1 37  ? 1.433   8.065   18.863  1.00 66.26  ? 51  GLU A CD  1 
ATOM   298  O OE1 . GLU A 1 37  ? 0.374   7.892   19.508  1.00 77.45  ? 51  GLU A OE1 1 
ATOM   299  O OE2 . GLU A 1 37  ? 2.410   7.282   18.940  1.00 76.00  ? 51  GLU A OE2 1 
ATOM   300  N N   . GLY A 1 38  ? 4.582   11.905  15.104  1.00 29.20  ? 52  GLY A N   1 
ATOM   301  C CA  . GLY A 1 38  ? 5.846   12.281  14.565  1.00 29.38  ? 52  GLY A CA  1 
ATOM   302  C C   . GLY A 1 38  ? 6.558   11.255  13.680  1.00 32.97  ? 52  GLY A C   1 
ATOM   303  O O   . GLY A 1 38  ? 7.746   11.447  13.358  1.00 34.29  ? 52  GLY A O   1 
ATOM   304  N N   . LYS A 1 39  ? 5.869   10.193  13.253  1.00 28.06  ? 53  LYS A N   1 
ATOM   305  C CA  . LYS A 1 39  ? 6.523   9.138   12.417  1.00 29.60  ? 53  LYS A CA  1 
ATOM   306  C C   . LYS A 1 39  ? 5.604   8.776   11.235  1.00 26.67  ? 53  LYS A C   1 
ATOM   307  O O   . LYS A 1 39  ? 4.389   8.969   11.326  1.00 27.15  ? 53  LYS A O   1 
ATOM   308  C CB  . LYS A 1 39  ? 6.704   7.885   13.251  1.00 32.58  ? 53  LYS A CB  1 
ATOM   309  C CG  . LYS A 1 39  ? 7.578   8.067   14.506  1.00 40.61  ? 53  LYS A CG  1 
ATOM   310  C CD  . LYS A 1 39  ? 7.551   6.888   15.490  1.00 47.98  ? 53  LYS A CD  1 
ATOM   311  C CE  . LYS A 1 39  ? 6.361   5.913   15.379  1.00 53.32  ? 53  LYS A CE  1 
ATOM   312  N NZ  . LYS A 1 39  ? 6.638   4.616   16.065  1.00 54.53  ? 53  LYS A NZ  1 
ATOM   313  N N   . LEU A 1 40  ? 6.181   8.205   10.165  1.00 24.30  ? 54  LEU A N   1 
ATOM   314  C CA  . LEU A 1 40  ? 5.354   7.730   9.029   1.00 23.10  ? 54  LEU A CA  1 
ATOM   315  C C   . LEU A 1 40  ? 4.913   6.286   9.257   1.00 22.05  ? 54  LEU A C   1 
ATOM   316  O O   . LEU A 1 40  ? 5.644   5.483   9.878   1.00 23.63  ? 54  LEU A O   1 
ATOM   317  C CB  . LEU A 1 40  ? 6.149   7.839   7.715   1.00 25.90  ? 54  LEU A CB  1 
ATOM   318  C CG  . LEU A 1 40  ? 6.503   9.261   7.257   1.00 28.75  ? 54  LEU A CG  1 
ATOM   319  C CD1 . LEU A 1 40  ? 7.556   9.205   6.151   1.00 31.26  ? 54  LEU A CD1 1 
ATOM   320  C CD2 . LEU A 1 40  ? 5.251   9.968   6.810   1.00 30.61  ? 54  LEU A CD2 1 
ATOM   321  N N   . HIS A 1 41  ? 3.708   5.976   8.774   1.00 21.83  ? 55  HIS A N   1 
ATOM   322  C CA  . HIS A 1 41  ? 3.052   4.666   8.911   1.00 21.67  ? 55  HIS A CA  1 
ATOM   323  C C   . HIS A 1 41  ? 2.507   4.286   7.516   1.00 22.62  ? 55  HIS A C   1 
ATOM   324  O O   . HIS A 1 41  ? 2.226   5.176   6.712   1.00 23.79  ? 55  HIS A O   1 
ATOM   325  C CB  . HIS A 1 41  ? 1.880   4.676   9.880   1.00 23.07  ? 55  HIS A CB  1 
ATOM   326  C CG  . HIS A 1 41  ? 2.282   5.016   11.272  1.00 23.88  ? 55  HIS A CG  1 
ATOM   327  N ND1 . HIS A 1 41  ? 2.668   6.286   11.627  1.00 28.07  ? 55  HIS A ND1 1 
ATOM   328  C CD2 . HIS A 1 41  ? 2.414   4.251   12.372  1.00 26.39  ? 55  HIS A CD2 1 
ATOM   329  C CE1 . HIS A 1 41  ? 3.030   6.282   12.906  1.00 29.48  ? 55  HIS A CE1 1 
ATOM   330  N NE2 . HIS A 1 41  ? 2.885   5.063   13.378  1.00 29.07  ? 55  HIS A NE2 1 
ATOM   331  N N   . LEU A 1 42  ? 2.392   2.982   7.261   1.00 20.83  ? 56  LEU A N   1 
ATOM   332  C CA  . LEU A 1 42  ? 1.613   2.489   6.113   1.00 20.39  ? 56  LEU A CA  1 
ATOM   333  C C   . LEU A 1 42  ? 0.282   1.930   6.565   1.00 20.21  ? 56  LEU A C   1 
ATOM   334  O O   . LEU A 1 42  ? 0.218   1.269   7.589   1.00 23.77  ? 56  LEU A O   1 
ATOM   335  C CB  . LEU A 1 42  ? 2.389   1.392   5.341   1.00 21.37  ? 56  LEU A CB  1 
ATOM   336  C CG  . LEU A 1 42  ? 3.468   1.865   4.367   1.00 22.62  ? 56  LEU A CG  1 
ATOM   337  C CD1 . LEU A 1 42  ? 4.348   0.678   3.934   1.00 24.02  ? 56  LEU A CD1 1 
ATOM   338  C CD2 . LEU A 1 42  ? 2.893   2.539   3.121   1.00 23.18  ? 56  LEU A CD2 1 
ATOM   339  N N   . LEU A 1 43  ? -0.750  2.152   5.765   1.00 22.33  ? 57  LEU A N   1 
ATOM   340  C CA  . LEU A 1 43  ? -2.105  1.648   6.025   1.00 23.10  ? 57  LEU A CA  1 
ATOM   341  C C   . LEU A 1 43  ? -2.336  0.383   5.203   1.00 23.53  ? 57  LEU A C   1 
ATOM   342  O O   . LEU A 1 43  ? -2.117  0.404   3.983   1.00 23.57  ? 57  LEU A O   1 
ATOM   343  C CB  . LEU A 1 43  ? -3.124  2.711   5.631   1.00 24.04  ? 57  LEU A CB  1 
ATOM   344  C CG  . LEU A 1 43  ? -4.629  2.333   5.881   1.00 26.60  ? 57  LEU A CG  1 
ATOM   345  C CD1 . LEU A 1 43  ? -5.473  3.582   6.126   1.00 30.20  ? 57  LEU A CD1 1 
ATOM   346  C CD2 . LEU A 1 43  ? -5.212  1.584   4.710   1.00 28.54  ? 57  LEU A CD2 1 
ATOM   347  N N   . PHE A 1 44  ? -2.778  -0.677  5.881   1.00 22.61  ? 58  PHE A N   1 
ATOM   348  C CA  . PHE A 1 44  ? -3.069  -1.982  5.310   1.00 23.36  ? 58  PHE A CA  1 
ATOM   349  C C   . PHE A 1 44  ? -4.529  -2.357  5.530   1.00 27.67  ? 58  PHE A C   1 
ATOM   350  O O   . PHE A 1 44  ? -5.175  -1.898  6.519   1.00 25.16  ? 58  PHE A O   1 
ATOM   351  C CB  . PHE A 1 44  ? -2.216  -3.067  5.951   1.00 23.35  ? 58  PHE A CB  1 
ATOM   352  C CG  . PHE A 1 44  ? -0.724  -2.915  5.724   1.00 25.00  ? 58  PHE A CG  1 
ATOM   353  C CD1 . PHE A 1 44  ? 0.078   -2.100  6.562   1.00 22.71  ? 58  PHE A CD1 1 
ATOM   354  C CD2 . PHE A 1 44  ? -0.094  -3.588  4.658   1.00 23.39  ? 58  PHE A CD2 1 
ATOM   355  C CE1 . PHE A 1 44  ? 1.467   -1.984  6.353   1.00 23.35  ? 58  PHE A CE1 1 
ATOM   356  C CE2 . PHE A 1 44  ? 1.284   -3.437  4.440   1.00 23.52  ? 58  PHE A CE2 1 
ATOM   357  C CZ  . PHE A 1 44  ? 2.082   -2.664  5.291   1.00 21.82  ? 58  PHE A CZ  1 
ATOM   358  N N   . THR A 1 45  ? -5.042  -3.215  4.631   1.00 26.01  ? 59  THR A N   1 
ATOM   359  C CA  . THR A 1 45  ? -6.375  -3.834  4.798   1.00 27.45  ? 59  THR A CA  1 
ATOM   360  C C   . THR A 1 45  ? -6.253  -5.338  5.058   1.00 27.93  ? 59  THR A C   1 
ATOM   361  O O   . THR A 1 45  ? -5.247  -5.980  4.695   1.00 27.33  ? 59  THR A O   1 
ATOM   362  C CB  . THR A 1 45  ? -7.303  -3.637  3.582   1.00 27.82  ? 59  THR A CB  1 
ATOM   363  O OG1 . THR A 1 45  ? -6.824  -4.364  2.433   1.00 30.99  ? 59  THR A OG1 1 
ATOM   364  C CG2 . THR A 1 45  ? -7.465  -2.197  3.232   1.00 29.01  ? 59  THR A CG2 1 
ATOM   365  N N   . VAL A 1 46  ? -7.253  -5.881  5.751   1.00 27.78  ? 60  VAL A N   1 
ATOM   366  C CA  . VAL A 1 46  ? -7.468  -7.310  5.808   1.00 29.36  ? 60  VAL A CA  1 
ATOM   367  C C   . VAL A 1 46  ? -8.688  -7.618  4.928   1.00 30.24  ? 60  VAL A C   1 
ATOM   368  O O   . VAL A 1 46  ? -9.785  -7.036  5.107   1.00 29.76  ? 60  VAL A O   1 
ATOM   369  C CB  . VAL A 1 46  ? -7.673  -7.841  7.242   1.00 31.24  ? 60  VAL A CB  1 
ATOM   370  C CG1 . VAL A 1 46  ? -7.815  -9.383  7.220   1.00 33.13  ? 60  VAL A CG1 1 
ATOM   371  C CG2 . VAL A 1 46  ? -6.528  -7.414  8.135   1.00 33.11  ? 60  VAL A CG2 1 
ATOM   372  N N   . ARG A 1 47  ? -8.492  -8.504  3.951   1.00 30.62  ? 61  ARG A N   1 
ATOM   373  C CA  . ARG A 1 47  ? -9.543  -8.811  2.980   1.00 32.35  ? 61  ARG A CA  1 
ATOM   374  C C   . ARG A 1 47  ? -10.662 -9.621  3.650   1.00 33.92  ? 61  ARG A C   1 
ATOM   375  O O   . ARG A 1 47  ? -10.398 -10.444 4.535   1.00 36.25  ? 61  ARG A O   1 
ATOM   376  C CB  . ARG A 1 47  ? -8.979  -9.605  1.792   1.00 35.68  ? 61  ARG A CB  1 
ATOM   377  C CG  . ARG A 1 47  ? -8.132  -8.751  0.869   1.00 37.18  ? 61  ARG A CG  1 
ATOM   378  C CD  . ARG A 1 47  ? -7.394  -9.651  -0.114  1.00 42.26  ? 61  ARG A CD  1 
ATOM   379  N NE  . ARG A 1 47  ? -8.296  -10.249 -1.090  1.00 43.56  ? 61  ARG A NE  1 
ATOM   380  C CZ  . ARG A 1 47  ? -8.784  -9.606  -2.147  1.00 48.59  ? 61  ARG A CZ  1 
ATOM   381  N NH1 . ARG A 1 47  ? -8.466  -8.345  -2.374  1.00 49.54  ? 61  ARG A NH1 1 
ATOM   382  N NH2 . ARG A 1 47  ? -9.600  -10.231 -2.991  1.00 56.08  ? 61  ARG A NH2 1 
ATOM   383  N N   . SER A 1 48  ? -11.897 -9.340  3.271   1.00 34.44  ? 62  SER A N   1 
ATOM   384  C CA  . SER A 1 48  ? -13.039 -10.040 3.862   1.00 40.99  ? 62  SER A CA  1 
ATOM   385  C C   . SER A 1 48  ? -12.943 -11.541 3.588   1.00 43.73  ? 62  SER A C   1 
ATOM   386  O O   . SER A 1 48  ? -12.543 -11.942 2.494   1.00 41.27  ? 62  SER A O   1 
ATOM   387  C CB  . SER A 1 48  ? -14.363 -9.569  3.283   1.00 44.06  ? 62  SER A CB  1 
ATOM   388  O OG  . SER A 1 48  ? -15.321 -10.621 3.450   1.00 49.58  ? 62  SER A OG  1 
ATOM   389  N N   . GLU A 1 49  ? -13.375 -12.344 4.562   1.00 53.33  ? 63  GLU A N   1 
ATOM   390  C CA  . GLU A 1 49  ? -13.391 -13.818 4.429   1.00 61.81  ? 63  GLU A CA  1 
ATOM   391  C C   . GLU A 1 49  ? -14.290 -14.352 3.288   1.00 66.33  ? 63  GLU A C   1 
ATOM   392  O O   . GLU A 1 49  ? -14.162 -15.515 2.907   1.00 71.95  ? 63  GLU A O   1 
ATOM   393  C CB  . GLU A 1 49  ? -13.816 -14.476 5.756   1.00 63.64  ? 63  GLU A CB  1 
ATOM   394  C CG  . GLU A 1 49  ? -12.882 -14.235 6.942   1.00 65.70  ? 63  GLU A CG  1 
ATOM   395  C CD  . GLU A 1 49  ? -11.501 -14.868 6.787   1.00 71.60  ? 63  GLU A CD  1 
ATOM   396  O OE1 . GLU A 1 49  ? -11.311 -15.763 5.929   1.00 76.73  ? 63  GLU A OE1 1 
ATOM   397  O OE2 . GLU A 1 49  ? -10.589 -14.473 7.544   1.00 67.14  ? 63  GLU A OE2 1 
ATOM   398  N N   . LYS A 1 50  ? -15.174 -13.505 2.752   1.00 67.47  ? 64  LYS A N   1 
ATOM   399  C CA  . LYS A 1 50  ? -16.129 -13.884 1.709   1.00 74.07  ? 64  LYS A CA  1 
ATOM   400  C C   . LYS A 1 50  ? -15.650 -13.653 0.282   1.00 75.01  ? 64  LYS A C   1 
ATOM   401  O O   . LYS A 1 50  ? -16.333 -14.059 -0.656  1.00 77.45  ? 64  LYS A O   1 
ATOM   402  C CB  . LYS A 1 50  ? -17.458 -13.134 1.923   1.00 75.97  ? 64  LYS A CB  1 
ATOM   403  C CG  . LYS A 1 50  ? -18.032 -13.224 3.342   1.00 81.51  ? 64  LYS A CG  1 
ATOM   404  C CD  . LYS A 1 50  ? -18.142 -14.665 3.852   1.00 84.61  ? 64  LYS A CD  1 
ATOM   405  C CE  . LYS A 1 50  ? -18.636 -14.739 5.288   1.00 86.70  ? 64  LYS A CE  1 
ATOM   406  N NZ  . LYS A 1 50  ? -20.048 -14.285 5.425   1.00 87.91  ? 64  LYS A NZ  1 
ATOM   407  N N   . LEU A 1 51  ? -14.498 -13.011 0.097   1.00 73.01  ? 65  LEU A N   1 
ATOM   408  C CA  . LEU A 1 51  ? -14.014 -12.721 -1.253  1.00 71.03  ? 65  LEU A CA  1 
ATOM   409  C C   . LEU A 1 51  ? -13.441 -13.970 -1.926  1.00 76.32  ? 65  LEU A C   1 
ATOM   410  O O   . LEU A 1 51  ? -12.995 -14.907 -1.256  1.00 70.20  ? 65  LEU A O   1 
ATOM   411  C CB  . LEU A 1 51  ? -12.967 -11.601 -1.242  1.00 67.37  ? 65  LEU A CB  1 
ATOM   412  C CG  . LEU A 1 51  ? -13.452 -10.215 -0.800  1.00 62.33  ? 65  LEU A CG  1 
ATOM   413  C CD1 . LEU A 1 51  ? -12.267 -9.261  -0.698  1.00 62.37  ? 65  LEU A CD1 1 
ATOM   414  C CD2 . LEU A 1 51  ? -14.509 -9.666  -1.752  1.00 59.60  ? 65  LEU A CD2 1 
ATOM   415  N N   . ARG A 1 52  ? -13.425 -13.928 -3.258  1.00 80.72  ? 66  ARG A N   1 
ATOM   416  C CA  . ARG A 1 52  ? -13.042 -15.066 -4.094  1.00 85.43  ? 66  ARG A CA  1 
ATOM   417  C C   . ARG A 1 52  ? -11.521 -15.217 -4.011  1.00 85.42  ? 66  ARG A C   1 
ATOM   418  O O   . ARG A 1 52  ? -11.017 -16.243 -3.553  1.00 79.63  ? 66  ARG A O   1 
ATOM   419  C CB  . ARG A 1 52  ? -13.496 -14.868 -5.558  1.00 88.71  ? 66  ARG A CB  1 
ATOM   420  C CG  . ARG A 1 52  ? -14.917 -14.320 -5.741  1.00 94.81  ? 66  ARG A CG  1 
ATOM   421  C CD  . ARG A 1 52  ? -15.210 -13.903 -7.179  1.00 95.29  ? 66  ARG A CD  1 
ATOM   422  N NE  . ARG A 1 52  ? -15.875 -14.963 -7.936  1.00 100.46 ? 66  ARG A NE  1 
ATOM   423  C CZ  . ARG A 1 52  ? -17.158 -15.315 -7.812  1.00 104.41 ? 66  ARG A CZ  1 
ATOM   424  N NH1 . ARG A 1 52  ? -17.969 -14.711 -6.940  1.00 106.02 ? 66  ARG A NH1 1 
ATOM   425  N NH2 . ARG A 1 52  ? -17.641 -16.299 -8.568  1.00 104.98 ? 66  ARG A NH2 1 
ATOM   426  N N   . ARG A 1 53  ? -10.808 -14.164 -4.414  1.00 88.11  ? 67  ARG A N   1 
ATOM   427  C CA  . ARG A 1 53  ? -9.345  -14.113 -4.341  1.00 89.38  ? 67  ARG A CA  1 
ATOM   428  C C   . ARG A 1 53  ? -8.874  -13.794 -2.920  1.00 80.42  ? 67  ARG A C   1 
ATOM   429  O O   . ARG A 1 53  ? -9.118  -12.692 -2.421  1.00 69.94  ? 67  ARG A O   1 
ATOM   430  C CB  . ARG A 1 53  ? -8.790  -13.041 -5.287  1.00 98.51  ? 67  ARG A CB  1 
ATOM   431  C CG  . ARG A 1 53  ? -9.030  -13.321 -6.756  1.00 111.82 ? 67  ARG A CG  1 
ATOM   432  C CD  . ARG A 1 53  ? -8.746  -12.099 -7.618  1.00 121.00 ? 67  ARG A CD  1 
ATOM   433  N NE  . ARG A 1 53  ? -8.819  -12.439 -9.041  1.00 129.42 ? 67  ARG A NE  1 
ATOM   434  C CZ  . ARG A 1 53  ? -9.943  -12.650 -9.734  1.00 130.34 ? 67  ARG A CZ  1 
ATOM   435  N NH1 . ARG A 1 53  ? -11.148 -12.555 -9.164  1.00 132.33 ? 67  ARG A NH1 1 
ATOM   436  N NH2 . ARG A 1 53  ? -9.859  -12.964 -11.025 1.00 130.56 ? 67  ARG A NH2 1 
ATOM   437  N N   . ALA A 1 54  ? -8.210  -14.757 -2.279  1.00 71.83  ? 68  ALA A N   1 
ATOM   438  C CA  . ALA A 1 54  ? -7.391  -14.511 -1.080  1.00 67.83  ? 68  ALA A CA  1 
ATOM   439  C C   . ALA A 1 54  ? -8.189  -13.931 0.085   1.00 65.29  ? 68  ALA A C   1 
ATOM   440  O O   . ALA A 1 54  ? -7.906  -12.813 0.536   1.00 63.40  ? 68  ALA A O   1 
ATOM   441  C CB  . ALA A 1 54  ? -6.205  -13.603 -1.426  1.00 62.66  ? 68  ALA A CB  1 
ATOM   442  N N   . PRO A 1 55  ? -9.185  -14.689 0.580   1.00 63.18  ? 69  PRO A N   1 
ATOM   443  C CA  . PRO A 1 55  ? -9.964  -14.205 1.698   1.00 60.07  ? 69  PRO A CA  1 
ATOM   444  C C   . PRO A 1 55  ? -9.088  -14.146 2.930   1.00 54.69  ? 69  PRO A C   1 
ATOM   445  O O   . PRO A 1 55  ? -8.250  -15.021 3.115   1.00 55.27  ? 69  PRO A O   1 
ATOM   446  C CB  . PRO A 1 55  ? -11.049 -15.276 1.856   1.00 62.64  ? 69  PRO A CB  1 
ATOM   447  C CG  . PRO A 1 55  ? -10.403 -16.524 1.373   1.00 61.70  ? 69  PRO A CG  1 
ATOM   448  C CD  . PRO A 1 55  ? -9.525  -16.088 0.242   1.00 61.05  ? 69  PRO A CD  1 
ATOM   449  N N   . GLY A 1 56  ? -9.246  -13.101 3.740   1.00 46.75  ? 70  GLY A N   1 
ATOM   450  C CA  . GLY A 1 56  ? -8.517  -12.982 5.014   1.00 43.91  ? 70  GLY A CA  1 
ATOM   451  C C   . GLY A 1 56  ? -7.044  -12.564 4.961   1.00 40.39  ? 70  GLY A C   1 
ATOM   452  O O   . GLY A 1 56  ? -6.405  -12.482 6.008   1.00 40.11  ? 70  GLY A O   1 
ATOM   453  N N   . GLU A 1 57  ? -6.508  -12.287 3.768   1.00 41.33  ? 71  GLU A N   1 
ATOM   454  C CA  . GLU A 1 57  ? -5.075  -11.899 3.614   1.00 38.51  ? 71  GLU A CA  1 
ATOM   455  C C   . GLU A 1 57  ? -4.911  -10.386 3.859   1.00 30.50  ? 71  GLU A C   1 
ATOM   456  O O   . GLU A 1 57  ? -5.832  -9.611  3.574   1.00 29.71  ? 71  GLU A O   1 
ATOM   457  C CB  . GLU A 1 57  ? -4.531  -12.227 2.202   1.00 44.39  ? 71  GLU A CB  1 
ATOM   458  C CG  . GLU A 1 57  ? -4.039  -13.658 1.955   1.00 51.24  ? 71  GLU A CG  1 
ATOM   459  C CD  . GLU A 1 57  ? -3.305  -13.844 0.607   1.00 53.90  ? 71  GLU A CD  1 
ATOM   460  O OE1 . GLU A 1 57  ? -2.787  -12.862 -0.013  1.00 46.33  ? 71  GLU A OE1 1 
ATOM   461  O OE2 . GLU A 1 57  ? -3.247  -15.006 0.133   1.00 56.54  ? 71  GLU A OE2 1 
ATOM   462  N N   . VAL A 1 58  ? -3.711  -9.998  4.295   1.00 30.07  ? 72  VAL A N   1 
ATOM   463  C CA  . VAL A 1 58  ? -3.323  -8.583  4.403   1.00 28.77  ? 72  VAL A CA  1 
ATOM   464  C C   . VAL A 1 58  ? -2.896  -8.072  3.009   1.00 30.92  ? 72  VAL A C   1 
ATOM   465  O O   . VAL A 1 58  ? -2.065  -8.716  2.357   1.00 29.07  ? 72  VAL A O   1 
ATOM   466  C CB  . VAL A 1 58  ? -2.201  -8.403  5.450   1.00 28.70  ? 72  VAL A CB  1 
ATOM   467  C CG1 . VAL A 1 58  ? -1.604  -7.008  5.410   1.00 30.81  ? 72  VAL A CG1 1 
ATOM   468  C CG2 . VAL A 1 58  ? -2.701  -8.692  6.873   1.00 30.90  ? 72  VAL A CG2 1 
ATOM   469  N N   . CYS A 1 59  ? -3.458  -6.939  2.560   1.00 26.43  ? 73  CYS A N   1 
ATOM   470  C CA  . CYS A 1 59  ? -3.226  -6.337  1.250   1.00 29.44  ? 73  CYS A CA  1 
ATOM   471  C C   . CYS A 1 59  ? -3.241  -4.815  1.364   1.00 28.76  ? 73  CYS A C   1 
ATOM   472  O O   . CYS A 1 59  ? -3.788  -4.276  2.299   1.00 32.81  ? 73  CYS A O   1 
ATOM   473  C CB  . CYS A 1 59  ? -4.381  -6.712  0.309   1.00 39.97  ? 73  CYS A CB  1 
ATOM   474  S SG  . CYS A 1 59  ? -4.516  -8.494  0.133   1.00 55.31  ? 73  CYS A SG  1 
ATOM   475  N N   . PHE A 1 60  ? -2.691  -4.130  0.383   1.00 23.39  ? 74  PHE A N   1 
ATOM   476  C CA  . PHE A 1 60  ? -2.946  -2.699  0.217   1.00 23.50  ? 74  PHE A CA  1 
ATOM   477  C C   . PHE A 1 60  ? -4.312  -2.483  -0.468  1.00 23.82  ? 74  PHE A C   1 
ATOM   478  O O   . PHE A 1 60  ? -4.764  -3.361  -1.225  1.00 23.82  ? 74  PHE A O   1 
ATOM   479  C CB  . PHE A 1 60  ? -1.839  -2.052  -0.588  1.00 23.51  ? 74  PHE A CB  1 
ATOM   480  C CG  . PHE A 1 60  ? -0.516  -1.973  0.142   1.00 22.90  ? 74  PHE A CG  1 
ATOM   481  C CD1 . PHE A 1 60  ? -0.384  -1.154  1.281   1.00 23.58  ? 74  PHE A CD1 1 
ATOM   482  C CD2 . PHE A 1 60  ? 0.607   -2.692  -0.298  1.00 23.92  ? 74  PHE A CD2 1 
ATOM   483  C CE1 . PHE A 1 60  ? 0.807   -1.068  1.976   1.00 23.60  ? 74  PHE A CE1 1 
ATOM   484  C CE2 . PHE A 1 60  ? 1.823   -2.600  0.385   1.00 22.94  ? 74  PHE A CE2 1 
ATOM   485  C CZ  . PHE A 1 60  ? 1.928   -1.787  1.546   1.00 25.17  ? 74  PHE A CZ  1 
ATOM   486  N N   . PRO A 1 61  ? -4.961  -1.317  -0.252  1.00 22.11  ? 75  PRO A N   1 
ATOM   487  C CA  . PRO A 1 61  ? -6.145  -1.012  -1.089  1.00 23.56  ? 75  PRO A CA  1 
ATOM   488  C C   . PRO A 1 61  ? -5.827  -1.050  -2.619  1.00 25.20  ? 75  PRO A C   1 
ATOM   489  O O   . PRO A 1 61  ? -4.731  -0.638  -3.041  1.00 22.02  ? 75  PRO A O   1 
ATOM   490  C CB  . PRO A 1 61  ? -6.511  0.431   -0.684  1.00 25.23  ? 75  PRO A CB  1 
ATOM   491  C CG  . PRO A 1 61  ? -5.807  0.685   0.604   1.00 24.45  ? 75  PRO A CG  1 
ATOM   492  C CD  . PRO A 1 61  ? -4.603  -0.213  0.659   1.00 23.07  ? 75  PRO A CD  1 
ATOM   493  N N   . GLY A 1 62  ? -6.757  -1.552  -3.417  1.00 24.13  ? 76  GLY A N   1 
ATOM   494  C CA  . GLY A 1 62  ? -6.519  -1.654  -4.874  1.00 25.43  ? 76  GLY A CA  1 
ATOM   495  C C   . GLY A 1 62  ? -7.478  -2.606  -5.544  1.00 25.63  ? 76  GLY A C   1 
ATOM   496  O O   . GLY A 1 62  ? -8.395  -3.161  -4.894  1.00 23.62  ? 76  GLY A O   1 
ATOM   497  N N   . GLY A 1 63  ? -7.272  -2.795  -6.853  1.00 25.57  ? 77  GLY A N   1 
ATOM   498  C CA  . GLY A 1 63  ? -8.105  -3.683  -7.641  1.00 23.77  ? 77  GLY A CA  1 
ATOM   499  C C   . GLY A 1 63  ? -7.960  -3.506  -9.134  1.00 22.85  ? 77  GLY A C   1 
ATOM   500  O O   . GLY A 1 63  ? -7.040  -2.820  -9.621  1.00 22.56  ? 77  GLY A O   1 
ATOM   501  N N   . LYS A 1 64  ? -8.876  -4.146  -9.878  1.00 24.32  ? 78  LYS A N   1 
ATOM   502  C CA  . LYS A 1 64  ? -8.795  -4.175  -11.364 1.00 24.46  ? 78  LYS A CA  1 
ATOM   503  C C   . LYS A 1 64  ? -9.224  -2.884  -12.052 1.00 24.43  ? 78  LYS A C   1 
ATOM   504  O O   . LYS A 1 64  ? -10.226 -2.242  -11.674 1.00 25.03  ? 78  LYS A O   1 
ATOM   505  C CB  . LYS A 1 64  ? -9.658  -5.335  -11.894 1.00 28.39  ? 78  LYS A CB  1 
ATOM   506  C CG  . LYS A 1 64  ? -9.369  -5.704  -13.334 1.00 33.47  ? 78  LYS A CG  1 
ATOM   507  C CD  . LYS A 1 64  ? -10.086 -6.988  -13.738 1.00 40.98  ? 78  LYS A CD  1 
ATOM   508  C CE  . LYS A 1 64  ? -10.057 -7.187  -15.261 1.00 44.24  ? 78  LYS A CE  1 
ATOM   509  N NZ  . LYS A 1 64  ? -8.678  -7.259  -15.777 1.00 52.60  ? 78  LYS A NZ  1 
ATOM   510  N N   . ARG A 1 65  ? -8.481  -2.465  -13.058 1.00 23.91  ? 79  ARG A N   1 
ATOM   511  C CA  . ARG A 1 65  ? -8.820  -1.288  -13.813 1.00 24.72  ? 79  ARG A CA  1 
ATOM   512  C C   . ARG A 1 65  ? -10.159 -1.555  -14.516 1.00 27.12  ? 79  ARG A C   1 
ATOM   513  O O   . ARG A 1 65  ? -10.445 -2.709  -14.893 1.00 25.40  ? 79  ARG A O   1 
ATOM   514  C CB  . ARG A 1 65  ? -7.755  -0.973  -14.832 1.00 28.08  ? 79  ARG A CB  1 
ATOM   515  C CG  . ARG A 1 65  ? -8.085  0.226   -15.725 1.00 28.68  ? 79  ARG A CG  1 
ATOM   516  C CD  . ARG A 1 65  ? -6.838  0.864   -16.291 1.00 30.95  ? 79  ARG A CD  1 
ATOM   517  N NE  . ARG A 1 65  ? -7.108  1.926   -17.260 1.00 28.80  ? 79  ARG A NE  1 
ATOM   518  C CZ  . ARG A 1 65  ? -6.180  2.671   -17.847 1.00 32.04  ? 79  ARG A CZ  1 
ATOM   519  N NH1 . ARG A 1 65  ? -4.881  2.482   -17.588 1.00 31.11  ? 79  ARG A NH1 1 
ATOM   520  N NH2 . ARG A 1 65  ? -6.538  3.588   -18.752 1.00 32.05  ? 79  ARG A NH2 1 
ATOM   521  N N   . ASP A 1 66  ? -10.967 -0.505  -14.630 1.00 27.01  ? 80  ASP A N   1 
ATOM   522  C CA  . ASP A 1 66  ? -12.237 -0.558  -15.396 1.00 27.11  ? 80  ASP A CA  1 
ATOM   523  C C   . ASP A 1 66  ? -12.310 0.548   -16.445 1.00 25.40  ? 80  ASP A C   1 
ATOM   524  O O   . ASP A 1 66  ? -11.489 1.487   -16.463 1.00 27.00  ? 80  ASP A O   1 
ATOM   525  C CB  . ASP A 1 66  ? -13.463 -0.678  -14.436 1.00 27.29  ? 80  ASP A CB  1 
ATOM   526  C CG  . ASP A 1 66  ? -13.993 0.666   -13.929 1.00 27.33  ? 80  ASP A CG  1 
ATOM   527  O OD1 . ASP A 1 66  ? -13.566 1.765   -14.382 1.00 27.97  ? 80  ASP A OD1 1 
ATOM   528  O OD2 . ASP A 1 66  ? -14.920 0.602   -13.088 1.00 32.86  ? 80  ASP A OD2 1 
ATOM   529  N N   . PRO A 1 67  ? -13.322 0.485   -17.384 1.00 26.83  ? 81  PRO A N   1 
ATOM   530  C CA  . PRO A 1 67  ? -13.336 1.468   -18.444 1.00 28.16  ? 81  PRO A CA  1 
ATOM   531  C C   . PRO A 1 67  ? -13.504 2.887   -18.032 1.00 25.16  ? 81  PRO A C   1 
ATOM   532  O O   . PRO A 1 67  ? -13.113 3.753   -18.794 1.00 27.27  ? 81  PRO A O   1 
ATOM   533  C CB  . PRO A 1 67  ? -14.523 1.012   -19.360 1.00 31.20  ? 81  PRO A CB  1 
ATOM   534  C CG  . PRO A 1 67  ? -14.648 -0.412  -19.097 1.00 30.14  ? 81  PRO A CG  1 
ATOM   535  C CD  . PRO A 1 67  ? -14.287 -0.600  -17.634 1.00 29.92  ? 81  PRO A CD  1 
ATOM   536  N N   . THR A 1 68  ? -14.049 3.166   -16.835 1.00 26.71  ? 82  THR A N   1 
ATOM   537  C CA  . THR A 1 68  ? -14.188 4.560   -16.377 1.00 28.11  ? 82  THR A CA  1 
ATOM   538  C C   . THR A 1 68  ? -12.859 5.265   -16.028 1.00 30.44  ? 82  THR A C   1 
ATOM   539  O O   . THR A 1 68  ? -12.754 6.495   -16.100 1.00 29.00  ? 82  THR A O   1 
ATOM   540  C CB  . THR A 1 68  ? -15.113 4.728   -15.125 1.00 29.61  ? 82  THR A CB  1 
ATOM   541  O OG1 . THR A 1 68  ? -14.471 4.212   -13.939 1.00 29.28  ? 82  THR A OG1 1 
ATOM   542  C CG2 . THR A 1 68  ? -16.400 3.997   -15.308 1.00 28.03  ? 82  THR A CG2 1 
ATOM   543  N N   . ASP A 1 69  ? -11.844 4.485   -15.658 1.00 29.38  ? 83  ASP A N   1 
ATOM   544  C CA  . ASP A 1 69  ? -10.593 5.078   -15.153 1.00 28.32  ? 83  ASP A CA  1 
ATOM   545  C C   . ASP A 1 69  ? -9.826  5.838   -16.243 1.00 28.31  ? 83  ASP A C   1 
ATOM   546  O O   . ASP A 1 69  ? -9.532  5.278   -17.304 1.00 29.95  ? 83  ASP A O   1 
ATOM   547  C CB  . ASP A 1 69  ? -9.698  3.946   -14.578 1.00 27.28  ? 83  ASP A CB  1 
ATOM   548  C CG  . ASP A 1 69  ? -10.308 3.223   -13.400 1.00 24.81  ? 83  ASP A CG  1 
ATOM   549  O OD1 . ASP A 1 69  ? -11.007 3.855   -12.583 1.00 26.57  ? 83  ASP A OD1 1 
ATOM   550  O OD2 . ASP A 1 69  ? -10.089 2.002   -13.190 1.00 27.78  ? 83  ASP A OD2 1 
ATOM   551  N N   . MET A 1 70  ? -9.490  7.102   -15.989 1.00 28.04  ? 84  MET A N   1 
ATOM   552  C CA  . MET A 1 70  ? -8.685  7.908   -16.920 1.00 31.26  ? 84  MET A CA  1 
ATOM   553  C C   . MET A 1 70  ? -7.264  7.342   -17.088 1.00 31.70  ? 84  MET A C   1 
ATOM   554  O O   . MET A 1 70  ? -6.672  7.442   -18.159 1.00 29.47  ? 84  MET A O   1 
ATOM   555  C CB  . MET A 1 70  ? -8.590  9.371   -16.449 1.00 35.02  ? 84  MET A CB  1 
ATOM   556  C CG  . MET A 1 70  ? -9.876  10.184  -16.582 1.00 44.20  ? 84  MET A CG  1 
ATOM   557  S SD  . MET A 1 70  ? -10.415 10.464  -18.291 1.00 48.98  ? 84  MET A SD  1 
ATOM   558  C CE  . MET A 1 70  ? -9.054  11.369  -19.030 1.00 50.78  ? 84  MET A CE  1 
ATOM   559  N N   . ASP A 1 71  ? -6.736  6.759   -16.014 1.00 28.55  ? 85  ASP A N   1 
ATOM   560  C CA  . ASP A 1 71  ? -5.386  6.211   -15.987 1.00 28.63  ? 85  ASP A CA  1 
ATOM   561  C C   . ASP A 1 71  ? -5.228  5.213   -14.807 1.00 24.69  ? 85  ASP A C   1 
ATOM   562  O O   . ASP A 1 71  ? -6.171  4.954   -14.044 1.00 23.18  ? 85  ASP A O   1 
ATOM   563  C CB  . ASP A 1 71  ? -4.353  7.351   -15.979 1.00 29.59  ? 85  ASP A CB  1 
ATOM   564  C CG  . ASP A 1 71  ? -4.478  8.299   -14.786 1.00 30.61  ? 85  ASP A CG  1 
ATOM   565  O OD1 . ASP A 1 71  ? -5.109  7.958   -13.773 1.00 28.90  ? 85  ASP A OD1 1 
ATOM   566  O OD2 . ASP A 1 71  ? -3.912  9.409   -14.848 1.00 35.05  ? 85  ASP A OD2 1 
ATOM   567  N N   . ASP A 1 72  ? -4.033  4.645   -14.644 1.00 23.31  ? 86  ASP A N   1 
ATOM   568  C CA  . ASP A 1 72  ? -3.800  3.670   -13.592 1.00 23.19  ? 86  ASP A CA  1 
ATOM   569  C C   . ASP A 1 72  ? -3.912  4.247   -12.167 1.00 20.76  ? 86  ASP A C   1 
ATOM   570  O O   . ASP A 1 72  ? -4.341  3.545   -11.261 1.00 22.47  ? 86  ASP A O   1 
ATOM   571  C CB  . ASP A 1 72  ? -2.436  2.952   -13.806 1.00 24.17  ? 86  ASP A CB  1 
ATOM   572  C CG  . ASP A 1 72  ? -2.451  1.991   -15.027 1.00 27.49  ? 86  ASP A CG  1 
ATOM   573  O OD1 . ASP A 1 72  ? -3.506  1.341   -15.278 1.00 25.39  ? 86  ASP A OD1 1 
ATOM   574  O OD2 . ASP A 1 72  ? -1.381  1.824   -15.679 1.00 27.59  ? 86  ASP A OD2 1 
ATOM   575  N N   . ALA A 1 73  ? -3.492  5.476   -11.982 1.00 22.54  ? 87  ALA A N   1 
ATOM   576  C CA  . ALA A 1 73  ? -3.655  6.152   -10.660 1.00 22.98  ? 87  ALA A CA  1 
ATOM   577  C C   . ALA A 1 73  ? -5.148  6.239   -10.269 1.00 23.24  ? 87  ALA A C   1 
ATOM   578  O O   . ALA A 1 73  ? -5.520  6.005   -9.112  1.00 23.22  ? 87  ALA A O   1 
ATOM   579  C CB  . ALA A 1 73  ? -3.036  7.529   -10.689 1.00 23.40  ? 87  ALA A CB  1 
ATOM   580  N N   . ALA A 1 74  ? -5.980  6.584   -11.254 1.00 23.52  ? 88  ALA A N   1 
ATOM   581  C CA  . ALA A 1 74  ? -7.446  6.599   -11.034 1.00 24.89  ? 88  ALA A CA  1 
ATOM   582  C C   . ALA A 1 74  ? -8.012  5.282   -10.525 1.00 23.29  ? 88  ALA A C   1 
ATOM   583  O O   . ALA A 1 74  ? -8.860  5.290   -9.633  1.00 23.70  ? 88  ALA A O   1 
ATOM   584  C CB  . ALA A 1 74  ? -8.175  7.083   -12.274 1.00 25.36  ? 88  ALA A CB  1 
ATOM   585  N N   . THR A 1 75  ? -7.546  4.139   -11.057 1.00 22.70  ? 89  THR A N   1 
ATOM   586  C CA  . THR A 1 75  ? -7.928  2.831   -10.550 1.00 21.88  ? 89  THR A CA  1 
ATOM   587  C C   . THR A 1 75  ? -7.665  2.697   -9.048  1.00 22.94  ? 89  THR A C   1 
ATOM   588  O O   . THR A 1 75  ? -8.543  2.253   -8.254  1.00 21.94  ? 89  THR A O   1 
ATOM   589  C CB  . THR A 1 75  ? -7.172  1.685   -11.294 1.00 23.94  ? 89  THR A CB  1 
ATOM   590  O OG1 . THR A 1 75  ? -7.356  1.825   -12.715 1.00 22.00  ? 89  THR A OG1 1 
ATOM   591  C CG2 . THR A 1 75  ? -7.643  0.352   -10.828 1.00 23.72  ? 89  THR A CG2 1 
ATOM   592  N N   . ALA A 1 76  ? -6.427  3.064   -8.647  1.00 21.75  ? 90  ALA A N   1 
ATOM   593  C CA  . ALA A 1 76  ? -6.033  2.947   -7.234  1.00 21.91  ? 90  ALA A CA  1 
ATOM   594  C C   . ALA A 1 76  ? -6.959  3.809   -6.318  1.00 20.58  ? 90  ALA A C   1 
ATOM   595  O O   . ALA A 1 76  ? -7.383  3.348   -5.277  1.00 22.65  ? 90  ALA A O   1 
ATOM   596  C CB  . ALA A 1 76  ? -4.566  3.355   -7.060  1.00 23.53  ? 90  ALA A CB  1 
ATOM   597  N N   . LEU A 1 77  ? -7.213  5.040   -6.722  1.00 23.44  ? 91  LEU A N   1 
ATOM   598  C CA  . LEU A 1 77  ? -8.037  5.981   -5.950  1.00 24.89  ? 91  LEU A CA  1 
ATOM   599  C C   . LEU A 1 77  ? -9.513  5.551   -5.879  1.00 26.33  ? 91  LEU A C   1 
ATOM   600  O O   . LEU A 1 77  ? -10.107 5.593   -4.810  1.00 24.24  ? 91  LEU A O   1 
ATOM   601  C CB  . LEU A 1 77  ? -7.927  7.390   -6.518  1.00 26.72  ? 91  LEU A CB  1 
ATOM   602  C CG  . LEU A 1 77  ? -6.559  8.105   -6.429  1.00 30.45  ? 91  LEU A CG  1 
ATOM   603  C CD1 . LEU A 1 77  ? -6.685  9.591   -6.728  1.00 33.96  ? 91  LEU A CD1 1 
ATOM   604  C CD2 . LEU A 1 77  ? -5.930  7.912   -5.059  1.00 33.32  ? 91  LEU A CD2 1 
ATOM   605  N N   . ARG A 1 78  ? -10.066 5.071   -7.004  1.00 24.93  ? 92  ARG A N   1 
ATOM   606  C CA  . ARG A 1 78  ? -11.455 4.546   -7.022  1.00 23.79  ? 92  ARG A CA  1 
ATOM   607  C C   . ARG A 1 78  ? -11.624 3.395   -6.072  1.00 25.27  ? 92  ARG A C   1 
ATOM   608  O O   . ARG A 1 78  ? -12.612 3.313   -5.289  1.00 25.19  ? 92  ARG A O   1 
ATOM   609  C CB  . ARG A 1 78  ? -11.886 4.135   -8.471  1.00 24.87  ? 92  ARG A CB  1 
ATOM   610  C CG  . ARG A 1 78  ? -13.289 3.520   -8.579  1.00 27.15  ? 92  ARG A CG  1 
ATOM   611  C CD  . ARG A 1 78  ? -13.694 3.244   -10.033 1.00 27.47  ? 92  ARG A CD  1 
ATOM   612  N NE  . ARG A 1 78  ? -12.696 2.410   -10.726 1.00 25.64  ? 92  ARG A NE  1 
ATOM   613  C CZ  . ARG A 1 78  ? -12.508 1.109   -10.547 1.00 25.30  ? 92  ARG A CZ  1 
ATOM   614  N NH1 . ARG A 1 78  ? -13.250 0.375   -9.704  1.00 26.49  ? 92  ARG A NH1 1 
ATOM   615  N NH2 . ARG A 1 78  ? -11.534 0.498   -11.234 1.00 25.75  ? 92  ARG A NH2 1 
ATOM   616  N N   . GLU A 1 79  ? -10.685 2.449   -6.138  1.00 24.10  ? 93  GLU A N   1 
ATOM   617  C CA  . GLU A 1 79  ? -10.721 1.310   -5.279  1.00 23.92  ? 93  GLU A CA  1 
ATOM   618  C C   . GLU A 1 79  ? -10.528 1.640   -3.789  1.00 25.19  ? 93  GLU A C   1 
ATOM   619  O O   . GLU A 1 79  ? -11.238 1.075   -2.938  1.00 24.64  ? 93  GLU A O   1 
ATOM   620  C CB  . GLU A 1 79  ? -9.754  0.193   -5.765  1.00 27.15  ? 93  GLU A CB  1 
ATOM   621  C CG  . GLU A 1 79  ? -10.234 -0.453  -7.084  1.00 29.70  ? 93  GLU A CG  1 
ATOM   622  C CD  . GLU A 1 79  ? -11.242 -1.601  -6.938  1.00 34.62  ? 93  GLU A CD  1 
ATOM   623  O OE1 . GLU A 1 79  ? -11.556 -2.060  -5.836  1.00 45.09  ? 93  GLU A OE1 1 
ATOM   624  O OE2 . GLU A 1 79  ? -11.692 -2.096  -7.968  1.00 41.91  ? 93  GLU A OE2 1 
ATOM   625  N N   . ALA A 1 80  ? -9.581  2.530   -3.469  1.00 23.89  ? 94  ALA A N   1 
ATOM   626  C CA  . ALA A 1 80  ? -9.395  2.941   -2.094  1.00 25.86  ? 94  ALA A CA  1 
ATOM   627  C C   . ALA A 1 80  ? -10.689 3.604   -1.509  1.00 27.11  ? 94  ALA A C   1 
ATOM   628  O O   . ALA A 1 80  ? -10.999 3.385   -0.336  1.00 29.04  ? 94  ALA A O   1 
ATOM   629  C CB  . ALA A 1 80  ? -8.215  3.886   -1.963  1.00 25.81  ? 94  ALA A CB  1 
ATOM   630  N N   . GLN A 1 81  ? -11.378 4.396   -2.306  1.00 26.20  ? 95  GLN A N   1 
ATOM   631  C CA  . GLN A 1 81  ? -12.671 5.036   -1.864  1.00 29.45  ? 95  GLN A CA  1 
ATOM   632  C C   . GLN A 1 81  ? -13.713 3.957   -1.538  1.00 31.11  ? 95  GLN A C   1 
ATOM   633  O O   . GLN A 1 81  ? -14.306 3.922   -0.431  1.00 28.60  ? 95  GLN A O   1 
ATOM   634  C CB  . GLN A 1 81  ? -13.182 6.061   -2.882  1.00 31.17  ? 95  GLN A CB  1 
ATOM   635  C CG  . GLN A 1 81  ? -14.363 6.900   -2.330  1.00 34.86  ? 95  GLN A CG  1 
ATOM   636  C CD  . GLN A 1 81  ? -14.672 8.177   -3.110  1.00 36.62  ? 95  GLN A CD  1 
ATOM   637  O OE1 . GLN A 1 81  ? -14.007 8.539   -4.074  1.00 42.93  ? 95  GLN A OE1 1 
ATOM   638  N NE2 . GLN A 1 81  ? -15.723 8.865   -2.686  1.00 47.12  ? 95  GLN A NE2 1 
ATOM   639  N N   . GLU A 1 82  ? -13.857 2.997   -2.449  1.00 29.05  ? 96  GLU A N   1 
ATOM   640  C CA  . GLU A 1 82  ? -14.814 1.893   -2.272  1.00 31.07  ? 96  GLU A CA  1 
ATOM   641  C C   . GLU A 1 82  ? -14.510 1.009   -1.059  1.00 31.06  ? 96  GLU A C   1 
ATOM   642  O O   . GLU A 1 82  ? -15.416 0.565   -0.358  1.00 30.80  ? 96  GLU A O   1 
ATOM   643  C CB  . GLU A 1 82  ? -14.853 1.044   -3.581  1.00 36.53  ? 96  GLU A CB  1 
ATOM   644  C CG  . GLU A 1 82  ? -15.601 -0.268  -3.491  1.00 45.42  ? 96  GLU A CG  1 
ATOM   645  C CD  . GLU A 1 82  ? -17.058 -0.076  -3.166  1.00 56.06  ? 96  GLU A CD  1 
ATOM   646  O OE1 . GLU A 1 82  ? -17.627 0.966   -3.577  1.00 64.25  ? 96  GLU A OE1 1 
ATOM   647  O OE2 . GLU A 1 82  ? -17.632 -0.973  -2.509  1.00 69.21  ? 96  GLU A OE2 1 
ATOM   648  N N   . GLU A 1 83  ? -13.238 0.722   -0.794  1.00 26.56  ? 97  GLU A N   1 
ATOM   649  C CA  . GLU A 1 83  ? -12.831 -0.165  0.290   1.00 26.83  ? 97  GLU A CA  1 
ATOM   650  C C   . GLU A 1 83  ? -12.786 0.470   1.683   1.00 28.19  ? 97  GLU A C   1 
ATOM   651  O O   . GLU A 1 83  ? -13.119 -0.206  2.659   1.00 28.30  ? 97  GLU A O   1 
ATOM   652  C CB  . GLU A 1 83  ? -11.462 -0.837  -0.044  1.00 28.30  ? 97  GLU A CB  1 
ATOM   653  C CG  . GLU A 1 83  ? -11.617 -1.793  -1.256  1.00 30.79  ? 97  GLU A CG  1 
ATOM   654  C CD  . GLU A 1 83  ? -10.345 -2.123  -2.059  1.00 38.85  ? 97  GLU A CD  1 
ATOM   655  O OE1 . GLU A 1 83  ? -9.277  -1.597  -1.729  1.00 36.95  ? 97  GLU A OE1 1 
ATOM   656  O OE2 . GLU A 1 83  ? -10.455 -2.892  -3.076  1.00 38.10  ? 97  GLU A OE2 1 
ATOM   657  N N   . VAL A 1 84  ? -12.249 1.687   1.793   1.00 27.84  ? 98  VAL A N   1 
ATOM   658  C CA  . VAL A 1 84  ? -11.999 2.307   3.124   1.00 29.01  ? 98  VAL A CA  1 
ATOM   659  C C   . VAL A 1 84  ? -12.536 3.735   3.290   1.00 31.18  ? 98  VAL A C   1 
ATOM   660  O O   . VAL A 1 84  ? -12.312 4.355   4.355   1.00 31.49  ? 98  VAL A O   1 
ATOM   661  C CB  . VAL A 1 84  ? -10.512 2.259   3.545   1.00 27.83  ? 98  VAL A CB  1 
ATOM   662  C CG1 . VAL A 1 84  ? -9.968  0.843   3.515   1.00 29.75  ? 98  VAL A CG1 1 
ATOM   663  C CG2 . VAL A 1 84  ? -9.632  3.154   2.670   1.00 29.35  ? 98  VAL A CG2 1 
ATOM   664  N N   . GLY A 1 85  ? -13.220 4.247   2.271   1.00 29.26  ? 99  GLY A N   1 
ATOM   665  C CA  . GLY A 1 85  ? -13.851 5.577   2.293   1.00 31.49  ? 99  GLY A CA  1 
ATOM   666  C C   . GLY A 1 85  ? -12.940 6.763   2.029   1.00 33.34  ? 99  GLY A C   1 
ATOM   667  O O   . GLY A 1 85  ? -13.344 7.928   2.224   1.00 31.10  ? 99  GLY A O   1 
ATOM   668  N N   . LEU A 1 86  ? -11.690 6.497   1.591   1.00 28.71  ? 100 LEU A N   1 
ATOM   669  C CA  . LEU A 1 86  ? -10.767 7.584   1.217   1.00 27.49  ? 100 LEU A CA  1 
ATOM   670  C C   . LEU A 1 86  ? -11.215 8.386   0.017   1.00 30.41  ? 100 LEU A C   1 
ATOM   671  O O   . LEU A 1 86  ? -11.322 7.852   -1.108  1.00 31.13  ? 100 LEU A O   1 
ATOM   672  C CB  . LEU A 1 86  ? -9.371  6.957   0.933   1.00 27.70  ? 100 LEU A CB  1 
ATOM   673  C CG  . LEU A 1 86  ? -8.231  7.925   0.661   1.00 28.12  ? 100 LEU A CG  1 
ATOM   674  C CD1 . LEU A 1 86  ? -7.828  8.691   1.937   1.00 27.16  ? 100 LEU A CD1 1 
ATOM   675  C CD2 . LEU A 1 86  ? -7.060  7.120   0.105   1.00 28.00  ? 100 LEU A CD2 1 
ATOM   676  N N   . ARG A 1 87  ? -11.438 9.688   0.214   1.00 30.56  ? 101 ARG A N   1 
ATOM   677  C CA  . ARG A 1 87  ? -11.877 10.593  -0.837  1.00 35.12  ? 101 ARG A CA  1 
ATOM   678  C C   . ARG A 1 87  ? -10.682 11.258  -1.546  1.00 38.32  ? 101 ARG A C   1 
ATOM   679  O O   . ARG A 1 87  ? -9.598  11.390  -0.955  1.00 33.97  ? 101 ARG A O   1 
ATOM   680  C CB  . ARG A 1 87  ? -12.832 11.638  -0.268  1.00 41.72  ? 101 ARG A CB  1 
ATOM   681  C CG  . ARG A 1 87  ? -14.152 11.004  0.191   1.00 46.88  ? 101 ARG A CG  1 
ATOM   682  C CD  . ARG A 1 87  ? -14.787 11.727  1.354   1.00 57.58  ? 101 ARG A CD  1 
ATOM   683  N NE  . ARG A 1 87  ? -15.405 12.984  0.943   1.00 68.49  ? 101 ARG A NE  1 
ATOM   684  C CZ  . ARG A 1 87  ? -15.942 13.890  1.773   1.00 76.45  ? 101 ARG A CZ  1 
ATOM   685  N NH1 . ARG A 1 87  ? -15.949 13.700  3.099   1.00 75.90  ? 101 ARG A NH1 1 
ATOM   686  N NH2 . ARG A 1 87  ? -16.479 15.007  1.265   1.00 74.18  ? 101 ARG A NH2 1 
HETATM 687  N N   . HYP A 1 88  ? -10.853 11.658  -2.820  1.00 45.58  ? 102 HYP A N   1 
HETATM 688  C CA  . HYP A 1 88  ? -9.709  12.206  -3.561  1.00 44.30  ? 102 HYP A CA  1 
HETATM 689  C C   . HYP A 1 88  ? -9.034  13.420  -3.012  1.00 38.71  ? 102 HYP A C   1 
HETATM 690  O O   . HYP A 1 88  ? -7.798  13.495  -3.104  1.00 38.91  ? 102 HYP A O   1 
HETATM 691  C CB  . HYP A 1 88  ? -10.180 12.407  -4.997  1.00 49.38  ? 102 HYP A CB  1 
HETATM 692  C CG  . HYP A 1 88  ? -11.241 11.327  -5.152  1.00 53.37  ? 102 HYP A CG  1 
HETATM 693  C CD  . HYP A 1 88  ? -11.897 11.236  -3.771  1.00 51.87  ? 102 HYP A CD  1 
HETATM 694  O OD1 . HYP A 1 88  ? -10.629 10.063  -5.467  1.00 57.32  ? 102 HYP A OD1 1 
ATOM   695  N N   . HIS A 1 89  ? -9.788  14.344  -2.411  1.00 34.35  ? 103 HIS A N   1 
ATOM   696  C CA  . HIS A 1 89  ? -9.175  15.489  -1.734  1.00 37.48  ? 103 HIS A CA  1 
ATOM   697  C C   . HIS A 1 89  ? -8.317  15.077  -0.530  1.00 30.37  ? 103 HIS A C   1 
ATOM   698  O O   . HIS A 1 89  ? -7.568  15.916  -0.019  1.00 31.27  ? 103 HIS A O   1 
ATOM   699  C CB  . HIS A 1 89  ? -10.208 16.597  -1.321  1.00 37.66  ? 103 HIS A CB  1 
ATOM   700  C CG  . HIS A 1 89  ? -11.153 16.195  -0.224  1.00 35.72  ? 103 HIS A CG  1 
ATOM   701  N ND1 . HIS A 1 89  ? -10.941 16.512  1.099   1.00 36.59  ? 103 HIS A ND1 1 
ATOM   702  C CD2 . HIS A 1 89  ? -12.328 15.517  -0.263  1.00 35.80  ? 103 HIS A CD2 1 
ATOM   703  C CE1 . HIS A 1 89  ? -11.925 16.009  1.833   1.00 35.53  ? 103 HIS A CE1 1 
ATOM   704  N NE2 . HIS A 1 89  ? -12.785 15.411  1.026   1.00 34.99  ? 103 HIS A NE2 1 
ATOM   705  N N   . GLN A 1 90  ? -8.445  13.828  -0.072  1.00 28.03  ? 104 GLN A N   1 
ATOM   706  C CA  . GLN A 1 90  ? -7.704  13.347  1.094   1.00 27.74  ? 104 GLN A CA  1 
ATOM   707  C C   . GLN A 1 90  ? -6.397  12.632  0.777   1.00 26.14  ? 104 GLN A C   1 
ATOM   708  O O   . GLN A 1 90  ? -5.738  12.158  1.717   1.00 25.61  ? 104 GLN A O   1 
ATOM   709  C CB  . GLN A 1 90  ? -8.580  12.433  1.952   1.00 29.22  ? 104 GLN A CB  1 
ATOM   710  C CG  . GLN A 1 90  ? -9.902  13.090  2.403   1.00 31.54  ? 104 GLN A CG  1 
ATOM   711  C CD  . GLN A 1 90  ? -10.700 12.192  3.331   1.00 34.96  ? 104 GLN A CD  1 
ATOM   712  O OE1 . GLN A 1 90  ? -10.879 12.488  4.530   1.00 37.84  ? 104 GLN A OE1 1 
ATOM   713  N NE2 . GLN A 1 90  ? -11.151 11.075  2.809   1.00 27.31  ? 104 GLN A NE2 1 
ATOM   714  N N   . VAL A 1 91  ? -6.051  12.533  -0.517  1.00 26.07  ? 105 VAL A N   1 
ATOM   715  C CA  . VAL A 1 91  ? -4.819  11.877  -0.952  1.00 25.20  ? 105 VAL A CA  1 
ATOM   716  C C   . VAL A 1 91  ? -4.057  12.664  -2.039  1.00 26.34  ? 105 VAL A C   1 
ATOM   717  O O   . VAL A 1 91  ? -4.652  13.201  -3.012  1.00 26.26  ? 105 VAL A O   1 
ATOM   718  C CB  . VAL A 1 91  ? -5.102  10.394  -1.349  1.00 29.52  ? 105 VAL A CB  1 
ATOM   719  C CG1 . VAL A 1 91  ? -6.263  10.287  -2.297  1.00 33.03  ? 105 VAL A CG1 1 
ATOM   720  C CG2 . VAL A 1 91  ? -3.852  9.722   -1.919  1.00 28.26  ? 105 VAL A CG2 1 
ATOM   721  N N   . GLU A 1 92  ? -2.732  12.767  -1.853  1.00 24.67  ? 106 GLU A N   1 
ATOM   722  C CA  . GLU A 1 92  ? -1.821  13.318  -2.853  1.00 26.33  ? 106 GLU A CA  1 
ATOM   723  C C   . GLU A 1 92  ? -0.957  12.148  -3.397  1.00 24.53  ? 106 GLU A C   1 
ATOM   724  O O   . GLU A 1 92  ? -0.139  11.584  -2.646  1.00 23.15  ? 106 GLU A O   1 
ATOM   725  C CB  . GLU A 1 92  ? -0.918  14.406  -2.252  1.00 29.65  ? 106 GLU A CB  1 
ATOM   726  C CG  . GLU A 1 92  ? 0.013   15.074  -3.278  1.00 33.84  ? 106 GLU A CG  1 
ATOM   727  C CD  . GLU A 1 92  ? 1.037   16.049  -2.671  1.00 35.62  ? 106 GLU A CD  1 
ATOM   728  O OE1 . GLU A 1 92  ? 1.112   16.201  -1.432  1.00 38.11  ? 106 GLU A OE1 1 
ATOM   729  O OE2 . GLU A 1 92  ? 1.831   16.615  -3.457  1.00 43.43  ? 106 GLU A OE2 1 
ATOM   730  N N   . VAL A 1 93  ? -1.169  11.798  -4.662  1.00 24.28  ? 107 VAL A N   1 
ATOM   731  C CA  . VAL A 1 93  ? -0.392  10.741  -5.314  1.00 25.69  ? 107 VAL A CA  1 
ATOM   732  C C   . VAL A 1 93  ? 0.953   11.346  -5.703  1.00 26.69  ? 107 VAL A C   1 
ATOM   733  O O   . VAL A 1 93  ? 0.997   12.318  -6.445  1.00 28.12  ? 107 VAL A O   1 
ATOM   734  C CB  . VAL A 1 93  ? -1.139  10.144  -6.525  1.00 29.22  ? 107 VAL A CB  1 
ATOM   735  C CG1 . VAL A 1 93  ? -0.275  9.080   -7.199  1.00 29.43  ? 107 VAL A CG1 1 
ATOM   736  C CG2 . VAL A 1 93  ? -2.479  9.575   -6.065  1.00 29.87  ? 107 VAL A CG2 1 
ATOM   737  N N   . VAL A 1 94  ? 2.032   10.759  -5.187  1.00 27.21  ? 108 VAL A N   1 
ATOM   738  C CA  . VAL A 1 94  ? 3.381   11.319  -5.270  1.00 28.27  ? 108 VAL A CA  1 
ATOM   739  C C   . VAL A 1 94  ? 4.177   10.624  -6.391  1.00 31.07  ? 108 VAL A C   1 
ATOM   740  O O   . VAL A 1 94  ? 4.993   11.272  -7.053  1.00 33.94  ? 108 VAL A O   1 
ATOM   741  C CB  . VAL A 1 94  ? 4.124   11.142  -3.921  1.00 32.16  ? 108 VAL A CB  1 
ATOM   742  C CG1 . VAL A 1 94  ? 5.547   11.663  -4.006  1.00 38.65  ? 108 VAL A CG1 1 
ATOM   743  C CG2 . VAL A 1 94  ? 3.378   11.844  -2.791  1.00 38.07  ? 108 VAL A CG2 1 
HETATM 744  N N   . CSO A 1 95  ? 3.979   9.322   -6.562  1.00 25.30  ? 109 CSO A N   1 
HETATM 745  C CA  . CSO A 1 95  ? 4.663   8.592   -7.624  1.00 28.23  ? 109 CSO A CA  1 
HETATM 746  C CB  . CSO A 1 95  ? 6.113   8.493   -7.245  1.00 28.45  ? 109 CSO A CB  1 
HETATM 747  S SG  . CSO A 1 95  ? 6.309   7.456   -5.842  1.00 32.44  ? 109 CSO A SG  1 
HETATM 748  C C   . CSO A 1 95  ? 4.141   7.226   -7.899  1.00 25.71  ? 109 CSO A C   1 
HETATM 749  O O   . CSO A 1 95  ? 3.309   6.667   -7.164  1.00 24.78  ? 109 CSO A O   1 
HETATM 750  O OD  . CSO A 1 95  ? 7.491   6.567   -6.712  1.00 36.22  ? 109 CSO A OD  1 
ATOM   751  N N   . CYS A 1 96  ? 4.646   6.687   -9.005  1.00 24.88  ? 110 CYS A N   1 
ATOM   752  C CA  . CYS A 1 96  ? 4.383   5.372   -9.481  1.00 25.64  ? 110 CYS A CA  1 
ATOM   753  C C   . CYS A 1 96  ? 5.702   4.570   -9.375  1.00 27.13  ? 110 CYS A C   1 
ATOM   754  O O   . CYS A 1 96  ? 6.704   4.970   -9.983  1.00 28.75  ? 110 CYS A O   1 
ATOM   755  C CB  . CYS A 1 96  ? 3.988   5.555   -10.956 1.00 34.09  ? 110 CYS A CB  1 
ATOM   756  S SG  . CYS A 1 96  ? 3.655   4.071   -11.809 1.00 39.73  ? 110 CYS A SG  1 
ATOM   757  N N   . LEU A 1 97  ? 5.709   3.503   -8.591  1.00 26.26  ? 111 LEU A N   1 
ATOM   758  C CA  . LEU A 1 97  ? 6.875   2.659   -8.404  1.00 27.92  ? 111 LEU A CA  1 
ATOM   759  C C   . LEU A 1 97  ? 6.895   1.543   -9.456  1.00 30.56  ? 111 LEU A C   1 
ATOM   760  O O   . LEU A 1 97  ? 5.940   1.356   -10.229 1.00 27.49  ? 111 LEU A O   1 
ATOM   761  C CB  . LEU A 1 97  ? 6.929   2.047   -7.004  1.00 27.86  ? 111 LEU A CB  1 
ATOM   762  C CG  . LEU A 1 97  ? 7.135   3.041   -5.856  1.00 32.12  ? 111 LEU A CG  1 
ATOM   763  C CD1 . LEU A 1 97  ? 7.119   2.301   -4.528  1.00 35.37  ? 111 LEU A CD1 1 
ATOM   764  C CD2 . LEU A 1 97  ? 8.402   3.854   -5.971  1.00 34.68  ? 111 LEU A CD2 1 
ATOM   765  N N   . VAL A 1 98  ? 8.005   0.804   -9.469  1.00 34.46  ? 112 VAL A N   1 
ATOM   766  C CA  . VAL A 1 98  ? 8.122   -0.358  -10.370 1.00 33.61  ? 112 VAL A CA  1 
ATOM   767  C C   . VAL A 1 98  ? 6.940   -1.324  -10.314 1.00 29.05  ? 112 VAL A C   1 
ATOM   768  O O   . VAL A 1 98  ? 6.559   -1.808  -9.269  1.00 28.91  ? 112 VAL A O   1 
ATOM   769  C CB  . VAL A 1 98  ? 9.445   -1.154  -10.161 1.00 39.55  ? 112 VAL A CB  1 
ATOM   770  C CG1 . VAL A 1 98  ? 10.593  -0.355  -10.756 1.00 43.38  ? 112 VAL A CG1 1 
ATOM   771  C CG2 . VAL A 1 98  ? 9.666   -1.537  -8.701  1.00 38.09  ? 112 VAL A CG2 1 
ATOM   772  N N   . PRO A 1 99  ? 6.374   -1.663  -11.485 1.00 28.06  ? 113 PRO A N   1 
ATOM   773  C CA  . PRO A 1 99  ? 5.273   -2.632  -11.483 1.00 28.45  ? 113 PRO A CA  1 
ATOM   774  C C   . PRO A 1 99  ? 5.692   -4.057  -11.242 1.00 29.47  ? 113 PRO A C   1 
ATOM   775  O O   . PRO A 1 99  ? 6.883   -4.409  -11.463 1.00 28.68  ? 113 PRO A O   1 
ATOM   776  C CB  . PRO A 1 99  ? 4.664   -2.453  -12.882 1.00 29.69  ? 113 PRO A CB  1 
ATOM   777  C CG  . PRO A 1 99  ? 5.859   -2.173  -13.730 1.00 32.00  ? 113 PRO A CG  1 
ATOM   778  C CD  . PRO A 1 99  ? 6.753   -1.282  -12.846 1.00 31.21  ? 113 PRO A CD  1 
ATOM   779  N N   . CYS A 1 100 ? 4.720   -4.861  -10.828 1.00 25.49  ? 114 CYS A N   1 
ATOM   780  C CA  . CYS A 1 100 ? 4.831   -6.279  -10.424 1.00 28.17  ? 114 CYS A CA  1 
ATOM   781  C C   . CYS A 1 100 ? 4.193   -7.154  -11.576 1.00 30.10  ? 114 CYS A C   1 
ATOM   782  O O   . CYS A 1 100 ? 3.016   -6.979  -11.918 1.00 25.40  ? 114 CYS A O   1 
ATOM   783  C CB  . CYS A 1 100 ? 4.092   -6.488  -9.052  1.00 27.27  ? 114 CYS A CB  1 
ATOM   784  S SG  . CYS A 1 100 ? 4.672   -5.316  -7.719  1.00 46.59  ? 114 CYS A SG  1 
ATOM   785  N N   . LEU A 1 101 ? 4.972   -8.039  -12.193 1.00 29.33  ? 115 LEU A N   1 
ATOM   786  C CA  . LEU A 1 101 ? 4.464   -8.996  -13.214 1.00 28.29  ? 115 LEU A CA  1 
ATOM   787  C C   . LEU A 1 101 ? 4.036   -10.300 -12.565 1.00 28.56  ? 115 LEU A C   1 
ATOM   788  O O   . LEU A 1 101 ? 4.838   -10.909 -11.842 1.00 28.82  ? 115 LEU A O   1 
ATOM   789  C CB  . LEU A 1 101 ? 5.586   -9.324  -14.230 1.00 29.02  ? 115 LEU A CB  1 
ATOM   790  C CG  . LEU A 1 101 ? 6.260   -8.180  -14.972 1.00 31.92  ? 115 LEU A CG  1 
ATOM   791  C CD1 . LEU A 1 101 ? 7.395   -8.669  -15.877 1.00 35.37  ? 115 LEU A CD1 1 
ATOM   792  C CD2 . LEU A 1 101 ? 5.218   -7.436  -15.795 1.00 37.65  ? 115 LEU A CD2 1 
ATOM   793  N N   . ILE A 1 102 ? 2.806   -10.760 -12.812 1.00 28.32  ? 116 ILE A N   1 
ATOM   794  C CA  . ILE A 1 102 ? 2.397   -12.074 -12.318 1.00 31.31  ? 116 ILE A CA  1 
ATOM   795  C C   . ILE A 1 102 ? 1.598   -12.889 -13.319 1.00 28.48  ? 116 ILE A C   1 
ATOM   796  O O   . ILE A 1 102 ? 0.955   -12.334 -14.210 1.00 28.82  ? 116 ILE A O   1 
ATOM   797  C CB  . ILE A 1 102 ? 1.623   -11.985 -10.973 1.00 38.54  ? 116 ILE A CB  1 
ATOM   798  C CG1 . ILE A 1 102 ? 0.370   -11.160 -11.133 1.00 37.72  ? 116 ILE A CG1 1 
ATOM   799  C CG2 . ILE A 1 102 ? 2.486   -11.373 -9.863  1.00 41.58  ? 116 ILE A CG2 1 
ATOM   800  C CD1 . ILE A 1 102 ? -0.624  -11.402 -10.013 1.00 45.99  ? 116 ILE A CD1 1 
ATOM   801  N N   . ASP A 1 103 ? 1.697   -14.213 -13.182 1.00 30.74  ? 117 ASP A N   1 
ATOM   802  C CA  . ASP A 1 103 ? 0.880   -15.192 -13.920 1.00 33.88  ? 117 ASP A CA  1 
ATOM   803  C C   . ASP A 1 103 ? 1.028   -15.136 -15.446 1.00 31.05  ? 117 ASP A C   1 
ATOM   804  O O   . ASP A 1 103 ? 0.152   -15.596 -16.141 1.00 32.55  ? 117 ASP A O   1 
ATOM   805  C CB  . ASP A 1 103 ? -0.631  -15.059 -13.567 1.00 38.74  ? 117 ASP A CB  1 
ATOM   806  C CG  . ASP A 1 103 ? -0.932  -15.389 -12.117 1.00 49.75  ? 117 ASP A CG  1 
ATOM   807  O OD1 . ASP A 1 103 ? -0.250  -16.265 -11.551 1.00 58.34  ? 117 ASP A OD1 1 
ATOM   808  O OD2 . ASP A 1 103 ? -1.860  -14.765 -11.542 1.00 54.54  ? 117 ASP A OD2 1 
ATOM   809  N N   . THR A 1 104 ? 2.129   -14.549 -15.934 1.00 28.72  ? 118 THR A N   1 
ATOM   810  C CA  . THR A 1 104 ? 2.415   -14.324 -17.354 1.00 29.81  ? 118 THR A CA  1 
ATOM   811  C C   . THR A 1 104 ? 1.545   -13.316 -18.114 1.00 30.94  ? 118 THR A C   1 
ATOM   812  O O   . THR A 1 104 ? 1.914   -12.905 -19.212 1.00 30.66  ? 118 THR A O   1 
ATOM   813  C CB  . THR A 1 104 ? 2.484   -15.651 -18.189 1.00 32.40  ? 118 THR A CB  1 
ATOM   814  O OG1 . THR A 1 104 ? 1.164   -16.115 -18.519 1.00 32.63  ? 118 THR A OG1 1 
ATOM   815  C CG2 . THR A 1 104 ? 3.247   -16.740 -17.444 1.00 32.28  ? 118 THR A CG2 1 
ATOM   816  N N   . ASP A 1 105 ? 0.393   -12.901 -17.566 1.00 27.24  ? 119 ASP A N   1 
ATOM   817  C CA  . ASP A 1 105 ? -0.523  -12.038 -18.301 1.00 27.28  ? 119 ASP A CA  1 
ATOM   818  C C   . ASP A 1 105 ? -1.080  -10.818 -17.495 1.00 26.73  ? 119 ASP A C   1 
ATOM   819  O O   . ASP A 1 105 ? -1.973  -10.125 -17.995 1.00 25.27  ? 119 ASP A O   1 
ATOM   820  C CB  . ASP A 1 105 ? -1.731  -12.861 -18.791 1.00 31.58  ? 119 ASP A CB  1 
ATOM   821  C CG  . ASP A 1 105 ? -2.549  -13.467 -17.630 1.00 35.64  ? 119 ASP A CG  1 
ATOM   822  O OD1 . ASP A 1 105 ? -2.338  -13.128 -16.429 1.00 31.91  ? 119 ASP A OD1 1 
ATOM   823  O OD2 . ASP A 1 105 ? -3.400  -14.337 -17.905 1.00 39.78  ? 119 ASP A OD2 1 
ATOM   824  N N   . THR A 1 106 ? -0.503  -10.545 -16.333 1.00 25.33  ? 120 THR A N   1 
ATOM   825  C CA  . THR A 1 106 ? -1.030  -9.529  -15.413 1.00 25.25  ? 120 THR A CA  1 
ATOM   826  C C   . THR A 1 106 ? 0.119   -8.594  -14.977 1.00 24.90  ? 120 THR A C   1 
ATOM   827  O O   . THR A 1 106 ? 1.283   -9.040  -14.777 1.00 24.86  ? 120 THR A O   1 
ATOM   828  C CB  . THR A 1 106 ? -1.672  -10.245 -14.222 1.00 27.36  ? 120 THR A CB  1 
ATOM   829  O OG1 . THR A 1 106 ? -2.734  -11.084 -14.692 1.00 29.05  ? 120 THR A OG1 1 
ATOM   830  C CG2 . THR A 1 106 ? -2.235  -9.225  -13.184 1.00 26.20  ? 120 THR A CG2 1 
ATOM   831  N N   . LEU A 1 107 ? -0.207  -7.300  -14.903 1.00 24.01  ? 121 LEU A N   1 
ATOM   832  C CA  . LEU A 1 107 ? 0.712   -6.266  -14.469 1.00 21.99  ? 121 LEU A CA  1 
ATOM   833  C C   . LEU A 1 107 ? 0.017   -5.427  -13.371 1.00 23.87  ? 121 LEU A C   1 
ATOM   834  O O   . LEU A 1 107 ? -1.043  -4.878  -13.611 1.00 22.53  ? 121 LEU A O   1 
ATOM   835  C CB  . LEU A 1 107 ? 1.099   -5.376  -15.633 1.00 24.73  ? 121 LEU A CB  1 
ATOM   836  C CG  . LEU A 1 107 ? 2.243   -4.387  -15.378 1.00 26.99  ? 121 LEU A CG  1 
ATOM   837  C CD1 . LEU A 1 107 ? 3.086   -4.139  -16.617 1.00 33.66  ? 121 LEU A CD1 1 
ATOM   838  C CD2 . LEU A 1 107 ? 1.729   -3.055  -14.920 1.00 29.06  ? 121 LEU A CD2 1 
ATOM   839  N N   . ILE A 1 108 ? 0.630   -5.363  -12.206 1.00 22.53  ? 122 ILE A N   1 
ATOM   840  C CA  . ILE A 1 108 ? 0.101   -4.585  -11.050 1.00 23.11  ? 122 ILE A CA  1 
ATOM   841  C C   . ILE A 1 108 ? 0.966   -3.330  -10.835 1.00 24.67  ? 122 ILE A C   1 
ATOM   842  O O   . ILE A 1 108 ? 2.198   -3.450  -10.601 1.00 24.66  ? 122 ILE A O   1 
ATOM   843  C CB  . ILE A 1 108 ? 0.098   -5.477  -9.805  1.00 25.67  ? 122 ILE A CB  1 
ATOM   844  C CG1 . ILE A 1 108 ? -0.740  -6.751  -10.062 1.00 29.90  ? 122 ILE A CG1 1 
ATOM   845  C CG2 . ILE A 1 108 ? -0.478  -4.709  -8.600  1.00 27.66  ? 122 ILE A CG2 1 
ATOM   846  C CD1 . ILE A 1 108 ? -0.507  -7.834  -9.060  1.00 34.51  ? 122 ILE A CD1 1 
ATOM   847  N N   . THR A 1 109 ? 0.358   -2.138  -10.885 1.00 21.49  ? 123 THR A N   1 
ATOM   848  C CA  . THR A 1 109 ? 1.042   -0.872  -10.802 1.00 22.51  ? 123 THR A CA  1 
ATOM   849  C C   . THR A 1 109 ? 0.813   -0.270  -9.393  1.00 24.87  ? 123 THR A C   1 
ATOM   850  O O   . THR A 1 109 ? -0.341  -0.013  -9.016  1.00 21.45  ? 123 THR A O   1 
ATOM   851  C CB  . THR A 1 109 ? 0.585   0.119   -11.882 1.00 25.91  ? 123 THR A CB  1 
ATOM   852  O OG1 . THR A 1 109 ? 0.766   -0.488  -13.184 1.00 27.03  ? 123 THR A OG1 1 
ATOM   853  C CG2 . THR A 1 109 ? 1.380   1.402   -11.815 1.00 27.39  ? 123 THR A CG2 1 
ATOM   854  N N   . PRO A 1 110 ? 1.908   -0.081  -8.625  1.00 22.65  ? 124 PRO A N   1 
ATOM   855  C CA  . PRO A 1 110 ? 1.790   0.537   -7.279  1.00 21.19  ? 124 PRO A CA  1 
ATOM   856  C C   . PRO A 1 110 ? 2.016   2.054   -7.267  1.00 22.38  ? 124 PRO A C   1 
ATOM   857  O O   . PRO A 1 110 ? 2.958   2.585   -7.890  1.00 24.42  ? 124 PRO A O   1 
ATOM   858  C CB  . PRO A 1 110 ? 2.835   -0.206  -6.457  1.00 22.67  ? 124 PRO A CB  1 
ATOM   859  C CG  . PRO A 1 110 ? 3.803   -0.788  -7.417  1.00 24.76  ? 124 PRO A CG  1 
ATOM   860  C CD  . PRO A 1 110 ? 3.241   -0.693  -8.806  1.00 23.53  ? 124 PRO A CD  1 
ATOM   861  N N   . PHE A 1 111 ? 1.121   2.797   -6.591  1.00 19.84  ? 125 PHE A N   1 
ATOM   862  C CA  . PHE A 1 111 ? 1.251   4.240   -6.415  1.00 20.56  ? 125 PHE A CA  1 
ATOM   863  C C   . PHE A 1 111 ? 1.412   4.560   -4.943  1.00 21.41  ? 125 PHE A C   1 
ATOM   864  O O   . PHE A 1 111 ? 0.735   3.925   -4.137  1.00 22.53  ? 125 PHE A O   1 
ATOM   865  C CB  . PHE A 1 111 ? -0.019  4.954   -6.934  1.00 21.73  ? 125 PHE A CB  1 
ATOM   866  C CG  . PHE A 1 111 ? -0.181  4.834   -8.428  1.00 21.98  ? 125 PHE A CG  1 
ATOM   867  C CD1 . PHE A 1 111 ? -0.840  3.743   -8.965  1.00 22.24  ? 125 PHE A CD1 1 
ATOM   868  C CD2 . PHE A 1 111 ? 0.343   5.790   -9.274  1.00 22.90  ? 125 PHE A CD2 1 
ATOM   869  C CE1 . PHE A 1 111 ? -0.952  3.613   -10.351 1.00 23.89  ? 125 PHE A CE1 1 
ATOM   870  C CE2 . PHE A 1 111 ? 0.252   5.658   -10.659 1.00 25.04  ? 125 PHE A CE2 1 
ATOM   871  C CZ  . PHE A 1 111 ? -0.402  4.565   -11.185 1.00 22.52  ? 125 PHE A CZ  1 
ATOM   872  N N   . VAL A 1 112 ? 2.303   5.497   -4.595  1.00 21.33  ? 126 VAL A N   1 
ATOM   873  C CA  . VAL A 1 112 ? 2.454   5.945   -3.195  1.00 21.25  ? 126 VAL A CA  1 
ATOM   874  C C   . VAL A 1 112 ? 1.655   7.247   -3.032  1.00 21.48  ? 126 VAL A C   1 
ATOM   875  O O   . VAL A 1 112 ? 1.796   8.173   -3.825  1.00 22.01  ? 126 VAL A O   1 
ATOM   876  C CB  . VAL A 1 112 ? 3.912   6.167   -2.771  1.00 22.19  ? 126 VAL A CB  1 
ATOM   877  C CG1 . VAL A 1 112 ? 3.990   6.535   -1.253  1.00 23.45  ? 126 VAL A CG1 1 
ATOM   878  C CG2 . VAL A 1 112 ? 4.755   4.924   -3.098  1.00 21.97  ? 126 VAL A CG2 1 
ATOM   879  N N   . GLY A 1 113 ? 0.822   7.291   -1.993  1.00 21.46  ? 127 GLY A N   1 
ATOM   880  C CA  . GLY A 1 113 ? -0.023  8.450   -1.708  1.00 22.73  ? 127 GLY A CA  1 
ATOM   881  C C   . GLY A 1 113 ? 0.173   8.967   -0.296  1.00 23.81  ? 127 GLY A C   1 
ATOM   882  O O   . GLY A 1 113 ? 0.286   8.175   0.610   1.00 23.59  ? 127 GLY A O   1 
ATOM   883  N N   . LEU A 1 114 ? 0.238   10.290  -0.120  1.00 24.30  ? 128 LEU A N   1 
ATOM   884  C CA  . LEU A 1 114 ? 0.270   10.897  1.210   1.00 25.71  ? 128 LEU A CA  1 
ATOM   885  C C   . LEU A 1 114 ? -1.171  11.210  1.640   1.00 23.77  ? 128 LEU A C   1 
ATOM   886  O O   . LEU A 1 114 ? -1.920  11.843  0.851   1.00 25.19  ? 128 LEU A O   1 
ATOM   887  C CB  . LEU A 1 114 ? 1.038   12.219  1.184   1.00 30.46  ? 128 LEU A CB  1 
ATOM   888  C CG  . LEU A 1 114 ? 2.458   12.255  0.649   1.00 39.14  ? 128 LEU A CG  1 
ATOM   889  C CD1 . LEU A 1 114 ? 3.034   13.642  0.929   1.00 45.37  ? 128 LEU A CD1 1 
ATOM   890  C CD2 . LEU A 1 114 ? 3.293   11.178  1.297   1.00 39.44  ? 128 LEU A CD2 1 
ATOM   891  N N   . ILE A 1 115 ? -1.533  10.769  2.833   1.00 22.89  ? 129 ILE A N   1 
ATOM   892  C CA  . ILE A 1 115 ? -2.926  10.792  3.349   1.00 22.72  ? 129 ILE A CA  1 
ATOM   893  C C   . ILE A 1 115 ? -3.111  11.976  4.304   1.00 25.60  ? 129 ILE A C   1 
ATOM   894  O O   . ILE A 1 115 ? -2.272  12.194  5.171   1.00 24.83  ? 129 ILE A O   1 
ATOM   895  C CB  . ILE A 1 115 ? -3.244  9.464   4.036   1.00 23.15  ? 129 ILE A CB  1 
ATOM   896  C CG1 . ILE A 1 115 ? -3.015  8.274   3.060   1.00 25.70  ? 129 ILE A CG1 1 
ATOM   897  C CG2 . ILE A 1 115 ? -4.638  9.412   4.631   1.00 24.83  ? 129 ILE A CG2 1 
ATOM   898  C CD1 . ILE A 1 115 ? -3.760  8.381   1.749   1.00 25.23  ? 129 ILE A CD1 1 
ATOM   899  N N   . ASP A 1 116 ? -4.195  12.721  4.123   1.00 25.57  ? 130 ASP A N   1 
ATOM   900  C CA  . ASP A 1 116 ? -4.565  13.831  5.027   1.00 27.33  ? 130 ASP A CA  1 
ATOM   901  C C   . ASP A 1 116 ? -4.662  13.428  6.495   1.00 26.37  ? 130 ASP A C   1 
ATOM   902  O O   . ASP A 1 116 ? -5.203  12.376  6.855   1.00 24.60  ? 130 ASP A O   1 
ATOM   903  C CB  . ASP A 1 116 ? -5.898  14.435  4.593   1.00 31.35  ? 130 ASP A CB  1 
ATOM   904  C CG  . ASP A 1 116 ? -6.189  15.749  5.311   1.00 35.10  ? 130 ASP A CG  1 
ATOM   905  O OD1 . ASP A 1 116 ? -5.573  16.780  4.967   1.00 40.58  ? 130 ASP A OD1 1 
ATOM   906  O OD2 . ASP A 1 116 ? -6.971  15.698  6.265   1.00 32.56  ? 130 ASP A OD2 1 
ATOM   907  N N   . HIS A 1 117 ? -4.182  14.298  7.384   1.00 28.41  ? 131 HIS A N   1 
ATOM   908  C CA  . HIS A 1 117 ? -4.249  13.987  8.825   1.00 30.03  ? 131 HIS A CA  1 
ATOM   909  C C   . HIS A 1 117 ? -5.681  13.868  9.416   1.00 28.14  ? 131 HIS A C   1 
ATOM   910  O O   . HIS A 1 117 ? -5.846  13.279  10.463  1.00 32.99  ? 131 HIS A O   1 
ATOM   911  C CB  . HIS A 1 117 ? -3.348  14.964  9.638   1.00 30.45  ? 131 HIS A CB  1 
ATOM   912  C CG  . HIS A 1 117 ? -3.945  16.323  9.849   1.00 34.03  ? 131 HIS A CG  1 
ATOM   913  N ND1 . HIS A 1 117 ? -4.291  17.177  8.816   1.00 35.66  ? 131 HIS A ND1 1 
ATOM   914  C CD2 . HIS A 1 117 ? -4.214  16.992  10.995  1.00 33.01  ? 131 HIS A CD2 1 
ATOM   915  C CE1 . HIS A 1 117 ? -4.784  18.299  9.324   1.00 33.48  ? 131 HIS A CE1 1 
ATOM   916  N NE2 . HIS A 1 117 ? -4.733  18.218  10.640  1.00 40.85  ? 131 HIS A NE2 1 
ATOM   917  N N   . ASN A 1 118 ? -6.714  14.401  8.781   1.00 30.77  ? 132 ASN A N   1 
ATOM   918  C CA  . ASN A 1 118 ? -8.081  14.245  9.293   1.00 32.48  ? 132 ASN A CA  1 
ATOM   919  C C   . ASN A 1 118 ? -8.821  13.033  8.712   1.00 36.46  ? 132 ASN A C   1 
ATOM   920  O O   . ASN A 1 118 ? -9.980  12.813  9.028   1.00 35.21  ? 132 ASN A O   1 
ATOM   921  C CB  . ASN A 1 118 ? -8.889  15.535  9.064   1.00 34.70  ? 132 ASN A CB  1 
ATOM   922  C CG  . ASN A 1 118 ? -8.387  16.686  9.940   1.00 35.95  ? 132 ASN A CG  1 
ATOM   923  O OD1 . ASN A 1 118 ? -8.192  17.802  9.471   1.00 36.30  ? 132 ASN A OD1 1 
ATOM   924  N ND2 . ASN A 1 118 ? -8.105  16.380  11.199  1.00 34.80  ? 132 ASN A ND2 1 
ATOM   925  N N   . PHE A 1 119 ? -8.149  12.216  7.887   1.00 32.06  ? 133 PHE A N   1 
ATOM   926  C CA  . PHE A 1 119 ? -8.812  11.010  7.361   1.00 30.95  ? 133 PHE A CA  1 
ATOM   927  C C   . PHE A 1 119 ? -9.028  9.990   8.458   1.00 29.55  ? 133 PHE A C   1 
ATOM   928  O O   . PHE A 1 119 ? -8.122  9.696   9.241   1.00 31.05  ? 133 PHE A O   1 
ATOM   929  C CB  . PHE A 1 119 ? -7.957  10.356  6.224   1.00 31.02  ? 133 PHE A CB  1 
ATOM   930  C CG  . PHE A 1 119 ? -8.421  8.959   5.834   1.00 30.53  ? 133 PHE A CG  1 
ATOM   931  C CD1 . PHE A 1 119 ? -9.580  8.778   5.106   1.00 33.98  ? 133 PHE A CD1 1 
ATOM   932  C CD2 . PHE A 1 119 ? -7.678  7.852   6.187   1.00 32.38  ? 133 PHE A CD2 1 
ATOM   933  C CE1 . PHE A 1 119 ? -10.004 7.496   4.748   1.00 33.59  ? 133 PHE A CE1 1 
ATOM   934  C CE2 . PHE A 1 119 ? -8.084  6.562   5.801   1.00 33.44  ? 133 PHE A CE2 1 
ATOM   935  C CZ  . PHE A 1 119 ? -9.252  6.399   5.109   1.00 29.40  ? 133 PHE A CZ  1 
ATOM   936  N N   . GLN A 1 120 ? -10.232 9.421   8.489   1.00 32.42  ? 134 GLN A N   1 
ATOM   937  C CA  . GLN A 1 120 ? -10.526 8.289   9.375   1.00 35.88  ? 134 GLN A CA  1 
ATOM   938  C C   . GLN A 1 120 ? -11.220 7.157   8.594   1.00 31.45  ? 134 GLN A C   1 
ATOM   939  O O   . GLN A 1 120 ? -12.260 7.372   7.968   1.00 32.01  ? 134 GLN A O   1 
ATOM   940  C CB  . GLN A 1 120 ? -11.424 8.758   10.504  1.00 43.35  ? 134 GLN A CB  1 
ATOM   941  C CG  . GLN A 1 120 ? -10.671 9.669   11.469  1.00 49.96  ? 134 GLN A CG  1 
ATOM   942  C CD  . GLN A 1 120 ? -11.321 9.686   12.823  1.00 56.31  ? 134 GLN A CD  1 
ATOM   943  O OE1 . GLN A 1 120 ? -10.775 9.151   13.789  1.00 73.88  ? 134 GLN A OE1 1 
ATOM   944  N NE2 . GLN A 1 120 ? -12.526 10.267  12.894  1.00 67.50  ? 134 GLN A NE2 1 
ATOM   945  N N   . ALA A 1 121 ? -10.617 5.985   8.626   1.00 36.50  ? 135 ALA A N   1 
ATOM   946  C CA  . ALA A 1 121 ? -11.065 4.879   7.757   1.00 37.19  ? 135 ALA A CA  1 
ATOM   947  C C   . ALA A 1 121 ? -12.462 4.426   8.130   1.00 39.33  ? 135 ALA A C   1 
ATOM   948  O O   . ALA A 1 121 ? -12.779 4.292   9.326   1.00 38.99  ? 135 ALA A O   1 
ATOM   949  C CB  . ALA A 1 121 ? -10.107 3.715   7.867   1.00 36.16  ? 135 ALA A CB  1 
ATOM   950  N N   . GLN A 1 122 ? -13.272 4.184   7.105   1.00 35.75  ? 136 GLN A N   1 
ATOM   951  C CA  . GLN A 1 122 ? -14.601 3.581   7.237   1.00 38.63  ? 136 GLN A CA  1 
ATOM   952  C C   . GLN A 1 122 ? -14.600 2.239   6.456   1.00 35.76  ? 136 GLN A C   1 
ATOM   953  O O   . GLN A 1 122 ? -14.979 2.230   5.291   1.00 32.09  ? 136 GLN A O   1 
ATOM   954  C CB  . GLN A 1 122 ? -15.637 4.542   6.646   1.00 40.97  ? 136 GLN A CB  1 
ATOM   955  C CG  . GLN A 1 122 ? -15.679 5.890   7.348   1.00 48.91  ? 136 GLN A CG  1 
ATOM   956  C CD  . GLN A 1 122 ? -16.687 6.829   6.726   1.00 55.80  ? 136 GLN A CD  1 
ATOM   957  O OE1 . GLN A 1 122 ? -16.332 7.745   5.993   1.00 57.09  ? 136 GLN A OE1 1 
ATOM   958  N NE2 . GLN A 1 122 ? -17.969 6.589   7.006   1.00 64.47  ? 136 GLN A NE2 1 
ATOM   959  N N   . PRO A 1 123 ? -14.145 1.140   7.084   1.00 36.09  ? 137 PRO A N   1 
ATOM   960  C CA  . PRO A 1 123 ? -14.048 -0.149  6.393   1.00 36.83  ? 137 PRO A CA  1 
ATOM   961  C C   . PRO A 1 123 ? -15.401 -0.583  5.802   1.00 41.93  ? 137 PRO A C   1 
ATOM   962  O O   . PRO A 1 123 ? -16.413 -0.588  6.524   1.00 40.57  ? 137 PRO A O   1 
ATOM   963  C CB  . PRO A 1 123 ? -13.635 -1.108  7.504   1.00 38.15  ? 137 PRO A CB  1 
ATOM   964  C CG  . PRO A 1 123 ? -12.983 -0.269  8.536   1.00 40.20  ? 137 PRO A CG  1 
ATOM   965  C CD  . PRO A 1 123 ? -13.735 1.020   8.493   1.00 37.99  ? 137 PRO A CD  1 
ATOM   966  N N   . ASN A 1 124 ? -15.414 -0.918  4.513   1.00 39.62  ? 138 ASN A N   1 
ATOM   967  C CA  . ASN A 1 124 ? -16.586 -1.486  3.847   1.00 37.16  ? 138 ASN A CA  1 
ATOM   968  C C   . ASN A 1 124 ? -16.598 -3.019  4.113   1.00 35.88  ? 138 ASN A C   1 
ATOM   969  O O   . ASN A 1 124 ? -15.789 -3.757  3.535   1.00 30.36  ? 138 ASN A O   1 
ATOM   970  C CB  . ASN A 1 124 ? -16.540 -1.137  2.344   1.00 37.90  ? 138 ASN A CB  1 
ATOM   971  C CG  . ASN A 1 124 ? -17.609 -1.838  1.509   1.00 39.73  ? 138 ASN A CG  1 
ATOM   972  O OD1 . ASN A 1 124 ? -18.399 -2.676  1.994   1.00 42.30  ? 138 ASN A OD1 1 
ATOM   973  N ND2 . ASN A 1 124 ? -17.639 -1.492  0.220   1.00 39.25  ? 138 ASN A ND2 1 
ATOM   974  N N   . PRO A 1 125 ? -17.521 -3.515  4.988   1.00 34.14  ? 139 PRO A N   1 
ATOM   975  C CA  . PRO A 1 125 ? -17.473 -4.918  5.409   1.00 34.48  ? 139 PRO A CA  1 
ATOM   976  C C   . PRO A 1 125 ? -17.683 -5.957  4.289   1.00 33.10  ? 139 PRO A C   1 
ATOM   977  O O   . PRO A 1 125 ? -17.302 -7.115  4.478   1.00 36.12  ? 139 PRO A O   1 
ATOM   978  C CB  . PRO A 1 125 ? -18.599 -5.025  6.466   1.00 34.46  ? 139 PRO A CB  1 
ATOM   979  C CG  . PRO A 1 125 ? -19.558 -3.971  6.071   1.00 35.44  ? 139 PRO A CG  1 
ATOM   980  C CD  . PRO A 1 125 ? -18.741 -2.842  5.487   1.00 36.77  ? 139 PRO A CD  1 
ATOM   981  N N   . ALA A 1 126 ? -18.239 -5.552  3.156   1.00 35.42  ? 140 ALA A N   1 
ATOM   982  C CA  . ALA A 1 126 ? -18.342 -6.464  1.985   1.00 38.31  ? 140 ALA A CA  1 
ATOM   983  C C   . ALA A 1 126 ? -16.969 -6.783  1.357   1.00 39.27  ? 140 ALA A C   1 
ATOM   984  O O   . ALA A 1 126 ? -16.810 -7.774  0.619   1.00 40.21  ? 140 ALA A O   1 
ATOM   985  C CB  . ALA A 1 126 ? -19.262 -5.866  0.935   1.00 39.40  ? 140 ALA A CB  1 
ATOM   986  N N   . GLU A 1 127 ? -15.984 -5.934  1.617   1.00 36.56  ? 141 GLU A N   1 
ATOM   987  C CA  . GLU A 1 127 ? -14.641 -6.093  1.013   1.00 36.15  ? 141 GLU A CA  1 
ATOM   988  C C   . GLU A 1 127 ? -13.494 -6.175  1.979   1.00 34.24  ? 141 GLU A C   1 
ATOM   989  O O   . GLU A 1 127 ? -12.515 -6.852  1.703   1.00 30.96  ? 141 GLU A O   1 
ATOM   990  C CB  . GLU A 1 127 ? -14.427 -4.954  0.044   1.00 41.86  ? 141 GLU A CB  1 
ATOM   991  C CG  . GLU A 1 127 ? -15.190 -5.215  -1.265  1.00 48.15  ? 141 GLU A CG  1 
ATOM   992  C CD  . GLU A 1 127 ? -15.484 -3.976  -2.029  1.00 51.75  ? 141 GLU A CD  1 
ATOM   993  O OE1 . GLU A 1 127 ? -16.157 -4.078  -3.081  1.00 61.22  ? 141 GLU A OE1 1 
ATOM   994  O OE2 . GLU A 1 127 ? -15.053 -2.902  -1.580  1.00 56.92  ? 141 GLU A OE2 1 
ATOM   995  N N   . VAL A 1 128 ? -13.627 -5.513  3.127   1.00 28.00  ? 142 VAL A N   1 
ATOM   996  C CA  . VAL A 1 128 ? -12.551 -5.386  4.070   1.00 32.00  ? 142 VAL A CA  1 
ATOM   997  C C   . VAL A 1 128 ? -13.047 -5.775  5.476   1.00 31.04  ? 142 VAL A C   1 
ATOM   998  O O   . VAL A 1 128 ? -14.003 -5.169  5.965   1.00 33.26  ? 142 VAL A O   1 
ATOM   999  C CB  . VAL A 1 128 ? -12.079 -3.905  4.039   1.00 35.08  ? 142 VAL A CB  1 
ATOM   1000 C CG1 . VAL A 1 128 ? -11.225 -3.567  5.219   1.00 40.17  ? 142 VAL A CG1 1 
ATOM   1001 C CG2 . VAL A 1 128 ? -11.311 -3.625  2.740   1.00 36.97  ? 142 VAL A CG2 1 
ATOM   1002 N N   . LYS A 1 129 ? -12.358 -6.717  6.114   1.00 32.82  ? 143 LYS A N   1 
ATOM   1003 C CA  . LYS A 1 129 ? -12.615 -7.118  7.511   1.00 37.41  ? 143 LYS A CA  1 
ATOM   1004 C C   . LYS A 1 129 ? -11.963 -6.203  8.563   1.00 36.79  ? 143 LYS A C   1 
ATOM   1005 O O   . LYS A 1 129 ? -12.444 -6.110  9.706   1.00 33.74  ? 143 LYS A O   1 
ATOM   1006 C CB  . LYS A 1 129 ? -12.119 -8.550  7.728   1.00 43.38  ? 143 LYS A CB  1 
ATOM   1007 C CG  . LYS A 1 129 ? -12.392 -9.089  9.114   1.00 53.10  ? 143 LYS A CG  1 
ATOM   1008 C CD  . LYS A 1 129 ? -12.370 -10.604 9.162   1.00 59.44  ? 143 LYS A CD  1 
ATOM   1009 C CE  . LYS A 1 129 ? -11.035 -11.156 8.716   1.00 61.24  ? 143 LYS A CE  1 
ATOM   1010 N NZ  . LYS A 1 129 ? -10.839 -12.483 9.351   1.00 67.07  ? 143 LYS A NZ  1 
ATOM   1011 N N   . ASP A 1 130 ? -10.866 -5.531  8.209   1.00 30.50  ? 144 ASP A N   1 
ATOM   1012 C CA  . ASP A 1 130 ? -10.087 -4.757  9.192   1.00 29.42  ? 144 ASP A CA  1 
ATOM   1013 C C   . ASP A 1 130 ? -9.150  -3.802  8.402   1.00 29.96  ? 144 ASP A C   1 
ATOM   1014 O O   . ASP A 1 130 ? -8.896  -4.031  7.211   1.00 27.86  ? 144 ASP A O   1 
ATOM   1015 C CB  . ASP A 1 130 ? -9.300  -5.726  10.104  1.00 31.33  ? 144 ASP A CB  1 
ATOM   1016 C CG  . ASP A 1 130 ? -8.757  -5.079  11.381  1.00 32.61  ? 144 ASP A CG  1 
ATOM   1017 O OD1 . ASP A 1 130 ? -9.044  -3.897  11.639  1.00 30.86  ? 144 ASP A OD1 1 
ATOM   1018 O OD2 . ASP A 1 130 ? -8.016  -5.777  12.127  1.00 35.73  ? 144 ASP A OD2 1 
ATOM   1019 N N   . VAL A 1 131 ? -8.751  -2.719  9.053   1.00 28.00  ? 145 VAL A N   1 
ATOM   1020 C CA  . VAL A 1 131 ? -7.769  -1.732  8.557   1.00 31.29  ? 145 VAL A CA  1 
ATOM   1021 C C   . VAL A 1 131 ? -6.829  -1.463  9.723   1.00 31.06  ? 145 VAL A C   1 
ATOM   1022 O O   . VAL A 1 131 ? -7.275  -1.380  10.883  1.00 31.14  ? 145 VAL A O   1 
ATOM   1023 C CB  . VAL A 1 131 ? -8.466  -0.435  8.063   1.00 33.25  ? 145 VAL A CB  1 
ATOM   1024 C CG1 . VAL A 1 131 ? -7.453  0.623   7.653   1.00 37.26  ? 145 VAL A CG1 1 
ATOM   1025 C CG2 . VAL A 1 131 ? -9.401  -0.710  6.901   1.00 33.59  ? 145 VAL A CG2 1 
ATOM   1026 N N   . PHE A 1 132 ? -5.517  -1.391  9.476   1.00 26.49  ? 146 PHE A N   1 
ATOM   1027 C CA  . PHE A 1 132 ? -4.542  -1.133  10.521  1.00 25.33  ? 146 PHE A CA  1 
ATOM   1028 C C   . PHE A 1 132 ? -3.290  -0.411  9.983   1.00 26.81  ? 146 PHE A C   1 
ATOM   1029 O O   . PHE A 1 132 ? -3.009  -0.479  8.770   1.00 26.72  ? 146 PHE A O   1 
ATOM   1030 C CB  . PHE A 1 132 ? -4.121  -2.427  11.259  1.00 29.34  ? 146 PHE A CB  1 
ATOM   1031 C CG  . PHE A 1 132 ? -3.360  -3.442  10.399  1.00 28.11  ? 146 PHE A CG  1 
ATOM   1032 C CD1 . PHE A 1 132 ? -4.044  -4.257  9.500   1.00 32.57  ? 146 PHE A CD1 1 
ATOM   1033 C CD2 . PHE A 1 132 ? -1.979  -3.598  10.529  1.00 29.63  ? 146 PHE A CD2 1 
ATOM   1034 C CE1 . PHE A 1 132 ? -3.360  -5.204  8.715   1.00 31.85  ? 146 PHE A CE1 1 
ATOM   1035 C CE2 . PHE A 1 132 ? -1.290  -4.546  9.757   1.00 30.96  ? 146 PHE A CE2 1 
ATOM   1036 C CZ  . PHE A 1 132 ? -1.984  -5.347  8.856   1.00 29.12  ? 146 PHE A CZ  1 
ATOM   1037 N N   . LEU A 1 133 ? -2.593  0.296   10.873  1.00 24.52  ? 147 LEU A N   1 
ATOM   1038 C CA  . LEU A 1 133 ? -1.349  0.985   10.536  1.00 26.13  ? 147 LEU A CA  1 
ATOM   1039 C C   . LEU A 1 133 ? -0.151  0.206   10.998  1.00 28.33  ? 147 LEU A C   1 
ATOM   1040 O O   . LEU A 1 133 ? -0.215  -0.425  12.057  1.00 28.47  ? 147 LEU A O   1 
ATOM   1041 C CB  . LEU A 1 133 ? -1.294  2.379   11.167  1.00 28.25  ? 147 LEU A CB  1 
ATOM   1042 C CG  . LEU A 1 133 ? -2.391  3.361   10.804  1.00 28.29  ? 147 LEU A CG  1 
ATOM   1043 C CD1 . LEU A 1 133 ? -2.199  4.633   11.594  1.00 33.38  ? 147 LEU A CD1 1 
ATOM   1044 C CD2 . LEU A 1 133 ? -2.420  3.706   9.320   1.00 30.53  ? 147 LEU A CD2 1 
ATOM   1045 N N   . VAL A 1 134 ? 0.980   0.296   10.264  1.00 23.25  ? 148 VAL A N   1 
ATOM   1046 C CA  . VAL A 1 134 ? 2.272   -0.214  10.755  1.00 24.33  ? 148 VAL A CA  1 
ATOM   1047 C C   . VAL A 1 134 ? 3.307   0.888   10.593  1.00 25.85  ? 148 VAL A C   1 
ATOM   1048 O O   . VAL A 1 134 ? 3.400   1.479   9.518   1.00 23.39  ? 148 VAL A O   1 
ATOM   1049 C CB  . VAL A 1 134 ? 2.768   -1.479  9.973   1.00 23.51  ? 148 VAL A CB  1 
ATOM   1050 C CG1 . VAL A 1 134 ? 4.064   -2.007  10.562  1.00 25.18  ? 148 VAL A CG1 1 
ATOM   1051 C CG2 . VAL A 1 134 ? 1.734   -2.585  9.959   1.00 25.14  ? 148 VAL A CG2 1 
ATOM   1052 N N   . PRO A 1 135 ? 4.134   1.169   11.633  1.00 23.85  ? 149 PRO A N   1 
ATOM   1053 C CA  . PRO A 1 135 ? 5.175   2.160   11.414  1.00 25.41  ? 149 PRO A CA  1 
ATOM   1054 C C   . PRO A 1 135 ? 6.131   1.728   10.282  1.00 23.47  ? 149 PRO A C   1 
ATOM   1055 O O   . PRO A 1 135 ? 6.524   0.568   10.253  1.00 23.57  ? 149 PRO A O   1 
ATOM   1056 C CB  . PRO A 1 135 ? 5.938   2.173   12.743  1.00 26.74  ? 149 PRO A CB  1 
ATOM   1057 C CG  . PRO A 1 135 ? 4.973   1.619   13.778  1.00 27.37  ? 149 PRO A CG  1 
ATOM   1058 C CD  . PRO A 1 135 ? 4.125   0.643   13.019  1.00 28.19  ? 149 PRO A CD  1 
ATOM   1059 N N   . LEU A 1 136 ? 6.482   2.657   9.402   1.00 23.76  ? 150 LEU A N   1 
ATOM   1060 C CA  . LEU A 1 136 ? 7.365   2.365   8.260   1.00 24.34  ? 150 LEU A CA  1 
ATOM   1061 C C   . LEU A 1 136 ? 8.698   1.777   8.709   1.00 26.08  ? 150 LEU A C   1 
ATOM   1062 O O   . LEU A 1 136 ? 9.208   0.830   8.102   1.00 25.81  ? 150 LEU A O   1 
ATOM   1063 C CB  . LEU A 1 136 ? 7.548   3.631   7.410   1.00 24.33  ? 150 LEU A CB  1 
ATOM   1064 C CG  . LEU A 1 136 ? 8.177   3.508   6.048   1.00 24.63  ? 150 LEU A CG  1 
ATOM   1065 C CD1 . LEU A 1 136 ? 7.303   2.596   5.202   1.00 23.02  ? 150 LEU A CD1 1 
ATOM   1066 C CD2 . LEU A 1 136 ? 8.300   4.894   5.424   1.00 25.24  ? 150 LEU A CD2 1 
ATOM   1067 N N   . ALA A 1 137 ? 9.241   2.286   9.823   1.00 26.09  ? 151 ALA A N   1 
ATOM   1068 C CA  . ALA A 1 137 ? 10.496  1.766   10.386  1.00 25.48  ? 151 ALA A CA  1 
ATOM   1069 C C   . ALA A 1 137 ? 10.502  0.279   10.770  1.00 26.19  ? 151 ALA A C   1 
ATOM   1070 O O   . ALA A 1 137 ? 11.577  -0.364  10.750  1.00 26.65  ? 151 ALA A O   1 
ATOM   1071 C CB  . ALA A 1 137 ? 10.967  2.626   11.574  1.00 29.45  ? 151 ALA A CB  1 
ATOM   1072 N N   . TYR A 1 138 ? 9.342   -0.294  11.073  1.00 24.83  ? 152 TYR A N   1 
ATOM   1073 C CA  . TYR A 1 138 ? 9.228   -1.716  11.354  1.00 26.22  ? 152 TYR A CA  1 
ATOM   1074 C C   . TYR A 1 138 ? 9.882   -2.582  10.239  1.00 25.66  ? 152 TYR A C   1 
ATOM   1075 O O   . TYR A 1 138 ? 10.484  -3.623  10.512  1.00 26.18  ? 152 TYR A O   1 
ATOM   1076 C CB  . TYR A 1 138 ? 7.755   -2.114  11.520  1.00 25.75  ? 152 TYR A CB  1 
ATOM   1077 C CG  . TYR A 1 138 ? 7.551   -3.604  11.520  1.00 26.68  ? 152 TYR A CG  1 
ATOM   1078 C CD1 . TYR A 1 138 ? 7.708   -4.365  12.691  1.00 27.46  ? 152 TYR A CD1 1 
ATOM   1079 C CD2 . TYR A 1 138 ? 7.254   -4.268  10.340  1.00 27.62  ? 152 TYR A CD2 1 
ATOM   1080 C CE1 . TYR A 1 138 ? 7.562   -5.747  12.664  1.00 27.93  ? 152 TYR A CE1 1 
ATOM   1081 C CE2 . TYR A 1 138 ? 7.100   -5.647  10.313  1.00 29.89  ? 152 TYR A CE2 1 
ATOM   1082 C CZ  . TYR A 1 138 ? 7.254   -6.383  11.473  1.00 27.70  ? 152 TYR A CZ  1 
ATOM   1083 O OH  . TYR A 1 138 ? 7.098   -7.769  11.387  1.00 30.84  ? 152 TYR A OH  1 
ATOM   1084 N N   . PHE A 1 139 ? 9.713   -2.149  8.979   1.00 25.87  ? 153 PHE A N   1 
ATOM   1085 C CA  . PHE A 1 139 ? 10.124  -2.969  7.821   1.00 25.71  ? 153 PHE A CA  1 
ATOM   1086 C C   . PHE A 1 139 ? 11.650  -3.006  7.619   1.00 29.09  ? 153 PHE A C   1 
ATOM   1087 O O   . PHE A 1 139 ? 12.152  -3.834  6.817   1.00 27.78  ? 153 PHE A O   1 
ATOM   1088 C CB  . PHE A 1 139 ? 9.336   -2.552  6.551   1.00 24.46  ? 153 PHE A CB  1 
ATOM   1089 C CG  . PHE A 1 139 ? 7.857   -2.788  6.692   1.00 23.84  ? 153 PHE A CG  1 
ATOM   1090 C CD1 . PHE A 1 139 ? 7.335   -4.058  6.588   1.00 24.80  ? 153 PHE A CD1 1 
ATOM   1091 C CD2 . PHE A 1 139 ? 6.993   -1.755  7.029   1.00 23.31  ? 153 PHE A CD2 1 
ATOM   1092 C CE1 . PHE A 1 139 ? 5.991   -4.303  6.789   1.00 24.06  ? 153 PHE A CE1 1 
ATOM   1093 C CE2 . PHE A 1 139 ? 5.646   -1.987  7.221   1.00 22.99  ? 153 PHE A CE2 1 
ATOM   1094 C CZ  . PHE A 1 139 ? 5.132   -3.266  7.085   1.00 24.68  ? 153 PHE A CZ  1 
ATOM   1095 N N   . LEU A 1 140 ? 12.380  -2.178  8.378   1.00 25.89  ? 154 LEU A N   1 
ATOM   1096 C CA  . LEU A 1 140 ? 13.834  -2.275  8.448   1.00 29.06  ? 154 LEU A CA  1 
ATOM   1097 C C   . LEU A 1 140 ? 14.307  -3.359  9.435   1.00 32.87  ? 154 LEU A C   1 
ATOM   1098 O O   . LEU A 1 140 ? 15.430  -3.851  9.314   1.00 33.40  ? 154 LEU A O   1 
ATOM   1099 C CB  . LEU A 1 140 ? 14.445  -0.922  8.849   1.00 29.52  ? 154 LEU A CB  1 
ATOM   1100 C CG  . LEU A 1 140 ? 14.101  0.271   7.969   1.00 33.13  ? 154 LEU A CG  1 
ATOM   1101 C CD1 . LEU A 1 140 ? 14.815  1.511   8.473   1.00 35.83  ? 154 LEU A CD1 1 
ATOM   1102 C CD2 . LEU A 1 140 ? 14.416  0.017   6.507   1.00 31.50  ? 154 LEU A CD2 1 
ATOM   1103 N N   . HIS A 1 141 ? 13.491  -3.688  10.435  1.00 31.59  ? 155 HIS A N   1 
ATOM   1104 C CA  . HIS A 1 141 ? 13.830  -4.727  11.422  1.00 34.16  ? 155 HIS A CA  1 
ATOM   1105 C C   . HIS A 1 141 ? 12.602  -5.538  11.768  1.00 33.72  ? 155 HIS A C   1 
ATOM   1106 O O   . HIS A 1 141 ? 12.113  -5.492  12.907  1.00 34.51  ? 155 HIS A O   1 
ATOM   1107 C CB  . HIS A 1 141 ? 14.396  -4.094  12.680  1.00 35.89  ? 155 HIS A CB  1 
ATOM   1108 C CG  . HIS A 1 141 ? 15.691  -3.388  12.460  1.00 37.35  ? 155 HIS A CG  1 
ATOM   1109 N ND1 . HIS A 1 141 ? 16.893  -4.060  12.357  1.00 38.48  ? 155 HIS A ND1 1 
ATOM   1110 C CD2 . HIS A 1 141 ? 15.980  -2.072  12.318  1.00 37.60  ? 155 HIS A CD2 1 
ATOM   1111 C CE1 . HIS A 1 141 ? 17.869  -3.186  12.170  1.00 39.21  ? 155 HIS A CE1 1 
ATOM   1112 N NE2 . HIS A 1 141 ? 17.343  -1.971  12.126  1.00 38.49  ? 155 HIS A NE2 1 
ATOM   1113 N N   . PRO A 1 142 ? 12.084  -6.266  10.783  1.00 33.06  ? 156 PRO A N   1 
ATOM   1114 C CA  . PRO A 1 142 ? 10.847  -7.009  10.972  1.00 35.78  ? 156 PRO A CA  1 
ATOM   1115 C C   . PRO A 1 142 ? 11.042  -8.271  11.834  1.00 37.45  ? 156 PRO A C   1 
ATOM   1116 O O   . PRO A 1 142 ? 12.178  -8.730  12.009  1.00 38.55  ? 156 PRO A O   1 
ATOM   1117 C CB  . PRO A 1 142 ? 10.448  -7.367  9.531   1.00 36.42  ? 156 PRO A CB  1 
ATOM   1118 C CG  . PRO A 1 142 ? 11.749  -7.458  8.794   1.00 35.32  ? 156 PRO A CG  1 
ATOM   1119 C CD  . PRO A 1 142 ? 12.647  -6.444  9.424   1.00 34.09  ? 156 PRO A CD  1 
ATOM   1120 N N   . GLN A 1 143 ? 9.957   -8.785  12.381  1.00 34.75  ? 157 GLN A N   1 
ATOM   1121 C CA  . GLN A 1 143 ? 9.932   -10.104 13.022  1.00 40.97  ? 157 GLN A CA  1 
ATOM   1122 C C   . GLN A 1 143 ? 9.551   -11.153 11.966  1.00 42.66  ? 157 GLN A C   1 
ATOM   1123 O O   . GLN A 1 143 ? 8.389   -11.221 11.541  1.00 37.66  ? 157 GLN A O   1 
ATOM   1124 C CB  . GLN A 1 143 ? 8.953   -10.119 14.201  1.00 45.53  ? 157 GLN A CB  1 
ATOM   1125 C CG  . GLN A 1 143 ? 8.923   -11.430 14.975  1.00 54.56  ? 157 GLN A CG  1 
ATOM   1126 C CD  . GLN A 1 143 ? 8.073   -11.359 16.237  1.00 62.85  ? 157 GLN A CD  1 
ATOM   1127 O OE1 . GLN A 1 143 ? 8.302   -10.511 17.101  1.00 69.46  ? 157 GLN A OE1 1 
ATOM   1128 N NE2 . GLN A 1 143 ? 7.078   -12.245 16.345  1.00 64.14  ? 157 GLN A NE2 1 
ATOM   1129 N N   . VAL A 1 144 ? 10.539  -11.958 11.549  1.00 43.53  ? 158 VAL A N   1 
ATOM   1130 C CA  . VAL A 1 144 ? 10.407  -12.847 10.401  1.00 46.62  ? 158 VAL A CA  1 
ATOM   1131 C C   . VAL A 1 144 ? 10.138  -14.276 10.875  1.00 49.55  ? 158 VAL A C   1 
ATOM   1132 O O   . VAL A 1 144 ? 10.784  -14.750 11.814  1.00 48.96  ? 158 VAL A O   1 
ATOM   1133 C CB  . VAL A 1 144 ? 11.674  -12.824 9.508   1.00 49.90  ? 158 VAL A CB  1 
ATOM   1134 C CG1 . VAL A 1 144 ? 11.568  -13.831 8.366   1.00 51.29  ? 158 VAL A CG1 1 
ATOM   1135 C CG2 . VAL A 1 144 ? 11.907  -11.438 8.940   1.00 50.79  ? 158 VAL A CG2 1 
ATOM   1136 N N   . HIS A 1 145 ? 9.191   -14.934 10.213  1.00 48.15  ? 159 HIS A N   1 
ATOM   1137 C CA  . HIS A 1 145 ? 8.839   -16.345 10.433  1.00 59.54  ? 159 HIS A CA  1 
ATOM   1138 C C   . HIS A 1 145 ? 8.902   -17.064 9.094   1.00 60.41  ? 159 HIS A C   1 
ATOM   1139 O O   . HIS A 1 145 ? 8.386   -16.567 8.099   1.00 55.25  ? 159 HIS A O   1 
ATOM   1140 C CB  . HIS A 1 145 ? 7.435   -16.462 11.039  1.00 61.39  ? 159 HIS A CB  1 
ATOM   1141 C CG  . HIS A 1 145 ? 7.393   -16.102 12.489  1.00 72.98  ? 159 HIS A CG  1 
ATOM   1142 N ND1 . HIS A 1 145 ? 7.372   -14.796 12.931  1.00 76.19  ? 159 HIS A ND1 1 
ATOM   1143 C CD2 . HIS A 1 145 ? 7.429   -16.876 13.602  1.00 79.93  ? 159 HIS A CD2 1 
ATOM   1144 C CE1 . HIS A 1 145 ? 7.363   -14.783 14.252  1.00 78.20  ? 159 HIS A CE1 1 
ATOM   1145 N NE2 . HIS A 1 145 ? 7.402   -16.030 14.685  1.00 80.41  ? 159 HIS A NE2 1 
ATOM   1146 N N   . ASP A 1 146 ? 9.545   -18.226 9.068   1.00 66.91  ? 160 ASP A N   1 
ATOM   1147 C CA  . ASP A 1 146 ? 9.714   -18.988 7.832   1.00 71.98  ? 160 ASP A CA  1 
ATOM   1148 C C   . ASP A 1 146 ? 8.656   -20.081 7.741   1.00 72.67  ? 160 ASP A C   1 
ATOM   1149 O O   . ASP A 1 146 ? 8.608   -20.959 8.597   1.00 75.30  ? 160 ASP A O   1 
ATOM   1150 C CB  . ASP A 1 146 ? 11.130  -19.563 7.778   1.00 77.34  ? 160 ASP A CB  1 
ATOM   1151 C CG  . ASP A 1 146 ? 12.199  -18.473 7.694   1.00 82.45  ? 160 ASP A CG  1 
ATOM   1152 O OD1 . ASP A 1 146 ? 11.876  -17.328 7.305   1.00 87.32  ? 160 ASP A OD1 1 
ATOM   1153 O OD2 . ASP A 1 146 ? 13.368  -18.756 8.022   1.00 88.60  ? 160 ASP A OD2 1 
ATOM   1154 N N   . GLN A 1 147 ? 7.796   -20.002 6.722   1.00 72.08  ? 161 GLN A N   1 
ATOM   1155 C CA  . GLN A 1 147 ? 6.689   -20.952 6.536   1.00 73.75  ? 161 GLN A CA  1 
ATOM   1156 C C   . GLN A 1 147 ? 7.107   -22.110 5.634   1.00 73.34  ? 161 GLN A C   1 
ATOM   1157 O O   . GLN A 1 147 ? 7.874   -21.928 4.685   1.00 72.63  ? 161 GLN A O   1 
ATOM   1158 C CB  . GLN A 1 147 ? 5.471   -20.245 5.935   1.00 73.55  ? 161 GLN A CB  1 
ATOM   1159 N N   . ILE A 1 158 ? 11.387  -22.256 1.183   1.00 88.83  ? 172 ILE A N   1 
ATOM   1160 C CA  . ILE A 1 158 ? 10.933  -21.468 2.332   1.00 90.49  ? 172 ILE A CA  1 
ATOM   1161 C C   . ILE A 1 158 ? 10.341  -20.110 1.901   1.00 85.67  ? 172 ILE A C   1 
ATOM   1162 O O   . ILE A 1 158 ? 10.854  -19.467 0.990   1.00 89.64  ? 172 ILE A O   1 
ATOM   1163 C CB  . ILE A 1 158 ? 12.094  -21.304 3.356   1.00 97.14  ? 172 ILE A CB  1 
ATOM   1164 C CG1 . ILE A 1 158 ? 12.301  -22.611 4.157   1.00 101.21 ? 172 ILE A CG1 1 
ATOM   1165 C CG2 . ILE A 1 158 ? 11.896  -20.106 4.288   1.00 98.38  ? 172 ILE A CG2 1 
ATOM   1166 C CD1 . ILE A 1 158 ? 11.193  -22.988 5.136   1.00 102.55 ? 172 ILE A CD1 1 
ATOM   1167 N N   . ASN A 1 159 ? 9.261   -19.700 2.575   1.00 79.17  ? 173 ASN A N   1 
ATOM   1168 C CA  . ASN A 1 159 ? 8.568   -18.422 2.345   1.00 73.87  ? 173 ASN A CA  1 
ATOM   1169 C C   . ASN A 1 159 ? 8.724   -17.543 3.609   1.00 67.67  ? 173 ASN A C   1 
ATOM   1170 O O   . ASN A 1 159 ? 8.338   -17.958 4.701   1.00 64.76  ? 173 ASN A O   1 
ATOM   1171 C CB  . ASN A 1 159 ? 7.079   -18.708 2.053   1.00 73.92  ? 173 ASN A CB  1 
ATOM   1172 C CG  . ASN A 1 159 ? 6.285   -17.468 1.637   1.00 76.95  ? 173 ASN A CG  1 
ATOM   1173 O OD1 . ASN A 1 159 ? 6.836   -16.482 1.160   1.00 77.92  ? 173 ASN A OD1 1 
ATOM   1174 N ND2 . ASN A 1 159 ? 4.967   -17.529 1.808   1.00 75.71  ? 173 ASN A ND2 1 
ATOM   1175 N N   . HIS A 1 160 ? 9.304   -16.351 3.458   1.00 62.58  ? 174 HIS A N   1 
ATOM   1176 C CA  . HIS A 1 160 ? 9.459   -15.394 4.573   1.00 60.87  ? 174 HIS A CA  1 
ATOM   1177 C C   . HIS A 1 160 ? 8.166   -14.606 4.852   1.00 53.27  ? 174 HIS A C   1 
ATOM   1178 O O   . HIS A 1 160 ? 7.618   -13.962 3.954   1.00 58.48  ? 174 HIS A O   1 
ATOM   1179 C CB  . HIS A 1 160 ? 10.599  -14.409 4.295   1.00 64.59  ? 174 HIS A CB  1 
ATOM   1180 C CG  . HIS A 1 160 ? 11.939  -15.060 4.152   1.00 72.42  ? 174 HIS A CG  1 
ATOM   1181 N ND1 . HIS A 1 160 ? 12.379  -16.052 5.001   1.00 75.01  ? 174 HIS A ND1 1 
ATOM   1182 C CD2 . HIS A 1 160 ? 12.946  -14.844 3.273   1.00 74.64  ? 174 HIS A CD2 1 
ATOM   1183 C CE1 . HIS A 1 160 ? 13.593  -16.431 4.642   1.00 76.80  ? 174 HIS A CE1 1 
ATOM   1184 N NE2 . HIS A 1 160 ? 13.961  -15.713 3.597   1.00 77.44  ? 174 HIS A NE2 1 
ATOM   1185 N N   . ILE A 1 161 ? 7.723   -14.641 6.108   1.00 47.99  ? 175 ILE A N   1 
ATOM   1186 C CA  . ILE A 1 161 ? 6.484   -14.005 6.571   1.00 47.51  ? 175 ILE A CA  1 
ATOM   1187 C C   . ILE A 1 161 ? 6.818   -13.034 7.717   1.00 43.97  ? 175 ILE A C   1 
ATOM   1188 O O   . ILE A 1 161 ? 7.551   -13.399 8.646   1.00 44.16  ? 175 ILE A O   1 
ATOM   1189 C CB  . ILE A 1 161 ? 5.495   -15.091 7.055   1.00 49.00  ? 175 ILE A CB  1 
ATOM   1190 C CG1 . ILE A 1 161 ? 4.964   -15.870 5.844   1.00 54.03  ? 175 ILE A CG1 1 
ATOM   1191 C CG2 . ILE A 1 161 ? 4.332   -14.525 7.874   1.00 49.40  ? 175 ILE A CG2 1 
ATOM   1192 C CD1 . ILE A 1 161 ? 4.188   -17.121 6.209   1.00 53.43  ? 175 ILE A CD1 1 
ATOM   1193 N N   . PHE A 1 162 ? 6.251   -11.824 7.676   1.00 34.12  ? 176 PHE A N   1 
ATOM   1194 C CA  . PHE A 1 162 ? 6.411   -10.855 8.762   1.00 31.40  ? 176 PHE A CA  1 
ATOM   1195 C C   . PHE A 1 162 ? 5.227   -10.978 9.731   1.00 30.85  ? 176 PHE A C   1 
ATOM   1196 O O   . PHE A 1 162 ? 4.111   -11.104 9.271   1.00 32.59  ? 176 PHE A O   1 
ATOM   1197 C CB  . PHE A 1 162 ? 6.444   -9.433  8.214   1.00 31.29  ? 176 PHE A CB  1 
ATOM   1198 C CG  . PHE A 1 162 ? 7.598   -9.133  7.287   1.00 32.13  ? 176 PHE A CG  1 
ATOM   1199 C CD1 . PHE A 1 162 ? 8.788   -9.899  7.271   1.00 33.31  ? 176 PHE A CD1 1 
ATOM   1200 C CD2 . PHE A 1 162 ? 7.513   -8.032  6.446   1.00 32.72  ? 176 PHE A CD2 1 
ATOM   1201 C CE1 . PHE A 1 162 ? 9.845   -9.520  6.437   1.00 33.84  ? 176 PHE A CE1 1 
ATOM   1202 C CE2 . PHE A 1 162 ? 8.548   -7.688  5.601   1.00 32.54  ? 176 PHE A CE2 1 
ATOM   1203 C CZ  . PHE A 1 162 ? 9.718   -8.412  5.603   1.00 33.03  ? 176 PHE A CZ  1 
ATOM   1204 N N   . GLU A 1 163 ? 5.488   -10.920 11.039  1.00 31.20  ? 177 GLU A N   1 
ATOM   1205 C CA  . GLU A 1 163 ? 4.459   -10.817 12.082  1.00 33.96  ? 177 GLU A CA  1 
ATOM   1206 C C   . GLU A 1 163 ? 4.553   -9.472  12.799  1.00 30.96  ? 177 GLU A C   1 
ATOM   1207 O O   . GLU A 1 163 ? 5.599   -9.107  13.348  1.00 31.75  ? 177 GLU A O   1 
ATOM   1208 C CB  . GLU A 1 163 ? 4.562   -11.962 13.109  1.00 41.08  ? 177 GLU A CB  1 
ATOM   1209 C CG  . GLU A 1 163 ? 4.308   -13.334 12.480  1.00 48.51  ? 177 GLU A CG  1 
ATOM   1210 C CD  . GLU A 1 163 ? 4.007   -14.445 13.489  1.00 58.75  ? 177 GLU A CD  1 
ATOM   1211 O OE1 . GLU A 1 163 ? 4.174   -14.218 14.714  1.00 60.61  ? 177 GLU A OE1 1 
ATOM   1212 O OE2 . GLU A 1 163 ? 3.593   -15.552 13.042  1.00 61.96  ? 177 GLU A OE2 1 
ATOM   1213 N N   . TYR A 1 164 ? 3.479   -8.703  12.743  1.00 28.60  ? 178 TYR A N   1 
ATOM   1214 C CA  . TYR A 1 164 ? 3.444   -7.395  13.412  1.00 28.53  ? 178 TYR A CA  1 
ATOM   1215 C C   . TYR A 1 164 ? 2.364   -7.448  14.484  1.00 28.11  ? 178 TYR A C   1 
ATOM   1216 O O   . TYR A 1 164 ? 1.199   -7.758  14.174  1.00 29.97  ? 178 TYR A O   1 
ATOM   1217 C CB  . TYR A 1 164 ? 3.117   -6.243  12.428  1.00 28.90  ? 178 TYR A CB  1 
ATOM   1218 C CG  . TYR A 1 164 ? 2.929   -4.922  13.160  1.00 27.78  ? 178 TYR A CG  1 
ATOM   1219 C CD1 . TYR A 1 164 ? 4.027   -4.262  13.682  1.00 30.36  ? 178 TYR A CD1 1 
ATOM   1220 C CD2 . TYR A 1 164 ? 1.662   -4.365  13.374  1.00 28.59  ? 178 TYR A CD2 1 
ATOM   1221 C CE1 . TYR A 1 164 ? 3.886   -3.070  14.378  1.00 31.71  ? 178 TYR A CE1 1 
ATOM   1222 C CE2 . TYR A 1 164 ? 1.520   -3.162  14.081  1.00 29.05  ? 178 TYR A CE2 1 
ATOM   1223 C CZ  . TYR A 1 164 ? 2.621   -2.545  14.594  1.00 29.10  ? 178 TYR A CZ  1 
ATOM   1224 O OH  . TYR A 1 164 ? 2.560   -1.380  15.345  1.00 34.18  ? 178 TYR A OH  1 
ATOM   1225 N N   . THR A 1 165 ? 2.737   -7.098  15.716  1.00 29.49  ? 179 THR A N   1 
ATOM   1226 C CA  . THR A 1 165 ? 1.779   -6.963  16.840  1.00 29.43  ? 179 THR A CA  1 
ATOM   1227 C C   . THR A 1 165 ? 1.467   -5.497  17.187  1.00 29.75  ? 179 THR A C   1 
ATOM   1228 O O   . THR A 1 165 ? 2.382   -4.716  17.479  1.00 30.41  ? 179 THR A O   1 
ATOM   1229 C CB  . THR A 1 165 ? 2.346   -7.645  18.097  1.00 32.25  ? 179 THR A CB  1 
ATOM   1230 O OG1 . THR A 1 165 ? 2.764   -8.964  17.754  1.00 34.11  ? 179 THR A OG1 1 
ATOM   1231 C CG2 . THR A 1 165 ? 1.289   -7.683  19.204  1.00 33.22  ? 179 THR A CG2 1 
ATOM   1232 N N   . ASN A 1 166 ? 0.193   -5.100  17.126  1.00 27.26  ? 180 ASN A N   1 
ATOM   1233 C CA  . ASN A 1 166 ? -0.216  -3.732  17.413  1.00 29.25  ? 180 ASN A CA  1 
ATOM   1234 C C   . ASN A 1 166 ? -0.166  -3.515  18.934  1.00 31.05  ? 180 ASN A C   1 
ATOM   1235 O O   . ASN A 1 166 ? -0.911  -4.188  19.650  1.00 29.04  ? 180 ASN A O   1 
ATOM   1236 C CB  . ASN A 1 166 ? -1.641  -3.519  16.902  1.00 31.48  ? 180 ASN A CB  1 
ATOM   1237 C CG  . ASN A 1 166 ? -2.154  -2.117  17.091  1.00 31.58  ? 180 ASN A CG  1 
ATOM   1238 O OD1 . ASN A 1 166 ? -1.538  -1.274  17.720  1.00 33.05  ? 180 ASN A OD1 1 
ATOM   1239 N ND2 . ASN A 1 166 ? -3.332  -1.857  16.504  1.00 34.04  ? 180 ASN A ND2 1 
ATOM   1240 N N   . PRO A 1 167 ? 0.694   -2.597  19.428  1.00 31.29  ? 181 PRO A N   1 
ATOM   1241 C CA  . PRO A 1 167 ? 0.818   -2.411  20.904  1.00 33.92  ? 181 PRO A CA  1 
ATOM   1242 C C   . PRO A 1 167 ? -0.421  -1.788  21.585  1.00 33.37  ? 181 PRO A C   1 
ATOM   1243 O O   . PRO A 1 167 ? -0.568  -1.920  22.789  1.00 34.27  ? 181 PRO A O   1 
ATOM   1244 C CB  . PRO A 1 167 ? 2.052   -1.491  21.061  1.00 35.60  ? 181 PRO A CB  1 
ATOM   1245 C CG  . PRO A 1 167 ? 2.178   -0.799  19.766  1.00 37.97  ? 181 PRO A CG  1 
ATOM   1246 C CD  . PRO A 1 167 ? 1.630   -1.718  18.690  1.00 35.25  ? 181 PRO A CD  1 
ATOM   1247 N N   . GLU A 1 168 ? -1.290  -1.148  20.815  1.00 34.51  ? 182 GLU A N   1 
ATOM   1248 C CA  . GLU A 1 168 ? -2.585  -0.660  21.312  1.00 39.23  ? 182 GLU A CA  1 
ATOM   1249 C C   . GLU A 1 168 ? -3.492  -1.780  21.858  1.00 38.32  ? 182 GLU A C   1 
ATOM   1250 O O   . GLU A 1 168 ? -4.152  -1.554  22.896  1.00 35.57  ? 182 GLU A O   1 
ATOM   1251 C CB  . GLU A 1 168 ? -3.378  0.040   20.202  1.00 45.28  ? 182 GLU A CB  1 
ATOM   1252 C CG  . GLU A 1 168 ? -2.774  1.348   19.707  1.00 49.98  ? 182 GLU A CG  1 
ATOM   1253 C CD  . GLU A 1 168 ? -2.858  2.463   20.720  1.00 55.60  ? 182 GLU A CD  1 
ATOM   1254 O OE1 . GLU A 1 168 ? -3.972  2.715   21.302  1.00 53.14  ? 182 GLU A OE1 1 
ATOM   1255 O OE2 . GLU A 1 168 ? -1.792  3.089   20.919  1.00 62.63  ? 182 GLU A OE2 1 
ATOM   1256 N N   . ASP A 1 169 ? -3.554  -2.927  21.151  1.00 34.06  ? 183 ASP A N   1 
ATOM   1257 C CA  . ASP A 1 169 ? -4.450  -4.051  21.471  1.00 32.42  ? 183 ASP A CA  1 
ATOM   1258 C C   . ASP A 1 169 ? -3.866  -5.475  21.538  1.00 32.16  ? 183 ASP A C   1 
ATOM   1259 O O   . ASP A 1 169 ? -4.570  -6.428  21.914  1.00 31.71  ? 183 ASP A O   1 
ATOM   1260 C CB  . ASP A 1 169 ? -5.718  -4.024  20.611  1.00 31.73  ? 183 ASP A CB  1 
ATOM   1261 C CG  . ASP A 1 169 ? -5.452  -4.285  19.120  1.00 37.65  ? 183 ASP A CG  1 
ATOM   1262 O OD1 . ASP A 1 169 ? -4.311  -4.650  18.745  1.00 35.80  ? 183 ASP A OD1 1 
ATOM   1263 O OD2 . ASP A 1 169 ? -6.418  -4.163  18.328  1.00 42.44  ? 183 ASP A OD2 1 
ATOM   1264 N N   . GLY A 1 170 ? -2.596  -5.649  21.197  1.00 31.58  ? 184 GLY A N   1 
ATOM   1265 C CA  . GLY A 1 170 ? -1.954  -6.980  21.179  1.00 30.10  ? 184 GLY A CA  1 
ATOM   1266 C C   . GLY A 1 170 ? -2.296  -7.945  20.053  1.00 32.31  ? 184 GLY A C   1 
ATOM   1267 O O   . GLY A 1 170 ? -1.899  -9.147  20.090  1.00 30.06  ? 184 GLY A O   1 
ATOM   1268 N N   . VAL A 1 171 ? -3.002  -7.444  19.040  1.00 30.86  ? 185 VAL A N   1 
ATOM   1269 C CA  . VAL A 1 171 ? -3.391  -8.248  17.884  1.00 31.83  ? 185 VAL A CA  1 
ATOM   1270 C C   . VAL A 1 171 ? -2.201  -8.398  16.937  1.00 36.19  ? 185 VAL A C   1 
ATOM   1271 O O   . VAL A 1 171 ? -1.530  -7.399  16.629  1.00 29.36  ? 185 VAL A O   1 
ATOM   1272 C CB  . VAL A 1 171 ? -4.577  -7.611  17.139  1.00 33.92  ? 185 VAL A CB  1 
ATOM   1273 C CG1 . VAL A 1 171 ? -4.912  -8.405  15.877  1.00 35.70  ? 185 VAL A CG1 1 
ATOM   1274 C CG2 . VAL A 1 171 ? -5.804  -7.563  18.069  1.00 37.54  ? 185 VAL A CG2 1 
ATOM   1275 N N   . THR A 1 172 ? -1.963  -9.631  16.491  1.00 35.28  ? 186 THR A N   1 
ATOM   1276 C CA  . THR A 1 172 ? -0.874  -9.927  15.548  1.00 35.38  ? 186 THR A CA  1 
ATOM   1277 C C   . THR A 1 172 ? -1.411  -10.108 14.119  1.00 36.80  ? 186 THR A C   1 
ATOM   1278 O O   . THR A 1 172 ? -2.424  -10.753 13.902  1.00 37.15  ? 186 THR A O   1 
ATOM   1279 C CB  . THR A 1 172 ? -0.057  -11.148 15.999  1.00 37.76  ? 186 THR A CB  1 
ATOM   1280 O OG1 . THR A 1 172 ? 0.443   -10.904 17.320  1.00 36.12  ? 186 THR A OG1 1 
ATOM   1281 C CG2 . THR A 1 172 ? 1.141   -11.401 15.063  1.00 40.16  ? 186 THR A CG2 1 
ATOM   1282 N N   . TYR A 1 173 ? -0.731  -9.490  13.158  1.00 32.14  ? 187 TYR A N   1 
ATOM   1283 C CA  . TYR A 1 173 ? -1.052  -9.619  11.741  1.00 31.83  ? 187 TYR A CA  1 
ATOM   1284 C C   . TYR A 1 173 ? 0.141   -10.254 11.013  1.00 32.75  ? 187 TYR A C   1 
ATOM   1285 O O   . TYR A 1 173 ? 1.297   -9.963  11.352  1.00 32.24  ? 187 TYR A O   1 
ATOM   1286 C CB  . TYR A 1 173 ? -1.316  -8.246  11.148  1.00 32.42  ? 187 TYR A CB  1 
ATOM   1287 C CG  . TYR A 1 173 ? -2.481  -7.478  11.766  1.00 32.61  ? 187 TYR A CG  1 
ATOM   1288 C CD1 . TYR A 1 173 ? -3.769  -7.606  11.263  1.00 32.99  ? 187 TYR A CD1 1 
ATOM   1289 C CD2 . TYR A 1 173 ? -2.282  -6.625  12.862  1.00 33.05  ? 187 TYR A CD2 1 
ATOM   1290 C CE1 . TYR A 1 173 ? -4.835  -6.909  11.826  1.00 33.84  ? 187 TYR A CE1 1 
ATOM   1291 C CE2 . TYR A 1 173 ? -3.326  -5.906  13.428  1.00 35.26  ? 187 TYR A CE2 1 
ATOM   1292 C CZ  . TYR A 1 173 ? -4.613  -6.055  12.925  1.00 35.75  ? 187 TYR A CZ  1 
ATOM   1293 O OH  . TYR A 1 173 ? -5.650  -5.327  13.504  1.00 34.16  ? 187 TYR A OH  1 
ATOM   1294 N N   . GLN A 1 174 ? -0.157  -11.099 10.019  1.00 30.55  ? 188 GLN A N   1 
ATOM   1295 C CA  . GLN A 1 174 ? 0.846   -11.701 9.124   1.00 32.14  ? 188 GLN A CA  1 
ATOM   1296 C C   . GLN A 1 174 ? 0.867   -10.937 7.807   1.00 30.55  ? 188 GLN A C   1 
ATOM   1297 O O   . GLN A 1 174 ? -0.172  -10.726 7.218   1.00 28.61  ? 188 GLN A O   1 
ATOM   1298 C CB  . GLN A 1 174 ? 0.528   -13.192 8.858   1.00 35.19  ? 188 GLN A CB  1 
ATOM   1299 C CG  . GLN A 1 174 ? 0.772   -14.091 10.074  1.00 41.98  ? 188 GLN A CG  1 
ATOM   1300 C CD  . GLN A 1 174 ? 0.638   -15.584 9.761   1.00 47.71  ? 188 GLN A CD  1 
ATOM   1301 O OE1 . GLN A 1 174 ? 0.208   -15.988 8.670   1.00 54.82  ? 188 GLN A OE1 1 
ATOM   1302 N NE2 . GLN A 1 174 ? 1.027   -16.408 10.716  1.00 52.55  ? 188 GLN A NE2 1 
ATOM   1303 N N   . ILE A 1 175 ? 2.049   -10.506 7.370   1.00 27.63  ? 189 ILE A N   1 
ATOM   1304 C CA  . ILE A 1 175 ? 2.168   -9.727  6.141   1.00 27.61  ? 189 ILE A CA  1 
ATOM   1305 C C   . ILE A 1 175 ? 3.159   -10.500 5.251   1.00 27.34  ? 189 ILE A C   1 
ATOM   1306 O O   . ILE A 1 175 ? 4.255   -10.829 5.711   1.00 27.87  ? 189 ILE A O   1 
ATOM   1307 C CB  . ILE A 1 175 ? 2.688   -8.290  6.408   1.00 28.91  ? 189 ILE A CB  1 
ATOM   1308 C CG1 . ILE A 1 175 ? 1.870   -7.629  7.538   1.00 29.60  ? 189 ILE A CG1 1 
ATOM   1309 C CG2 . ILE A 1 175 ? 2.578   -7.435  5.154   1.00 29.01  ? 189 ILE A CG2 1 
ATOM   1310 C CD1 . ILE A 1 175 ? 2.358   -6.228  7.916   1.00 30.78  ? 189 ILE A CD1 1 
ATOM   1311 N N   . LYS A 1 176 ? 2.765   -10.802 4.020   1.00 27.92  ? 190 LYS A N   1 
ATOM   1312 C CA  . LYS A 1 176 ? 3.647   -11.619 3.162   1.00 30.74  ? 190 LYS A CA  1 
ATOM   1313 C C   . LYS A 1 176 ? 3.539   -11.287 1.686   1.00 28.74  ? 190 LYS A C   1 
ATOM   1314 O O   . LYS A 1 176 ? 2.766   -10.412 1.281   1.00 25.70  ? 190 LYS A O   1 
ATOM   1315 C CB  . LYS A 1 176 ? 3.336   -13.105 3.413   1.00 34.65  ? 190 LYS A CB  1 
ATOM   1316 C CG  . LYS A 1 176 ? 1.977   -13.530 2.952   1.00 36.61  ? 190 LYS A CG  1 
ATOM   1317 C CD  . LYS A 1 176 ? 1.542   -14.901 3.513   1.00 41.59  ? 190 LYS A CD  1 
ATOM   1318 C CE  . LYS A 1 176 ? 0.244   -15.317 2.838   1.00 46.24  ? 190 LYS A CE  1 
ATOM   1319 N NZ  . LYS A 1 176 ? -0.206  -16.709 3.147   1.00 51.09  ? 190 LYS A NZ  1 
ATOM   1320 N N   . GLY A 1 177 ? 4.374   -11.947 0.866   1.00 28.14  ? 191 GLY A N   1 
ATOM   1321 C CA  . GLY A 1 177 ? 4.234   -11.841 -0.602  1.00 27.11  ? 191 GLY A CA  1 
ATOM   1322 C C   . GLY A 1 177 ? 4.491   -10.438 -1.153  1.00 25.79  ? 191 GLY A C   1 
ATOM   1323 O O   . GLY A 1 177 ? 5.360   -9.722  -0.626  1.00 24.15  ? 191 GLY A O   1 
ATOM   1324 N N   . MET A 1 178 ? 3.759   -10.080 -2.215  1.00 24.19  ? 192 MET A N   1 
ATOM   1325 C CA  . MET A 1 178 ? 3.935   -8.780  -2.905  1.00 25.67  ? 192 MET A CA  1 
ATOM   1326 C C   . MET A 1 178 ? 3.762   -7.628  -1.917  1.00 23.51  ? 192 MET A C   1 
ATOM   1327 O O   . MET A 1 178 ? 4.512   -6.640  -1.937  1.00 21.86  ? 192 MET A O   1 
ATOM   1328 C CB  . MET A 1 178 ? 2.939   -8.618  -4.033  1.00 26.31  ? 192 MET A CB  1 
ATOM   1329 C CG  . MET A 1 178 ? 3.079   -7.342  -4.865  1.00 27.47  ? 192 MET A CG  1 
ATOM   1330 S SD  . MET A 1 178 ? 1.690   -7.076  -6.033  1.00 29.71  ? 192 MET A SD  1 
ATOM   1331 C CE  . MET A 1 178 ? 0.339   -6.655  -4.913  1.00 32.61  ? 192 MET A CE  1 
ATOM   1332 N N   . THR A 1 179 ? 2.757   -7.765  -1.073  1.00 23.37  ? 193 THR A N   1 
ATOM   1333 C CA  . THR A 1 179 ? 2.473   -6.732  -0.031  1.00 23.29  ? 193 THR A CA  1 
ATOM   1334 C C   . THR A 1 179 ? 3.692   -6.472  0.861   1.00 24.26  ? 193 THR A C   1 
ATOM   1335 O O   . THR A 1 179 ? 4.092   -5.305  1.047   1.00 22.12  ? 193 THR A O   1 
ATOM   1336 C CB  . THR A 1 179 ? 1.241   -7.168  0.787   1.00 25.56  ? 193 THR A CB  1 
ATOM   1337 O OG1 . THR A 1 179 ? 0.123   -7.271  -0.115  1.00 24.76  ? 193 THR A OG1 1 
ATOM   1338 C CG2 . THR A 1 179 ? 0.918   -6.106  1.857   1.00 25.96  ? 193 THR A CG2 1 
ATOM   1339 N N   . ALA A 1 180 ? 4.285   -7.531  1.419   1.00 22.21  ? 194 ALA A N   1 
ATOM   1340 C CA  . ALA A 1 180 ? 5.521   -7.388  2.229   1.00 23.52  ? 194 ALA A CA  1 
ATOM   1341 C C   . ALA A 1 180 ? 6.691   -6.827  1.446   1.00 23.42  ? 194 ALA A C   1 
ATOM   1342 O O   . ALA A 1 180 ? 7.453   -5.960  1.956   1.00 22.96  ? 194 ALA A O   1 
ATOM   1343 C CB  . ALA A 1 180 ? 5.930   -8.701  2.888   1.00 23.67  ? 194 ALA A CB  1 
ATOM   1344 N N   . ASN A 1 181 ? 6.862   -7.294  0.202   1.00 23.60  ? 195 ASN A N   1 
ATOM   1345 C CA  . ASN A 1 181 ? 7.940   -6.771  -0.650  1.00 23.56  ? 195 ASN A CA  1 
ATOM   1346 C C   . ASN A 1 181 ? 7.838   -5.279  -0.915  1.00 21.14  ? 195 ASN A C   1 
ATOM   1347 O O   . ASN A 1 181 ? 8.859   -4.571  -0.841  1.00 22.34  ? 195 ASN A O   1 
ATOM   1348 C CB  . ASN A 1 181 ? 8.074   -7.563  -1.974  1.00 25.46  ? 195 ASN A CB  1 
ATOM   1349 C CG  . ASN A 1 181 ? 8.747   -8.926  -1.748  1.00 28.80  ? 195 ASN A CG  1 
ATOM   1350 O OD1 . ASN A 1 181 ? 9.955   -9.078  -1.996  1.00 39.94  ? 195 ASN A OD1 1 
ATOM   1351 N ND2 . ASN A 1 181 ? 8.025   -9.864  -1.184  1.00 33.32  ? 195 ASN A ND2 1 
ATOM   1352 N N   . LEU A 1 182 ? 6.631   -4.799  -1.220  1.00 19.91  ? 196 LEU A N   1 
ATOM   1353 C CA  . LEU A 1 182 ? 6.428   -3.369  -1.507  1.00 20.86  ? 196 LEU A CA  1 
ATOM   1354 C C   . LEU A 1 182 ? 6.625   -2.495  -0.254  1.00 20.75  ? 196 LEU A C   1 
ATOM   1355 O O   . LEU A 1 182 ? 7.184   -1.356  -0.341  1.00 20.13  ? 196 LEU A O   1 
ATOM   1356 C CB  . LEU A 1 182 ? 5.062   -3.114  -2.129  1.00 22.82  ? 196 LEU A CB  1 
ATOM   1357 C CG  . LEU A 1 182 ? 4.853   -3.578  -3.586  1.00 23.12  ? 196 LEU A CG  1 
ATOM   1358 C CD1 . LEU A 1 182 ? 3.380   -3.520  -3.980  1.00 25.01  ? 196 LEU A CD1 1 
ATOM   1359 C CD2 . LEU A 1 182 ? 5.727   -2.779  -4.552  1.00 26.32  ? 196 LEU A CD2 1 
ATOM   1360 N N   . ALA A 1 183 ? 6.223   -3.036  0.893   1.00 22.07  ? 197 ALA A N   1 
ATOM   1361 C CA  . ALA A 1 183 ? 6.427   -2.303  2.186   1.00 22.53  ? 197 ALA A CA  1 
ATOM   1362 C C   . ALA A 1 183 ? 7.910   -2.072  2.469   1.00 21.04  ? 197 ALA A C   1 
ATOM   1363 O O   . ALA A 1 183 ? 8.330   -0.959  2.846   1.00 22.55  ? 197 ALA A O   1 
ATOM   1364 C CB  . ALA A 1 183 ? 5.751   -3.042  3.330   1.00 23.39  ? 197 ALA A CB  1 
ATOM   1365 N N   . VAL A 1 184 ? 8.724   -3.116  2.245   1.00 21.70  ? 198 VAL A N   1 
ATOM   1366 C CA  . VAL A 1 184 ? 10.171  -3.008  2.442   1.00 22.33  ? 198 VAL A CA  1 
ATOM   1367 C C   . VAL A 1 184 ? 10.767  -1.979  1.493   1.00 20.89  ? 198 VAL A C   1 
ATOM   1368 O O   . VAL A 1 184 ? 11.595  -1.138  1.885   1.00 21.14  ? 198 VAL A O   1 
ATOM   1369 C CB  . VAL A 1 184 ? 10.872  -4.392  2.303   1.00 22.94  ? 198 VAL A CB  1 
ATOM   1370 C CG1 . VAL A 1 184 ? 12.386  -4.220  2.198   1.00 24.62  ? 198 VAL A CG1 1 
ATOM   1371 C CG2 . VAL A 1 184 ? 10.513  -5.250  3.484   1.00 24.32  ? 198 VAL A CG2 1 
ATOM   1372 N N   . LEU A 1 185 ? 10.358  -2.016  0.226   1.00 21.83  ? 199 LEU A N   1 
ATOM   1373 C CA  . LEU A 1 185 ? 10.857  -1.063  -0.766  1.00 20.46  ? 199 LEU A CA  1 
ATOM   1374 C C   . LEU A 1 185 ? 10.613  0.416   -0.377  1.00 21.40  ? 199 LEU A C   1 
ATOM   1375 O O   . LEU A 1 185 ? 11.516  1.250   -0.447  1.00 20.24  ? 199 LEU A O   1 
ATOM   1376 C CB  . LEU A 1 185 ? 10.202  -1.317  -2.139  1.00 22.20  ? 199 LEU A CB  1 
ATOM   1377 C CG  . LEU A 1 185 ? 10.507  -0.334  -3.280  1.00 22.44  ? 199 LEU A CG  1 
ATOM   1378 C CD1 . LEU A 1 185 ? 11.975  -0.290  -3.634  1.00 23.65  ? 199 LEU A CD1 1 
ATOM   1379 C CD2 . LEU A 1 185 ? 9.707   -0.698  -4.516  1.00 25.32  ? 199 LEU A CD2 1 
ATOM   1380 N N   . VAL A 1 186 ? 9.381   0.715   0.055   1.00 20.50  ? 200 VAL A N   1 
ATOM   1381 C CA  . VAL A 1 186 ? 9.022   2.062   0.460   1.00 21.18  ? 200 VAL A CA  1 
ATOM   1382 C C   . VAL A 1 186 ? 9.842   2.509   1.686   1.00 20.26  ? 200 VAL A C   1 
ATOM   1383 O O   . VAL A 1 186 ? 10.343  3.643   1.729   1.00 21.22  ? 200 VAL A O   1 
ATOM   1384 C CB  . VAL A 1 186 ? 7.492   2.159   0.750   1.00 23.39  ? 200 VAL A CB  1 
ATOM   1385 C CG1 . VAL A 1 186 ? 7.151   3.499   1.385   1.00 26.96  ? 200 VAL A CG1 1 
ATOM   1386 C CG2 . VAL A 1 186 ? 6.750   2.071   -0.550  1.00 25.94  ? 200 VAL A CG2 1 
ATOM   1387 N N   . ALA A 1 187 ? 9.988   1.618   2.659   1.00 21.26  ? 201 ALA A N   1 
ATOM   1388 C CA  . ALA A 1 187 ? 10.844  1.900   3.820   1.00 22.60  ? 201 ALA A CA  1 
ATOM   1389 C C   . ALA A 1 187 ? 12.306  2.241   3.461   1.00 22.05  ? 201 ALA A C   1 
ATOM   1390 O O   . ALA A 1 187 ? 12.898  3.188   4.013   1.00 22.36  ? 201 ALA A O   1 
ATOM   1391 C CB  . ALA A 1 187 ? 10.773  0.761   4.801   1.00 24.10  ? 201 ALA A CB  1 
ATOM   1392 N N   . PHE A 1 188 ? 12.913  1.426   2.592   1.00 21.72  ? 202 PHE A N   1 
ATOM   1393 C CA  . PHE A 1 188 ? 14.265  1.718   2.102   1.00 22.80  ? 202 PHE A CA  1 
ATOM   1394 C C   . PHE A 1 188 ? 14.362  3.105   1.421   1.00 21.60  ? 202 PHE A C   1 
ATOM   1395 O O   . PHE A 1 188 ? 15.281  3.886   1.695   1.00 21.51  ? 202 PHE A O   1 
ATOM   1396 C CB  . PHE A 1 188 ? 14.773  0.641   1.105   1.00 22.61  ? 202 PHE A CB  1 
ATOM   1397 C CG  . PHE A 1 188 ? 15.153  -0.699  1.686   1.00 24.01  ? 202 PHE A CG  1 
ATOM   1398 C CD1 . PHE A 1 188 ? 15.278  -0.955  3.044   1.00 25.09  ? 202 PHE A CD1 1 
ATOM   1399 C CD2 . PHE A 1 188 ? 15.445  -1.752  0.790   1.00 26.40  ? 202 PHE A CD2 1 
ATOM   1400 C CE1 . PHE A 1 188 ? 15.638  -2.216  3.520   1.00 26.60  ? 202 PHE A CE1 1 
ATOM   1401 C CE2 . PHE A 1 188 ? 15.839  -3.001  1.265   1.00 28.13  ? 202 PHE A CE2 1 
ATOM   1402 C CZ  . PHE A 1 188 ? 15.928  -3.237  2.632   1.00 28.02  ? 202 PHE A CZ  1 
ATOM   1403 N N   . ILE A 1 189 ? 13.438  3.410   0.495   1.00 20.65  ? 203 ILE A N   1 
ATOM   1404 C CA  . ILE A 1 189 ? 13.462  4.647   -0.237  1.00 20.78  ? 203 ILE A CA  1 
ATOM   1405 C C   . ILE A 1 189 ? 13.423  5.863   0.694   1.00 21.76  ? 203 ILE A C   1 
ATOM   1406 O O   . ILE A 1 189 ? 14.195  6.807   0.524   1.00 22.04  ? 203 ILE A O   1 
ATOM   1407 C CB  . ILE A 1 189 ? 12.273  4.754   -1.240  1.00 20.41  ? 203 ILE A CB  1 
ATOM   1408 C CG1 . ILE A 1 189 ? 12.524  3.798   -2.415  1.00 23.39  ? 203 ILE A CG1 1 
ATOM   1409 C CG2 . ILE A 1 189 ? 12.070  6.185   -1.758  1.00 20.28  ? 203 ILE A CG2 1 
ATOM   1410 C CD1 . ILE A 1 189 ? 11.305  3.558   -3.315  1.00 24.91  ? 203 ILE A CD1 1 
ATOM   1411 N N   . ILE A 1 190 ? 12.516  5.808   1.668   1.00 21.41  ? 204 ILE A N   1 
ATOM   1412 C CA  . ILE A 1 190 ? 12.261  6.974   2.548   1.00 22.38  ? 204 ILE A CA  1 
ATOM   1413 C C   . ILE A 1 190 ? 13.230  7.098   3.739   1.00 22.03  ? 204 ILE A C   1 
ATOM   1414 O O   . ILE A 1 190 ? 13.598  8.227   4.093   1.00 24.82  ? 204 ILE A O   1 
ATOM   1415 C CB  . ILE A 1 190 ? 10.783  6.957   3.044   1.00 22.86  ? 204 ILE A CB  1 
ATOM   1416 C CG1 . ILE A 1 190 ? 9.854   7.134   1.832   1.00 23.52  ? 204 ILE A CG1 1 
ATOM   1417 C CG2 . ILE A 1 190 ? 10.541  8.030   4.101   1.00 24.36  ? 204 ILE A CG2 1 
ATOM   1418 C CD1 . ILE A 1 190 ? 8.382   7.094   2.145   1.00 25.31  ? 204 ILE A CD1 1 
ATOM   1419 N N   . LEU A 1 191 ? 13.642  5.974   4.311   1.00 22.56  ? 205 LEU A N   1 
ATOM   1420 C CA  . LEU A 1 191 ? 14.400  5.963   5.577   1.00 24.24  ? 205 LEU A CA  1 
ATOM   1421 C C   . LEU A 1 191 ? 15.913  5.700   5.469   1.00 27.78  ? 205 LEU A C   1 
ATOM   1422 O O   . LEU A 1 191 ? 16.656  5.922   6.472   1.00 26.73  ? 205 LEU A O   1 
ATOM   1423 C CB  . LEU A 1 191 ? 13.784  4.990   6.553   1.00 23.56  ? 205 LEU A CB  1 
ATOM   1424 C CG  . LEU A 1 191 ? 12.298  5.260   6.879   1.00 25.71  ? 205 LEU A CG  1 
ATOM   1425 C CD1 . LEU A 1 191 ? 11.759  4.169   7.783   1.00 25.05  ? 205 LEU A CD1 1 
ATOM   1426 C CD2 . LEU A 1 191 ? 12.129  6.627   7.510   1.00 28.26  ? 205 LEU A CD2 1 
ATOM   1427 N N   . GLU A 1 192 ? 16.390  5.200   4.329   1.00 25.66  ? 206 GLU A N   1 
ATOM   1428 C CA  . GLU A 1 192 ? 17.860  4.989   4.227   1.00 29.91  ? 206 GLU A CA  1 
ATOM   1429 C C   . GLU A 1 192 ? 18.656  6.302   4.363   1.00 30.16  ? 206 GLU A C   1 
ATOM   1430 O O   . GLU A 1 192 ? 18.212  7.399   3.972   1.00 29.86  ? 206 GLU A O   1 
ATOM   1431 C CB  . GLU A 1 192 ? 18.249  4.259   2.933   1.00 29.88  ? 206 GLU A CB  1 
ATOM   1432 C CG  . GLU A 1 192 ? 18.173  5.167   1.739   1.00 30.57  ? 206 GLU A CG  1 
ATOM   1433 C CD  . GLU A 1 192 ? 18.667  4.546   0.427   1.00 39.49  ? 206 GLU A CD  1 
ATOM   1434 O OE1 . GLU A 1 192 ? 19.383  3.510   0.462   1.00 40.49  ? 206 GLU A OE1 1 
ATOM   1435 O OE2 . GLU A 1 192 ? 18.344  5.145   -0.626  1.00 41.39  ? 206 GLU A OE2 1 
ATOM   1436 N N   . LYS A 1 193 ? 19.857  6.170   4.931   1.00 34.48  ? 207 LYS A N   1 
ATOM   1437 C CA  . LYS A 1 193 ? 20.826  7.265   5.005   1.00 37.41  ? 207 LYS A CA  1 
ATOM   1438 C C   . LYS A 1 193 ? 20.243  8.552   5.542   1.00 38.39  ? 207 LYS A C   1 
ATOM   1439 O O   . LYS A 1 193 ? 20.191  9.533   4.823   1.00 38.23  ? 207 LYS A O   1 
ATOM   1440 C CB  . LYS A 1 193 ? 21.467  7.510   3.637   1.00 44.78  ? 207 LYS A CB  1 
ATOM   1441 C CG  . LYS A 1 193 ? 22.199  6.315   3.033   1.00 50.72  ? 207 LYS A CG  1 
ATOM   1442 C CD  . LYS A 1 193 ? 22.759  6.715   1.655   1.00 57.40  ? 207 LYS A CD  1 
ATOM   1443 C CE  . LYS A 1 193 ? 22.758  5.583   0.629   1.00 62.49  ? 207 LYS A CE  1 
ATOM   1444 N NZ  . LYS A 1 193 ? 22.722  6.131   -0.767  1.00 67.35  ? 207 LYS A NZ  1 
ATOM   1445 N N   . LYS A 1 194 ? 19.768  8.530   6.788   1.00 39.58  ? 208 LYS A N   1 
ATOM   1446 C CA  . LYS A 1 194 ? 19.183  9.727   7.450   1.00 48.61  ? 208 LYS A CA  1 
ATOM   1447 C C   . LYS A 1 194 ? 19.919  10.065  8.748   1.00 48.65  ? 208 LYS A C   1 
ATOM   1448 O O   . LYS A 1 194 ? 20.080  9.175   9.600   1.00 43.01  ? 208 LYS A O   1 
ATOM   1449 C CB  . LYS A 1 194 ? 17.719  9.485   7.817   1.00 53.73  ? 208 LYS A CB  1 
ATOM   1450 C CG  . LYS A 1 194 ? 16.804  9.248   6.630   1.00 63.87  ? 208 LYS A CG  1 
ATOM   1451 C CD  . LYS A 1 194 ? 16.169  10.531  6.131   1.00 68.44  ? 208 LYS A CD  1 
ATOM   1452 C CE  . LYS A 1 194 ? 14.942  10.877  6.954   1.00 69.20  ? 208 LYS A CE  1 
ATOM   1453 N NZ  . LYS A 1 194 ? 14.300  12.120  6.482   1.00 70.74  ? 208 LYS A NZ  1 
ATOM   1454 N N   . PRO A 1 195 ? 20.331  11.349  8.926   1.00 55.33  ? 209 PRO A N   1 
ATOM   1455 C CA  . PRO A 1 195 ? 20.792  11.811  10.264  1.00 59.56  ? 209 PRO A CA  1 
ATOM   1456 C C   . PRO A 1 195 ? 19.694  11.645  11.336  1.00 62.30  ? 209 PRO A C   1 
ATOM   1457 O O   . PRO A 1 195 ? 18.516  11.818  11.017  1.00 67.84  ? 209 PRO A O   1 
ATOM   1458 C CB  . PRO A 1 195 ? 21.119  13.302  10.044  1.00 61.41  ? 209 PRO A CB  1 
ATOM   1459 C CG  . PRO A 1 195 ? 21.224  13.496  8.561   1.00 62.22  ? 209 PRO A CG  1 
ATOM   1460 C CD  . PRO A 1 195 ? 20.396  12.424  7.909   1.00 59.12  ? 209 PRO A CD  1 
ATOM   1461 N N   . THR A 1 196 ? 20.056  11.306  12.576  1.00 64.16  ? 210 THR A N   1 
ATOM   1462 C CA  . THR A 1 196 ? 19.050  11.047  13.638  1.00 66.60  ? 210 THR A CA  1 
ATOM   1463 C C   . THR A 1 196 ? 18.526  12.317  14.346  1.00 68.49  ? 210 THR A C   1 
ATOM   1464 O O   . THR A 1 196 ? 19.071  13.414  14.191  1.00 65.93  ? 210 THR A O   1 
ATOM   1465 C CB  . THR A 1 196 ? 19.581  10.055  14.697  1.00 67.90  ? 210 THR A CB  1 
ATOM   1466 O OG1 . THR A 1 196 ? 20.767  10.579  15.306  1.00 69.31  ? 210 THR A OG1 1 
ATOM   1467 C CG2 . THR A 1 196 ? 19.906  8.708   14.059  1.00 68.34  ? 210 THR A CG2 1 
HETATM 1468 C C   . ACT B 2 .   ? -3.751  -11.866 9.034   1.00 57.22  ? 301 ACT A C   1 
HETATM 1469 O O   . ACT B 2 .   ? -4.570  -10.924 9.136   1.00 60.61  ? 301 ACT A O   1 
HETATM 1470 O OXT . ACT B 2 .   ? -2.894  -12.067 9.921   1.00 46.86  ? 301 ACT A OXT 1 
HETATM 1471 C CH3 . ACT B 2 .   ? -3.813  -12.764 7.819   1.00 54.50  ? 301 ACT A CH3 1 
HETATM 1472 C C   . ACT C 2 .   ? -4.423  16.450  -2.953  1.00 68.31  ? 302 ACT A C   1 
HETATM 1473 O O   . ACT C 2 .   ? -5.439  15.941  -3.473  1.00 68.77  ? 302 ACT A O   1 
HETATM 1474 O OXT . ACT C 2 .   ? -4.269  16.468  -1.707  1.00 71.04  ? 302 ACT A OXT 1 
HETATM 1475 C CH3 . ACT C 2 .   ? -3.376  17.052  -3.844  1.00 64.92  ? 302 ACT A CH3 1 
HETATM 1476 S S   . DMS D 3 .   ? -13.535 10.133  6.089   1.00 69.24  ? 303 DMS A S   1 
HETATM 1477 O O   . DMS D 3 .   ? -12.244 10.596  6.699   1.00 40.58  ? 303 DMS A O   1 
HETATM 1478 C C1  . DMS D 3 .   ? -13.836 10.906  4.586   1.00 62.55  ? 303 DMS A C1  1 
HETATM 1479 C C2  . DMS D 3 .   ? -13.487 8.547   5.431   1.00 62.28  ? 303 DMS A C2  1 
HETATM 1480 S S   . DMS E 3 .   ? -2.364  17.329  5.421   1.00 64.06  ? 304 DMS A S   1 
HETATM 1481 O O   . DMS E 3 .   ? -2.457  16.266  6.470   1.00 44.20  ? 304 DMS A O   1 
HETATM 1482 C C1  . DMS E 3 .   ? -2.677  18.887  6.053   1.00 57.17  ? 304 DMS A C1  1 
HETATM 1483 C C2  . DMS E 3 .   ? -0.726  17.527  4.955   1.00 65.05  ? 304 DMS A C2  1 
HETATM 1484 N N1  . H2D F 4 .   ? -8.066  -4.676  -0.010  0.38 27.87  ? 305 H2D A N1  1 
HETATM 1485 C C4  . H2D F 4 .   ? -6.810  -5.721  -3.197  0.38 34.71  ? 305 H2D A C4  1 
HETATM 1486 C C5  . H2D F 4 .   ? -5.546  -5.513  -4.031  0.38 30.15  ? 305 H2D A C5  1 
HETATM 1487 C C6  . H2D F 4 .   ? -4.356  -6.323  -3.520  0.38 36.57  ? 305 H2D A C6  1 
HETATM 1488 C C7  . H2D F 4 .   ? -5.891  -5.910  -5.475  0.38 27.32  ? 305 H2D A C7  1 
HETATM 1489 C C8  . H2D F 4 .   ? -4.990  -5.318  -6.512  0.38 25.00  ? 305 H2D A C8  1 
HETATM 1490 C C10 . H2D F 4 .   ? -2.116  -6.426  -2.633  0.38 39.25  ? 305 H2D A C10 1 
HETATM 1491 C C13 . H2D F 4 .   ? -4.393  -7.714  -3.480  0.38 39.11  ? 305 H2D A C13 1 
HETATM 1492 O O1  . H2D F 4 .   ? -9.313  -5.039  0.535   0.38 35.36  ? 305 H2D A O1  1 
HETATM 1493 C C1  . H2D F 4 .   ? -10.086 -5.600  -0.418  0.38 33.17  ? 305 H2D A C1  1 
HETATM 1494 C C2  . H2D F 4 .   ? -9.367  -5.597  -1.558  0.38 33.67  ? 305 H2D A C2  1 
HETATM 1495 C C3  . H2D F 4 .   ? -8.119  -5.038  -1.265  0.38 33.65  ? 305 H2D A C3  1 
HETATM 1496 N N2  . H2D F 4 .   ? -7.063  -4.860  -2.175  0.38 31.23  ? 305 H2D A N2  1 
HETATM 1497 O O2  . H2D F 4 .   ? -7.597  -6.619  -3.489  0.38 38.75  ? 305 H2D A O2  1 
HETATM 1498 C C9  . H2D F 4 .   ? -3.193  -5.694  -3.102  0.38 37.92  ? 305 H2D A C9  1 
HETATM 1499 C C11 . H2D F 4 .   ? -2.175  -7.800  -2.595  0.38 38.88  ? 305 H2D A C11 1 
HETATM 1500 C C12 . H2D F 4 .   ? -3.309  -8.445  -3.014  0.38 37.76  ? 305 H2D A C12 1 
HETATM 1501 O O   . HOH G 5 .   ? 4.018   1.447   -21.678 1.00 32.89  ? 401 HOH A O   1 
HETATM 1502 O O   . HOH G 5 .   ? -16.474 2.997   3.741   1.00 54.56  ? 402 HOH A O   1 
HETATM 1503 O O   . HOH G 5 .   ? 12.722  13.762  7.428   1.00 55.72  ? 403 HOH A O   1 
HETATM 1504 O O   . HOH G 5 .   ? 9.857   -15.303 1.205   1.00 58.45  ? 404 HOH A O   1 
HETATM 1505 O O   . HOH G 5 .   ? 21.031  2.166   1.896   1.00 47.55  ? 405 HOH A O   1 
HETATM 1506 O O   . HOH G 5 .   ? 5.581   19.632  5.843   1.00 43.64  ? 406 HOH A O   1 
HETATM 1507 O O   . HOH G 5 .   ? -5.590  19.299  4.374   1.00 47.96  ? 407 HOH A O   1 
HETATM 1508 O O   . HOH G 5 .   ? -1.436  -1.926  -25.700 1.00 57.73  ? 408 HOH A O   1 
HETATM 1509 O O   . HOH G 5 .   ? -7.758  18.161  6.622   1.00 37.09  ? 409 HOH A O   1 
HETATM 1510 O O   . HOH G 5 .   ? -5.369  -3.978  15.721  1.00 39.92  ? 410 HOH A O   1 
HETATM 1511 O O   . HOH G 5 .   ? -0.169  -9.852  21.938  1.00 49.30  ? 411 HOH A O   1 
HETATM 1512 O O   . HOH G 5 .   ? 4.788   -10.465 -18.546 1.00 28.62  ? 412 HOH A O   1 
HETATM 1513 O O   . HOH G 5 .   ? -12.601 -2.675  -10.391 1.00 40.35  ? 413 HOH A O   1 
HETATM 1514 O O   . HOH G 5 .   ? 13.219  14.623  -5.847  1.00 41.03  ? 414 HOH A O   1 
HETATM 1515 O O   . HOH G 5 .   ? -8.266  -7.485  -18.675 1.00 46.74  ? 415 HOH A O   1 
HETATM 1516 O O   . HOH G 5 .   ? 6.510   -13.742 1.545   1.00 42.97  ? 416 HOH A O   1 
HETATM 1517 O O   . HOH G 5 .   ? -3.351  11.077  -12.836 1.00 66.34  ? 417 HOH A O   1 
HETATM 1518 O O   . HOH G 5 .   ? 16.788  -6.727  12.528  1.00 51.98  ? 418 HOH A O   1 
HETATM 1519 O O   . HOH G 5 .   ? 9.278   17.715  -1.400  1.00 40.66  ? 419 HOH A O   1 
HETATM 1520 O O   . HOH G 5 .   ? -8.788  -3.991  19.561  1.00 39.45  ? 420 HOH A O   1 
HETATM 1521 O O   . HOH G 5 .   ? 0.518   -9.707  -1.172  1.00 27.49  ? 421 HOH A O   1 
HETATM 1522 O O   . HOH G 5 .   ? 10.577  11.693  5.897   1.00 38.39  ? 422 HOH A O   1 
HETATM 1523 O O   . HOH G 5 .   ? -8.290  -8.452  12.257  1.00 59.49  ? 423 HOH A O   1 
HETATM 1524 O O   . HOH G 5 .   ? -16.855 1.961   -11.794 1.00 34.86  ? 424 HOH A O   1 
HETATM 1525 O O   . HOH G 5 .   ? -9.688  -4.106  -17.072 1.00 48.64  ? 425 HOH A O   1 
HETATM 1526 O O   . HOH G 5 .   ? -13.143 -2.908  -3.826  1.00 70.28  ? 426 HOH A O   1 
HETATM 1527 O O   . HOH G 5 .   ? 16.415  6.936   -1.218  1.00 29.29  ? 427 HOH A O   1 
HETATM 1528 O O   . HOH G 5 .   ? 13.407  -0.066  12.713  1.00 42.90  ? 428 HOH A O   1 
HETATM 1529 O O   . HOH G 5 .   ? -17.866 -9.653  3.747   1.00 60.84  ? 429 HOH A O   1 
HETATM 1530 O O   . HOH G 5 .   ? -17.967 -11.931 -1.010  1.00 89.68  ? 430 HOH A O   1 
HETATM 1531 O O   . HOH G 5 .   ? 3.845   9.049   -11.745 1.00 49.51  ? 431 HOH A O   1 
HETATM 1532 O O   . HOH G 5 .   ? 14.357  -5.158  5.947   1.00 34.77  ? 432 HOH A O   1 
HETATM 1533 O O   . HOH G 5 .   ? 0.995   2.977   -15.023 1.00 56.14  ? 433 HOH A O   1 
HETATM 1534 O O   . HOH G 5 .   ? 12.364  -7.822  -2.154  1.00 30.04  ? 434 HOH A O   1 
HETATM 1535 O O   . HOH G 5 .   ? -16.009 8.484   2.310   1.00 48.84  ? 435 HOH A O   1 
HETATM 1536 O O   . HOH G 5 .   ? 14.772  -8.156  11.408  1.00 51.86  ? 436 HOH A O   1 
HETATM 1537 O O   . HOH G 5 .   ? -15.328 -4.414  8.223   1.00 38.63  ? 437 HOH A O   1 
HETATM 1538 O O   . HOH G 5 .   ? -0.075  -10.484 2.956   1.00 28.95  ? 438 HOH A O   1 
HETATM 1539 O O   . HOH G 5 .   ? 9.275   17.467  10.028  1.00 43.48  ? 439 HOH A O   1 
HETATM 1540 O O   . HOH G 5 .   ? -0.511  16.347  0.777   1.00 40.35  ? 440 HOH A O   1 
HETATM 1541 O O   . HOH G 5 .   ? -3.839  -0.676  -13.396 1.00 27.62  ? 441 HOH A O   1 
HETATM 1542 O O   . HOH G 5 .   ? -11.953 6.343   -11.891 1.00 32.51  ? 442 HOH A O   1 
HETATM 1543 O O   . HOH G 5 .   ? -5.408  9.544   8.820   1.00 50.82  ? 443 HOH A O   1 
HETATM 1544 O O   . HOH G 5 .   ? -4.628  -3.969  -21.439 1.00 33.45  ? 444 HOH A O   1 
HETATM 1545 O O   . HOH G 5 .   ? 17.937  7.846   10.708  1.00 38.10  ? 445 HOH A O   1 
HETATM 1546 O O   . HOH G 5 .   ? -14.599 6.237   -12.066 1.00 38.24  ? 446 HOH A O   1 
HETATM 1547 O O   . HOH G 5 .   ? -9.453  7.724   -3.141  1.00 34.94  ? 447 HOH A O   1 
HETATM 1548 O O   . HOH G 5 .   ? 15.887  9.533   -10.506 1.00 53.38  ? 448 HOH A O   1 
HETATM 1549 O O   . HOH G 5 .   ? -21.101 -3.002  2.491   1.00 59.95  ? 449 HOH A O   1 
HETATM 1550 O O   . HOH G 5 .   ? 11.934  5.377   -15.852 1.00 67.13  ? 450 HOH A O   1 
HETATM 1551 O O   . HOH G 5 .   ? -0.879  11.923  7.610   1.00 35.13  ? 451 HOH A O   1 
HETATM 1552 O O   . HOH G 5 .   ? -1.733  -1.661  14.035  1.00 46.63  ? 452 HOH A O   1 
HETATM 1553 O O   . HOH G 5 .   ? 22.457  8.186   10.659  1.00 31.23  ? 453 HOH A O   1 
HETATM 1554 O O   . HOH G 5 .   ? 10.923  -3.471  14.418  1.00 45.27  ? 454 HOH A O   1 
HETATM 1555 O O   . HOH G 5 .   ? 4.162   2.843   -15.888 1.00 39.61  ? 455 HOH A O   1 
HETATM 1556 O O   . HOH G 5 .   ? -15.888 -8.273  6.590   1.00 46.35  ? 456 HOH A O   1 
HETATM 1557 O O   . HOH G 5 .   ? -9.703  2.612   -18.296 1.00 30.35  ? 457 HOH A O   1 
HETATM 1558 O O   . HOH G 5 .   ? 18.037  -3.373  8.415   1.00 51.86  ? 458 HOH A O   1 
HETATM 1559 O O   . HOH G 5 .   ? 13.100  -12.016 12.711  1.00 46.99  ? 459 HOH A O   1 
HETATM 1560 O O   . HOH G 5 .   ? 7.398   3.482   -22.741 1.00 36.80  ? 460 HOH A O   1 
HETATM 1561 O O   . HOH G 5 .   ? 12.767  10.916  4.021   1.00 34.37  ? 461 HOH A O   1 
HETATM 1562 O O   . HOH G 5 .   ? -15.080 10.680  -5.563  1.00 60.20  ? 462 HOH A O   1 
HETATM 1563 O O   . HOH G 5 .   ? -10.649 7.474   -9.616  1.00 29.51  ? 463 HOH A O   1 
HETATM 1564 O O   . HOH G 5 .   ? 4.995   -9.820  16.235  1.00 49.46  ? 464 HOH A O   1 
HETATM 1565 O O   . HOH G 5 .   ? 12.289  9.856   -11.297 1.00 54.57  ? 465 HOH A O   1 
HETATM 1566 O O   . HOH G 5 .   ? -5.945  10.250  -12.309 1.00 43.20  ? 466 HOH A O   1 
HETATM 1567 O O   . HOH G 5 .   ? -1.825  9.766   -16.758 1.00 48.73  ? 467 HOH A O   1 
HETATM 1568 O O   . HOH G 5 .   ? 5.077   14.277  -7.357  1.00 48.93  ? 468 HOH A O   1 
HETATM 1569 O O   . HOH G 5 .   ? -2.751  14.492  1.520   1.00 34.01  ? 469 HOH A O   1 
HETATM 1570 O O   . HOH G 5 .   ? 6.444   17.626  7.315   1.00 38.68  ? 470 HOH A O   1 
HETATM 1571 O O   . HOH G 5 .   ? -2.184  -9.076  -24.856 1.00 40.26  ? 471 HOH A O   1 
HETATM 1572 O O   . HOH G 5 .   ? -1.502  -1.850  -14.263 1.00 22.69  ? 472 HOH A O   1 
HETATM 1573 O O   . HOH G 5 .   ? 14.611  14.117  0.912   1.00 49.23  ? 473 HOH A O   1 
HETATM 1574 O O   . HOH G 5 .   ? -6.156  12.951  -5.464  1.00 41.54  ? 474 HOH A O   1 
HETATM 1575 O O   . HOH G 5 .   ? -1.608  -11.961 5.039   1.00 33.66  ? 475 HOH A O   1 
HETATM 1576 O O   . HOH G 5 .   ? 2.607   0.772   -15.020 1.00 46.85  ? 476 HOH A O   1 
HETATM 1577 O O   . HOH G 5 .   ? -0.143  -16.000 -21.093 1.00 46.33  ? 477 HOH A O   1 
HETATM 1578 O O   . HOH G 5 .   ? 7.757   -8.278  -11.450 1.00 33.44  ? 478 HOH A O   1 
HETATM 1579 O O   . HOH G 5 .   ? 4.934   -0.552  16.787  1.00 39.60  ? 479 HOH A O   1 
HETATM 1580 O O   . HOH G 5 .   ? -15.176 4.630   -5.592  1.00 38.09  ? 480 HOH A O   1 
HETATM 1581 O O   . HOH G 5 .   ? -2.648  3.586   -19.074 1.00 56.44  ? 481 HOH A O   1 
HETATM 1582 O O   . HOH G 5 .   ? 0.235   -2.057  -18.768 1.00 28.17  ? 482 HOH A O   1 
HETATM 1583 O O   . HOH G 5 .   ? -10.977 -5.674  -8.525  1.00 35.88  ? 483 HOH A O   1 
HETATM 1584 O O   . HOH G 5 .   ? 8.581   4.381   13.885  1.00 35.93  ? 484 HOH A O   1 
HETATM 1585 O O   . HOH G 5 .   ? 15.738  7.058   9.014   1.00 32.00  ? 485 HOH A O   1 
HETATM 1586 O O   . HOH G 5 .   ? -3.343  13.182  -6.098  1.00 37.56  ? 486 HOH A O   1 
HETATM 1587 O O   . HOH G 5 .   ? 6.261   -10.215 -9.349  1.00 63.26  ? 487 HOH A O   1 
HETATM 1588 O O   . HOH G 5 .   ? -10.630 15.003  11.871  1.00 74.86  ? 488 HOH A O   1 
HETATM 1589 O O   . HOH G 5 .   ? 8.167   -12.749 -0.499  1.00 43.94  ? 489 HOH A O   1 
HETATM 1590 O O   . HOH G 5 .   ? -1.898  4.969   -16.692 1.00 34.67  ? 490 HOH A O   1 
HETATM 1591 O O   . HOH G 5 .   ? -9.807  15.091  5.590   1.00 39.68  ? 491 HOH A O   1 
HETATM 1592 O O   . HOH G 5 .   ? 8.262   4.822   11.142  1.00 27.88  ? 492 HOH A O   1 
HETATM 1593 O O   . HOH G 5 .   ? -2.149  -13.441 12.463  1.00 63.19  ? 493 HOH A O   1 
HETATM 1594 O O   . HOH G 5 .   ? -7.243  -4.976  -17.822 1.00 33.31  ? 494 HOH A O   1 
HETATM 1595 O O   . HOH G 5 .   ? -7.480  -10.564 -14.629 1.00 52.53  ? 495 HOH A O   1 
HETATM 1596 O O   . HOH G 5 .   ? -13.026 -4.188  -14.610 1.00 48.39  ? 496 HOH A O   1 
HETATM 1597 O O   . HOH G 5 .   ? 2.064   -12.214 -3.445  1.00 34.69  ? 497 HOH A O   1 
HETATM 1598 O O   . HOH G 5 .   ? 3.640   -15.403 0.176   1.00 58.19  ? 498 HOH A O   1 
HETATM 1599 O O   . HOH G 5 .   ? -7.915  5.443   9.796   1.00 52.16  ? 499 HOH A O   1 
HETATM 1600 O O   . HOH G 5 .   ? -14.931 -11.156 6.830   1.00 49.17  ? 500 HOH A O   1 
HETATM 1601 O O   . HOH G 5 .   ? -16.878 -0.195  9.462   1.00 48.70  ? 501 HOH A O   1 
HETATM 1602 O O   . HOH G 5 .   ? -3.553  -11.932 17.592  1.00 48.59  ? 502 HOH A O   1 
HETATM 1603 O O   . HOH G 5 .   ? -1.575  7.038   -13.704 1.00 28.78  ? 503 HOH A O   1 
HETATM 1604 O O   . HOH G 5 .   ? 2.864   3.738   16.089  1.00 55.12  ? 504 HOH A O   1 
HETATM 1605 O O   . HOH G 5 .   ? 5.590   -6.318  16.404  1.00 37.19  ? 505 HOH A O   1 
HETATM 1606 O O   . HOH G 5 .   ? 4.019   -15.176 -11.449 1.00 48.60  ? 506 HOH A O   1 
HETATM 1607 O O   . HOH G 5 .   ? -14.687 11.314  11.006  1.00 61.94  ? 507 HOH A O   1 
HETATM 1608 O O   . HOH G 5 .   ? 7.471   -12.357 -12.485 1.00 40.01  ? 508 HOH A O   1 
HETATM 1609 O O   . HOH G 5 .   ? -4.919  15.898  1.555   1.00 47.55  ? 509 HOH A O   1 
HETATM 1610 O O   . HOH G 5 .   ? 0.414   -13.362 -21.894 1.00 36.26  ? 510 HOH A O   1 
HETATM 1611 O O   . HOH G 5 .   ? -12.817 14.271  -3.118  1.00 59.22  ? 511 HOH A O   1 
HETATM 1612 O O   . HOH G 5 .   ? -16.906 3.061   1.073   1.00 42.24  ? 512 HOH A O   1 
HETATM 1613 O O   . HOH G 5 .   ? 9.292   8.013   9.917   1.00 29.07  ? 513 HOH A O   1 
HETATM 1614 O O   . HOH G 5 .   ? -3.298  -1.582  -22.082 1.00 46.82  ? 514 HOH A O   1 
HETATM 1615 O O   . HOH G 5 .   ? -7.281  17.924  13.804  1.00 49.79  ? 515 HOH A O   1 
HETATM 1616 O O   . HOH G 5 .   ? -4.086  0.593   13.620  1.00 25.58  ? 516 HOH A O   1 
HETATM 1617 O O   . HOH G 5 .   ? -4.390  5.836   -19.612 1.00 51.49  ? 517 HOH A O   1 
HETATM 1618 O O   . HOH G 5 .   ? -12.250 8.122   -7.405  1.00 54.86  ? 518 HOH A O   1 
HETATM 1619 O O   . HOH G 5 .   ? 15.008  12.675  3.409   1.00 59.36  ? 519 HOH A O   1 
HETATM 1620 O O   . HOH G 5 .   ? -1.813  -10.573 -21.839 1.00 49.59  ? 520 HOH A O   1 
HETATM 1621 O O   . HOH G 5 .   ? -15.553 1.011   -7.380  1.00 52.80  ? 521 HOH A O   1 
HETATM 1622 O O   . HOH G 5 .   ? -6.888  -0.775  -19.204 1.00 59.62  ? 522 HOH A O   1 
HETATM 1623 O O   . HOH G 5 .   ? -15.180 14.090  -2.213  1.00 67.35  ? 523 HOH A O   1 
HETATM 1624 O O   . HOH G 5 .   ? -10.903 -1.489  -18.648 1.00 44.16  ? 524 HOH A O   1 
HETATM 1625 O O   . HOH G 5 .   ? -5.326  15.059  13.307  1.00 54.76  ? 525 HOH A O   1 
HETATM 1626 O O   . HOH G 5 .   ? 17.806  7.996   -5.595  1.00 45.11  ? 526 HOH A O   1 
HETATM 1627 O O   . HOH G 5 .   ? 4.514   2.372   17.509  1.00 50.72  ? 527 HOH A O   1 
HETATM 1628 O O   . HOH G 5 .   ? 17.105  -4.005  6.346   1.00 48.89  ? 528 HOH A O   1 
HETATM 1629 O O   . HOH G 5 .   ? -1.845  -14.637 5.314   1.00 60.11  ? 529 HOH A O   1 
HETATM 1630 O O   . HOH G 5 .   ? 23.264  10.172  12.247  1.00 51.80  ? 530 HOH A O   1 
HETATM 1631 O O   . HOH G 5 .   ? -14.315 -3.322  10.459  1.00 38.38  ? 531 HOH A O   1 
HETATM 1632 O O   . HOH G 5 .   ? 11.439  16.645  -5.629  1.00 52.80  ? 532 HOH A O   1 
HETATM 1633 O O   . HOH G 5 .   ? -4.104  0.541   -20.838 1.00 62.46  ? 533 HOH A O   1 
HETATM 1634 O O   . HOH G 5 .   ? -14.617 7.158   -7.333  1.00 57.49  ? 534 HOH A O   1 
HETATM 1635 O O   . HOH G 5 .   ? -1.221  -5.706  24.517  1.00 55.28  ? 535 HOH A O   1 
HETATM 1636 O O   . HOH G 5 .   ? 20.014  -5.861  12.040  1.00 54.79  ? 536 HOH A O   1 
HETATM 1637 O O   . HOH G 5 .   ? 0.845   5.668   -14.772 1.00 43.38  ? 537 HOH A O   1 
HETATM 1638 O O   . HOH G 5 .   ? -16.914 4.692   -3.565  1.00 47.01  ? 538 HOH A O   1 
HETATM 1639 O O   . HOH G 5 .   ? -6.640  -3.273  -20.021 1.00 47.48  ? 539 HOH A O   1 
HETATM 1640 O O   . HOH G 5 .   ? 24.318  9.572   14.616  1.00 45.64  ? 540 HOH A O   1 
HETATM 1641 O O   . HOH G 5 .   ? -9.885  20.031  0.301   1.00 47.90  ? 541 HOH A O   1 
HETATM 1642 O O   . HOH G 5 .   ? 15.817  13.700  -1.730  1.00 46.42  ? 542 HOH A O   1 
HETATM 1643 O O   . HOH G 5 .   ? -10.518 -8.580  -9.265  1.00 60.41  ? 543 HOH A O   1 
HETATM 1644 O O   . HOH G 5 .   ? -0.366  7.104   -17.065 1.00 58.72  ? 544 HOH A O   1 
HETATM 1645 O O   . HOH G 5 .   ? 8.813   1.005   14.760  1.00 49.58  ? 545 HOH A O   1 
HETATM 1646 O O   . HOH G 5 .   ? 13.956  9.292   9.213   1.00 57.45  ? 546 HOH A O   1 
HETATM 1647 O O   . HOH G 5 .   ? 13.039  14.041  -8.478  1.00 56.32  ? 547 HOH A O   1 
HETATM 1648 O O   . HOH G 5 .   ? -19.274 0.899   3.681   1.00 63.70  ? 548 HOH A O   1 
HETATM 1649 O O   . HOH G 5 .   ? -12.486 -6.570  -17.087 1.00 73.76  ? 549 HOH A O   1 
HETATM 1650 O O   . HOH G 5 .   ? 1.863   9.490   -10.287 1.00 45.68  ? 550 HOH A O   1 
HETATM 1651 O O   . HOH G 5 .   ? 5.011   -15.232 -2.484  1.00 69.53  ? 551 HOH A O   1 
HETATM 1652 O O   . HOH G 5 .   ? -0.351  9.311   -12.283 1.00 52.52  ? 552 HOH A O   1 
HETATM 1653 O O   . HOH G 5 .   ? 7.412   -0.946  15.035  1.00 39.98  ? 553 HOH A O   1 
HETATM 1654 O O   . HOH G 5 .   ? 10.614  10.224  8.325   1.00 46.22  ? 554 HOH A O   1 
HETATM 1655 O O   . HOH G 5 .   ? -16.748 3.321   -7.358  1.00 40.82  ? 555 HOH A O   1 
HETATM 1656 O O   . HOH G 5 .   ? -4.338  -14.129 -4.715  1.00 72.57  ? 556 HOH A O   1 
HETATM 1657 O O   . HOH G 5 .   ? 11.026  5.226   14.382  1.00 47.99  ? 557 HOH A O   1 
HETATM 1658 O O   . HOH G 5 .   ? 8.877   -12.641 -10.070 1.00 59.91  ? 558 HOH A O   1 
HETATM 1659 O O   . HOH G 5 .   ? -4.015  -9.295  -8.803  1.00 71.42  ? 559 HOH A O   1 
HETATM 1660 O O   . HOH G 5 .   ? 14.548  3.185   12.468  1.00 47.59  ? 560 HOH A O   1 
HETATM 1661 O O   . HOH G 5 .   ? 9.008   -3.062  15.909  1.00 52.65  ? 561 HOH A O   1 
HETATM 1662 O O   . HOH G 5 .   ? 11.494  6.412   11.425  1.00 41.81  ? 562 HOH A O   1 
HETATM 1663 O O   . HOH G 5 .   ? -2.108  -13.706 -6.603  1.00 70.05  ? 563 HOH A O   1 
HETATM 1664 O O   . HOH G 5 .   ? 13.974  5.064   10.717  1.00 36.67  ? 564 HOH A O   1 
HETATM 1665 O O   . HOH G 5 .   ? -3.895  10.907  -9.151  1.00 54.40  ? 565 HOH A O   1 
HETATM 1666 O O   . HOH G 5 .   ? -0.053  -10.119 -6.085  1.00 46.40  ? 566 HOH A O   1 
HETATM 1667 O O   . HOH G 5 .   ? 13.134  3.512   14.613  1.00 39.18  ? 567 HOH A O   1 
# 
loop_
_pdbx_poly_seq_scheme.asym_id 
_pdbx_poly_seq_scheme.entity_id 
_pdbx_poly_seq_scheme.seq_id 
_pdbx_poly_seq_scheme.mon_id 
_pdbx_poly_seq_scheme.ndb_seq_num 
_pdbx_poly_seq_scheme.pdb_seq_num 
_pdbx_poly_seq_scheme.auth_seq_num 
_pdbx_poly_seq_scheme.pdb_mon_id 
_pdbx_poly_seq_scheme.auth_mon_id 
_pdbx_poly_seq_scheme.pdb_strand_id 
_pdbx_poly_seq_scheme.pdb_ins_code 
_pdbx_poly_seq_scheme.hetero 
A 1 1   SER 1   15  15  SER SER A . n 
A 1 2   MET 2   16  16  MET MET A . n 
A 1 3   LEU 3   17  17  LEU LEU A . n 
A 1 4   ASP 4   18  18  ASP ASP A . n 
A 1 5   ASP 5   19  19  ASP ASP A . n 
A 1 6   ALA 6   20  20  ALA ALA A . n 
A 1 7   LYS 7   21  21  LYS LYS A . n 
A 1 8   ALA 8   22  22  ALA ALA A . n 
A 1 9   ARG 9   23  23  ARG ARG A . n 
A 1 10  LEU 10  24  24  LEU LEU A . n 
A 1 11  ARG 11  25  25  ARG ARG A . n 
A 1 12  LYS 12  26  26  LYS LYS A . n 
A 1 13  TYR 13  27  27  TYR TYR A . n 
A 1 14  ASP 14  28  28  ASP ASP A . n 
A 1 15  ILE 15  29  29  ILE ILE A . n 
A 1 16  GLY 16  30  30  GLY GLY A . n 
A 1 17  GLY 17  31  31  GLY GLY A . n 
A 1 18  LYS 18  32  32  LYS LYS A . n 
A 1 19  TYR 19  33  33  TYR TYR A . n 
A 1 20  SER 20  34  34  SER SER A . n 
A 1 21  HIS 21  35  35  HIS HIS A . n 
A 1 22  LEU 22  36  36  LEU LEU A . n 
A 1 23  PRO 23  37  37  PRO PRO A . n 
A 1 24  TYR 24  38  38  TYR TYR A . n 
A 1 25  ASN 25  39  39  ASN ASN A . n 
A 1 26  LYS 26  40  40  LYS LYS A . n 
A 1 27  TYR 27  41  41  TYR TYR A . n 
A 1 28  SER 28  42  42  SER SER A . n 
A 1 29  VAL 29  43  43  VAL VAL A . n 
A 1 30  LEU 30  44  44  LEU LEU A . n 
A 1 31  LEU 31  45  45  LEU LEU A . n 
A 1 32  PRO 32  46  46  PRO PRO A . n 
A 1 33  LEU 33  47  47  LEU LEU A . n 
A 1 34  VAL 34  48  48  VAL VAL A . n 
A 1 35  ALA 35  49  49  ALA ALA A . n 
A 1 36  LYS 36  50  50  LYS LYS A . n 
A 1 37  GLU 37  51  51  GLU GLU A . n 
A 1 38  GLY 38  52  52  GLY GLY A . n 
A 1 39  LYS 39  53  53  LYS LYS A . n 
A 1 40  LEU 40  54  54  LEU LEU A . n 
A 1 41  HIS 41  55  55  HIS HIS A . n 
A 1 42  LEU 42  56  56  LEU LEU A . n 
A 1 43  LEU 43  57  57  LEU LEU A . n 
A 1 44  PHE 44  58  58  PHE PHE A . n 
A 1 45  THR 45  59  59  THR THR A . n 
A 1 46  VAL 46  60  60  VAL VAL A . n 
A 1 47  ARG 47  61  61  ARG ARG A . n 
A 1 48  SER 48  62  62  SER SER A . n 
A 1 49  GLU 49  63  63  GLU GLU A . n 
A 1 50  LYS 50  64  64  LYS LYS A . n 
A 1 51  LEU 51  65  65  LEU LEU A . n 
A 1 52  ARG 52  66  66  ARG ARG A . n 
A 1 53  ARG 53  67  67  ARG ARG A . n 
A 1 54  ALA 54  68  68  ALA ALA A . n 
A 1 55  PRO 55  69  69  PRO PRO A . n 
A 1 56  GLY 56  70  70  GLY GLY A . n 
A 1 57  GLU 57  71  71  GLU GLU A . n 
A 1 58  VAL 58  72  72  VAL VAL A . n 
A 1 59  CYS 59  73  73  CYS CYS A . n 
A 1 60  PHE 60  74  74  PHE PHE A . n 
A 1 61  PRO 61  75  75  PRO PRO A . n 
A 1 62  GLY 62  76  76  GLY GLY A . n 
A 1 63  GLY 63  77  77  GLY GLY A . n 
A 1 64  LYS 64  78  78  LYS LYS A . n 
A 1 65  ARG 65  79  79  ARG ARG A . n 
A 1 66  ASP 66  80  80  ASP ASP A . n 
A 1 67  PRO 67  81  81  PRO PRO A . n 
A 1 68  THR 68  82  82  THR THR A . n 
A 1 69  ASP 69  83  83  ASP ASP A . n 
A 1 70  MET 70  84  84  MET MET A . n 
A 1 71  ASP 71  85  85  ASP ASP A . n 
A 1 72  ASP 72  86  86  ASP ASP A . n 
A 1 73  ALA 73  87  87  ALA ALA A . n 
A 1 74  ALA 74  88  88  ALA ALA A . n 
A 1 75  THR 75  89  89  THR THR A . n 
A 1 76  ALA 76  90  90  ALA ALA A . n 
A 1 77  LEU 77  91  91  LEU LEU A . n 
A 1 78  ARG 78  92  92  ARG ARG A . n 
A 1 79  GLU 79  93  93  GLU GLU A . n 
A 1 80  ALA 80  94  94  ALA ALA A . n 
A 1 81  GLN 81  95  95  GLN GLN A . n 
A 1 82  GLU 82  96  96  GLU GLU A . n 
A 1 83  GLU 83  97  97  GLU GLU A . n 
A 1 84  VAL 84  98  98  VAL VAL A . n 
A 1 85  GLY 85  99  99  GLY GLY A . n 
A 1 86  LEU 86  100 100 LEU LEU A . n 
A 1 87  ARG 87  101 101 ARG ARG A . n 
A 1 88  HYP 88  102 102 HYP HYP A . n 
A 1 89  HIS 89  103 103 HIS HIS A . n 
A 1 90  GLN 90  104 104 GLN GLN A . n 
A 1 91  VAL 91  105 105 VAL VAL A . n 
A 1 92  GLU 92  106 106 GLU GLU A . n 
A 1 93  VAL 93  107 107 VAL VAL A . n 
A 1 94  VAL 94  108 108 VAL VAL A . n 
A 1 95  CSO 95  109 109 CSO CSO A . n 
A 1 96  CYS 96  110 110 CYS CYS A . n 
A 1 97  LEU 97  111 111 LEU LEU A . n 
A 1 98  VAL 98  112 112 VAL VAL A . n 
A 1 99  PRO 99  113 113 PRO PRO A . n 
A 1 100 CYS 100 114 114 CYS CYS A . n 
A 1 101 LEU 101 115 115 LEU LEU A . n 
A 1 102 ILE 102 116 116 ILE ILE A . n 
A 1 103 ASP 103 117 117 ASP ASP A . n 
A 1 104 THR 104 118 118 THR THR A . n 
A 1 105 ASP 105 119 119 ASP ASP A . n 
A 1 106 THR 106 120 120 THR THR A . n 
A 1 107 LEU 107 121 121 LEU LEU A . n 
A 1 108 ILE 108 122 122 ILE ILE A . n 
A 1 109 THR 109 123 123 THR THR A . n 
A 1 110 PRO 110 124 124 PRO PRO A . n 
A 1 111 PHE 111 125 125 PHE PHE A . n 
A 1 112 VAL 112 126 126 VAL VAL A . n 
A 1 113 GLY 113 127 127 GLY GLY A . n 
A 1 114 LEU 114 128 128 LEU LEU A . n 
A 1 115 ILE 115 129 129 ILE ILE A . n 
A 1 116 ASP 116 130 130 ASP ASP A . n 
A 1 117 HIS 117 131 131 HIS HIS A . n 
A 1 118 ASN 118 132 132 ASN ASN A . n 
A 1 119 PHE 119 133 133 PHE PHE A . n 
A 1 120 GLN 120 134 134 GLN GLN A . n 
A 1 121 ALA 121 135 135 ALA ALA A . n 
A 1 122 GLN 122 136 136 GLN GLN A . n 
A 1 123 PRO 123 137 137 PRO PRO A . n 
A 1 124 ASN 124 138 138 ASN ASN A . n 
A 1 125 PRO 125 139 139 PRO PRO A . n 
A 1 126 ALA 126 140 140 ALA ALA A . n 
A 1 127 GLU 127 141 141 GLU GLU A . n 
A 1 128 VAL 128 142 142 VAL VAL A . n 
A 1 129 LYS 129 143 143 LYS LYS A . n 
A 1 130 ASP 130 144 144 ASP ASP A . n 
A 1 131 VAL 131 145 145 VAL VAL A . n 
A 1 132 PHE 132 146 146 PHE PHE A . n 
A 1 133 LEU 133 147 147 LEU LEU A . n 
A 1 134 VAL 134 148 148 VAL VAL A . n 
A 1 135 PRO 135 149 149 PRO PRO A . n 
A 1 136 LEU 136 150 150 LEU LEU A . n 
A 1 137 ALA 137 151 151 ALA ALA A . n 
A 1 138 TYR 138 152 152 TYR TYR A . n 
A 1 139 PHE 139 153 153 PHE PHE A . n 
A 1 140 LEU 140 154 154 LEU LEU A . n 
A 1 141 HIS 141 155 155 HIS HIS A . n 
A 1 142 PRO 142 156 156 PRO PRO A . n 
A 1 143 GLN 143 157 157 GLN GLN A . n 
A 1 144 VAL 144 158 158 VAL VAL A . n 
A 1 145 HIS 145 159 159 HIS HIS A . n 
A 1 146 ASP 146 160 160 ASP ASP A . n 
A 1 147 GLN 147 161 161 GLN GLN A . n 
A 1 148 HIS 148 162 ?   ?   ?   A . n 
A 1 149 TYR 149 163 ?   ?   ?   A . n 
A 1 150 VAL 150 164 ?   ?   ?   A . n 
A 1 151 THR 151 165 ?   ?   ?   A . n 
A 1 152 ARG 152 166 ?   ?   ?   A . n 
A 1 153 LEU 153 167 ?   ?   ?   A . n 
A 1 154 GLY 154 168 ?   ?   ?   A . n 
A 1 155 HIS 155 169 ?   ?   ?   A . n 
A 1 156 ARG 156 170 ?   ?   ?   A . n 
A 1 157 PHE 157 171 ?   ?   ?   A . n 
A 1 158 ILE 158 172 172 ILE ILE A . n 
A 1 159 ASN 159 173 173 ASN ASN A . n 
A 1 160 HIS 160 174 174 HIS HIS A . n 
A 1 161 ILE 161 175 175 ILE ILE A . n 
A 1 162 PHE 162 176 176 PHE PHE A . n 
A 1 163 GLU 163 177 177 GLU GLU A . n 
A 1 164 TYR 164 178 178 TYR TYR A . n 
A 1 165 THR 165 179 179 THR THR A . n 
A 1 166 ASN 166 180 180 ASN ASN A . n 
A 1 167 PRO 167 181 181 PRO PRO A . n 
A 1 168 GLU 168 182 182 GLU GLU A . n 
A 1 169 ASP 169 183 183 ASP ASP A . n 
A 1 170 GLY 170 184 184 GLY GLY A . n 
A 1 171 VAL 171 185 185 VAL VAL A . n 
A 1 172 THR 172 186 186 THR THR A . n 
A 1 173 TYR 173 187 187 TYR TYR A . n 
A 1 174 GLN 174 188 188 GLN GLN A . n 
A 1 175 ILE 175 189 189 ILE ILE A . n 
A 1 176 LYS 176 190 190 LYS LYS A . n 
A 1 177 GLY 177 191 191 GLY GLY A . n 
A 1 178 MET 178 192 192 MET MET A . n 
A 1 179 THR 179 193 193 THR THR A . n 
A 1 180 ALA 180 194 194 ALA ALA A . n 
A 1 181 ASN 181 195 195 ASN ASN A . n 
A 1 182 LEU 182 196 196 LEU LEU A . n 
A 1 183 ALA 183 197 197 ALA ALA A . n 
A 1 184 VAL 184 198 198 VAL VAL A . n 
A 1 185 LEU 185 199 199 LEU LEU A . n 
A 1 186 VAL 186 200 200 VAL VAL A . n 
A 1 187 ALA 187 201 201 ALA ALA A . n 
A 1 188 PHE 188 202 202 PHE PHE A . n 
A 1 189 ILE 189 203 203 ILE ILE A . n 
A 1 190 ILE 190 204 204 ILE ILE A . n 
A 1 191 LEU 191 205 205 LEU LEU A . n 
A 1 192 GLU 192 206 206 GLU GLU A . n 
A 1 193 LYS 193 207 207 LYS LYS A . n 
A 1 194 LYS 194 208 208 LYS LYS A . n 
A 1 195 PRO 195 209 209 PRO PRO A . n 
A 1 196 THR 196 210 210 THR THR A . n 
# 
loop_
_pdbx_nonpoly_scheme.asym_id 
_pdbx_nonpoly_scheme.entity_id 
_pdbx_nonpoly_scheme.mon_id 
_pdbx_nonpoly_scheme.ndb_seq_num 
_pdbx_nonpoly_scheme.pdb_seq_num 
_pdbx_nonpoly_scheme.auth_seq_num 
_pdbx_nonpoly_scheme.pdb_mon_id 
_pdbx_nonpoly_scheme.auth_mon_id 
_pdbx_nonpoly_scheme.pdb_strand_id 
_pdbx_nonpoly_scheme.pdb_ins_code 
B 2 ACT 1   301 1   ACT ACT A . 
C 2 ACT 1   302 2   ACT ACT A . 
D 3 DMS 1   303 1   DMS DMS A . 
E 3 DMS 1   304 2   DMS DMS A . 
F 4 H2D 1   305 1   H2D LIG A . 
G 5 HOH 1   401 9   HOH HOH A . 
G 5 HOH 2   402 69  HOH HOH A . 
G 5 HOH 3   403 166 HOH HOH A . 
G 5 HOH 4   404 162 HOH HOH A . 
G 5 HOH 5   405 94  HOH HOH A . 
G 5 HOH 6   406 199 HOH HOH A . 
G 5 HOH 7   407 143 HOH HOH A . 
G 5 HOH 8   408 77  HOH HOH A . 
G 5 HOH 9   409 13  HOH HOH A . 
G 5 HOH 10  410 134 HOH HOH A . 
G 5 HOH 11  411 156 HOH HOH A . 
G 5 HOH 12  412 53  HOH HOH A . 
G 5 HOH 13  413 79  HOH HOH A . 
G 5 HOH 14  414 109 HOH HOH A . 
G 5 HOH 15  415 140 HOH HOH A . 
G 5 HOH 16  416 124 HOH HOH A . 
G 5 HOH 17  417 76  HOH HOH A . 
G 5 HOH 18  418 167 HOH HOH A . 
G 5 HOH 19  419 113 HOH HOH A . 
G 5 HOH 20  420 116 HOH HOH A . 
G 5 HOH 21  421 18  HOH HOH A . 
G 5 HOH 22  422 101 HOH HOH A . 
G 5 HOH 23  423 80  HOH HOH A . 
G 5 HOH 24  424 26  HOH HOH A . 
G 5 HOH 25  425 157 HOH HOH A . 
G 5 HOH 26  426 112 HOH HOH A . 
G 5 HOH 27  427 105 HOH HOH A . 
G 5 HOH 28  428 197 HOH HOH A . 
G 5 HOH 29  429 89  HOH HOH A . 
G 5 HOH 30  430 47  HOH HOH A . 
G 5 HOH 31  431 62  HOH HOH A . 
G 5 HOH 32  432 104 HOH HOH A . 
G 5 HOH 33  433 128 HOH HOH A . 
G 5 HOH 34  434 64  HOH HOH A . 
G 5 HOH 35  435 35  HOH HOH A . 
G 5 HOH 36  436 118 HOH HOH A . 
G 5 HOH 37  437 15  HOH HOH A . 
G 5 HOH 38  438 97  HOH HOH A . 
G 5 HOH 39  439 137 HOH HOH A . 
G 5 HOH 40  440 85  HOH HOH A . 
G 5 HOH 41  441 14  HOH HOH A . 
G 5 HOH 42  442 6   HOH HOH A . 
G 5 HOH 43  443 58  HOH HOH A . 
G 5 HOH 44  444 36  HOH HOH A . 
G 5 HOH 45  445 24  HOH HOH A . 
G 5 HOH 46  446 19  HOH HOH A . 
G 5 HOH 47  447 39  HOH HOH A . 
G 5 HOH 48  448 146 HOH HOH A . 
G 5 HOH 49  449 61  HOH HOH A . 
G 5 HOH 50  450 187 HOH HOH A . 
G 5 HOH 51  451 108 HOH HOH A . 
G 5 HOH 52  452 179 HOH HOH A . 
G 5 HOH 53  453 12  HOH HOH A . 
G 5 HOH 54  454 117 HOH HOH A . 
G 5 HOH 55  455 38  HOH HOH A . 
G 5 HOH 56  456 48  HOH HOH A . 
G 5 HOH 57  457 10  HOH HOH A . 
G 5 HOH 58  458 198 HOH HOH A . 
G 5 HOH 59  459 139 HOH HOH A . 
G 5 HOH 60  460 25  HOH HOH A . 
G 5 HOH 61  461 99  HOH HOH A . 
G 5 HOH 62  462 182 HOH HOH A . 
G 5 HOH 63  463 1   HOH HOH A . 
G 5 HOH 64  464 158 HOH HOH A . 
G 5 HOH 65  465 183 HOH HOH A . 
G 5 HOH 66  466 34  HOH HOH A . 
G 5 HOH 67  467 78  HOH HOH A . 
G 5 HOH 68  468 49  HOH HOH A . 
G 5 HOH 69  469 28  HOH HOH A . 
G 5 HOH 70  470 193 HOH HOH A . 
G 5 HOH 71  471 152 HOH HOH A . 
G 5 HOH 72  472 8   HOH HOH A . 
G 5 HOH 73  473 153 HOH HOH A . 
G 5 HOH 74  474 22  HOH HOH A . 
G 5 HOH 75  475 102 HOH HOH A . 
G 5 HOH 76  476 59  HOH HOH A . 
G 5 HOH 77  477 72  HOH HOH A . 
G 5 HOH 78  478 7   HOH HOH A . 
G 5 HOH 79  479 103 HOH HOH A . 
G 5 HOH 80  480 55  HOH HOH A . 
G 5 HOH 81  481 75  HOH HOH A . 
G 5 HOH 82  482 2   HOH HOH A . 
G 5 HOH 83  483 56  HOH HOH A . 
G 5 HOH 84  484 106 HOH HOH A . 
G 5 HOH 85  485 45  HOH HOH A . 
G 5 HOH 86  486 37  HOH HOH A . 
G 5 HOH 87  487 160 HOH HOH A . 
G 5 HOH 88  488 71  HOH HOH A . 
G 5 HOH 89  489 125 HOH HOH A . 
G 5 HOH 90  490 31  HOH HOH A . 
G 5 HOH 91  491 27  HOH HOH A . 
G 5 HOH 92  492 98  HOH HOH A . 
G 5 HOH 93  493 186 HOH HOH A . 
G 5 HOH 94  494 17  HOH HOH A . 
G 5 HOH 95  495 141 HOH HOH A . 
G 5 HOH 96  496 42  HOH HOH A . 
G 5 HOH 97  497 30  HOH HOH A . 
G 5 HOH 98  498 178 HOH HOH A . 
G 5 HOH 99  499 159 HOH HOH A . 
G 5 HOH 100 500 46  HOH HOH A . 
G 5 HOH 101 501 110 HOH HOH A . 
G 5 HOH 102 502 154 HOH HOH A . 
G 5 HOH 103 503 21  HOH HOH A . 
G 5 HOH 104 504 176 HOH HOH A . 
G 5 HOH 105 505 121 HOH HOH A . 
G 5 HOH 106 506 43  HOH HOH A . 
G 5 HOH 107 507 82  HOH HOH A . 
G 5 HOH 108 508 23  HOH HOH A . 
G 5 HOH 109 509 145 HOH HOH A . 
G 5 HOH 110 510 138 HOH HOH A . 
G 5 HOH 111 511 111 HOH HOH A . 
G 5 HOH 112 512 5   HOH HOH A . 
G 5 HOH 113 513 170 HOH HOH A . 
G 5 HOH 114 514 149 HOH HOH A . 
G 5 HOH 115 515 155 HOH HOH A . 
G 5 HOH 116 516 96  HOH HOH A . 
G 5 HOH 117 517 63  HOH HOH A . 
G 5 HOH 118 518 191 HOH HOH A . 
G 5 HOH 119 519 161 HOH HOH A . 
G 5 HOH 120 520 194 HOH HOH A . 
G 5 HOH 121 521 50  HOH HOH A . 
G 5 HOH 122 522 175 HOH HOH A . 
G 5 HOH 123 523 88  HOH HOH A . 
G 5 HOH 124 524 129 HOH HOH A . 
G 5 HOH 125 525 122 HOH HOH A . 
G 5 HOH 126 526 119 HOH HOH A . 
G 5 HOH 127 527 184 HOH HOH A . 
G 5 HOH 128 528 147 HOH HOH A . 
G 5 HOH 129 529 150 HOH HOH A . 
G 5 HOH 130 530 57  HOH HOH A . 
G 5 HOH 131 531 16  HOH HOH A . 
G 5 HOH 132 532 126 HOH HOH A . 
G 5 HOH 133 533 173 HOH HOH A . 
G 5 HOH 134 534 169 HOH HOH A . 
G 5 HOH 135 535 172 HOH HOH A . 
G 5 HOH 136 536 177 HOH HOH A . 
G 5 HOH 137 537 44  HOH HOH A . 
G 5 HOH 138 538 66  HOH HOH A . 
G 5 HOH 139 539 144 HOH HOH A . 
G 5 HOH 140 540 174 HOH HOH A . 
G 5 HOH 141 541 29  HOH HOH A . 
G 5 HOH 142 542 123 HOH HOH A . 
G 5 HOH 143 543 86  HOH HOH A . 
G 5 HOH 144 544 90  HOH HOH A . 
G 5 HOH 145 545 192 HOH HOH A . 
G 5 HOH 146 546 180 HOH HOH A . 
G 5 HOH 147 547 168 HOH HOH A . 
G 5 HOH 148 548 65  HOH HOH A . 
G 5 HOH 149 549 181 HOH HOH A . 
G 5 HOH 150 550 190 HOH HOH A . 
G 5 HOH 151 551 185 HOH HOH A . 
G 5 HOH 152 552 132 HOH HOH A . 
G 5 HOH 153 553 188 HOH HOH A . 
G 5 HOH 154 554 127 HOH HOH A . 
G 5 HOH 155 555 131 HOH HOH A . 
G 5 HOH 156 556 91  HOH HOH A . 
G 5 HOH 157 557 148 HOH HOH A . 
G 5 HOH 158 558 195 HOH HOH A . 
G 5 HOH 159 559 163 HOH HOH A . 
G 5 HOH 160 560 165 HOH HOH A . 
G 5 HOH 161 561 130 HOH HOH A . 
G 5 HOH 162 562 171 HOH HOH A . 
G 5 HOH 163 563 142 HOH HOH A . 
G 5 HOH 164 564 68  HOH HOH A . 
G 5 HOH 165 565 164 HOH HOH A . 
G 5 HOH 166 566 133 HOH HOH A . 
G 5 HOH 167 567 115 HOH HOH A . 
# 
loop_
_pdbx_struct_mod_residue.id 
_pdbx_struct_mod_residue.label_asym_id 
_pdbx_struct_mod_residue.label_comp_id 
_pdbx_struct_mod_residue.label_seq_id 
_pdbx_struct_mod_residue.auth_asym_id 
_pdbx_struct_mod_residue.auth_comp_id 
_pdbx_struct_mod_residue.auth_seq_id 
_pdbx_struct_mod_residue.PDB_ins_code 
_pdbx_struct_mod_residue.parent_comp_id 
_pdbx_struct_mod_residue.details 
1 A HYP 88 A HYP 102 ? PRO 'modified residue' 
2 A CSO 95 A CSO 109 ? CYS 'modified residue' 
# 
_pdbx_struct_assembly.id                   1 
_pdbx_struct_assembly.details              author_and_software_defined_assembly 
_pdbx_struct_assembly.method_details       PISA 
_pdbx_struct_assembly.oligomeric_details   monomeric 
_pdbx_struct_assembly.oligomeric_count     1 
# 
_pdbx_struct_assembly_gen.assembly_id       1 
_pdbx_struct_assembly_gen.oper_expression   1 
_pdbx_struct_assembly_gen.asym_id_list      A,B,C,D,E,F,G 
# 
loop_
_pdbx_struct_assembly_prop.biol_id 
_pdbx_struct_assembly_prop.type 
_pdbx_struct_assembly_prop.value 
_pdbx_struct_assembly_prop.details 
1 'ABSA (A^2)' 760   ? 
1 MORE         5     ? 
1 'SSA (A^2)'  10470 ? 
# 
_pdbx_struct_oper_list.id                   1 
_pdbx_struct_oper_list.type                 'identity operation' 
_pdbx_struct_oper_list.name                 1_555 
_pdbx_struct_oper_list.symmetry_operation   x,y,z 
_pdbx_struct_oper_list.matrix[1][1]         1.0000000000 
_pdbx_struct_oper_list.matrix[1][2]         0.0000000000 
_pdbx_struct_oper_list.matrix[1][3]         0.0000000000 
_pdbx_struct_oper_list.vector[1]            0.0000000000 
_pdbx_struct_oper_list.matrix[2][1]         0.0000000000 
_pdbx_struct_oper_list.matrix[2][2]         1.0000000000 
_pdbx_struct_oper_list.matrix[2][3]         0.0000000000 
_pdbx_struct_oper_list.vector[2]            0.0000000000 
_pdbx_struct_oper_list.matrix[3][1]         0.0000000000 
_pdbx_struct_oper_list.matrix[3][2]         0.0000000000 
_pdbx_struct_oper_list.matrix[3][3]         1.0000000000 
_pdbx_struct_oper_list.vector[3]            0.0000000000 
# 
loop_
_pdbx_audit_revision_history.ordinal 
_pdbx_audit_revision_history.data_content_type 
_pdbx_audit_revision_history.major_revision 
_pdbx_audit_revision_history.minor_revision 
_pdbx_audit_revision_history.revision_date 
1 'Structure model' 1 0 2019-03-27 
2 'Structure model' 1 1 2023-11-15 
# 
_pdbx_audit_revision_details.ordinal             1 
_pdbx_audit_revision_details.revision_ordinal    1 
_pdbx_audit_revision_details.data_content_type   'Structure model' 
_pdbx_audit_revision_details.provider            repository 
_pdbx_audit_revision_details.type                'Initial release' 
_pdbx_audit_revision_details.description         ? 
_pdbx_audit_revision_details.details             ? 
# 
loop_
_pdbx_audit_revision_group.ordinal 
_pdbx_audit_revision_group.revision_ordinal 
_pdbx_audit_revision_group.data_content_type 
_pdbx_audit_revision_group.group 
1 2 'Structure model' 'Data collection'     
2 2 'Structure model' 'Database references' 
# 
loop_
_pdbx_audit_revision_category.ordinal 
_pdbx_audit_revision_category.revision_ordinal 
_pdbx_audit_revision_category.data_content_type 
_pdbx_audit_revision_category.category 
1 2 'Structure model' chem_comp_atom 
2 2 'Structure model' chem_comp_bond 
3 2 'Structure model' database_2     
# 
loop_
_pdbx_audit_revision_item.ordinal 
_pdbx_audit_revision_item.revision_ordinal 
_pdbx_audit_revision_item.data_content_type 
_pdbx_audit_revision_item.item 
1 2 'Structure model' '_database_2.pdbx_DOI'                
2 2 'Structure model' '_database_2.pdbx_database_accession' 
# 
_phasing.method   MR 
# 
loop_
_software.pdbx_ordinal 
_software.name 
_software.version 
_software.date 
_software.type 
_software.contact_author 
_software.contact_author_email 
_software.classification 
_software.location 
_software.language 
_software.citation_id 
1 REFMAC      5.8.0189 ?               program 'Garib N. Murshudov' garib@ysbl.york.ac.uk    refinement        
http://www.ccp4.ac.uk/dist/html/refmac5.html        Fortran_77 ? 
2 Aimless     0.5.31   12/12/16        program 'Phil Evans'         ?                        'data scaling'    
http://www.mrc-lmb.cam.ac.uk/harry/pre/aimless.html ?          ? 
3 PDB_EXTRACT 3.23     'SEP. 23, 2016' package PDB                  deposit@deposit.rcsb.org 'data extraction' 
http://sw-tools.pdb.org/apps/PDB_EXTRACT/           C++        ? 
4 XDS         .        ?               program ?                    ?                        'data reduction'  ? ?          ? 
5 REFMAC      .        ?               program ?                    ?                        phasing           ? ?          ? 
# 
_pdbx_validate_symm_contact.id                1 
_pdbx_validate_symm_contact.PDB_model_num     1 
_pdbx_validate_symm_contact.auth_atom_id_1    O 
_pdbx_validate_symm_contact.auth_asym_id_1    A 
_pdbx_validate_symm_contact.auth_comp_id_1    HOH 
_pdbx_validate_symm_contact.auth_seq_id_1     450 
_pdbx_validate_symm_contact.PDB_ins_code_1    ? 
_pdbx_validate_symm_contact.label_alt_id_1    ? 
_pdbx_validate_symm_contact.site_symmetry_1   1_555 
_pdbx_validate_symm_contact.auth_atom_id_2    O 
_pdbx_validate_symm_contact.auth_asym_id_2    A 
_pdbx_validate_symm_contact.auth_comp_id_2    HOH 
_pdbx_validate_symm_contact.auth_seq_id_2     450 
_pdbx_validate_symm_contact.PDB_ins_code_2    ? 
_pdbx_validate_symm_contact.label_alt_id_2    ? 
_pdbx_validate_symm_contact.site_symmetry_2   6_559 
_pdbx_validate_symm_contact.dist              1.16 
# 
loop_
_pdbx_validate_torsion.id 
_pdbx_validate_torsion.PDB_model_num 
_pdbx_validate_torsion.auth_comp_id 
_pdbx_validate_torsion.auth_asym_id 
_pdbx_validate_torsion.auth_seq_id 
_pdbx_validate_torsion.PDB_ins_code 
_pdbx_validate_torsion.label_alt_id 
_pdbx_validate_torsion.phi 
_pdbx_validate_torsion.psi 
1 1 ALA A 68  ? ? 60.08 61.99  
2 1 THR A 118 ? ? 67.87 -14.57 
# 
loop_
_pdbx_unobs_or_zero_occ_atoms.id 
_pdbx_unobs_or_zero_occ_atoms.PDB_model_num 
_pdbx_unobs_or_zero_occ_atoms.polymer_flag 
_pdbx_unobs_or_zero_occ_atoms.occupancy_flag 
_pdbx_unobs_or_zero_occ_atoms.auth_asym_id 
_pdbx_unobs_or_zero_occ_atoms.auth_comp_id 
_pdbx_unobs_or_zero_occ_atoms.auth_seq_id 
_pdbx_unobs_or_zero_occ_atoms.PDB_ins_code 
_pdbx_unobs_or_zero_occ_atoms.auth_atom_id 
_pdbx_unobs_or_zero_occ_atoms.label_alt_id 
_pdbx_unobs_or_zero_occ_atoms.label_asym_id 
_pdbx_unobs_or_zero_occ_atoms.label_comp_id 
_pdbx_unobs_or_zero_occ_atoms.label_seq_id 
_pdbx_unobs_or_zero_occ_atoms.label_atom_id 
1 1 Y 1 A GLN 161 ? CG  ? A GLN 147 CG  
2 1 Y 1 A GLN 161 ? CD  ? A GLN 147 CD  
3 1 Y 1 A GLN 161 ? OE1 ? A GLN 147 OE1 
4 1 Y 1 A GLN 161 ? NE2 ? A GLN 147 NE2 
# 
loop_
_pdbx_unobs_or_zero_occ_residues.id 
_pdbx_unobs_or_zero_occ_residues.PDB_model_num 
_pdbx_unobs_or_zero_occ_residues.polymer_flag 
_pdbx_unobs_or_zero_occ_residues.occupancy_flag 
_pdbx_unobs_or_zero_occ_residues.auth_asym_id 
_pdbx_unobs_or_zero_occ_residues.auth_comp_id 
_pdbx_unobs_or_zero_occ_residues.auth_seq_id 
_pdbx_unobs_or_zero_occ_residues.PDB_ins_code 
_pdbx_unobs_or_zero_occ_residues.label_asym_id 
_pdbx_unobs_or_zero_occ_residues.label_comp_id 
_pdbx_unobs_or_zero_occ_residues.label_seq_id 
1  1 Y 1 A HIS 162 ? A HIS 148 
2  1 Y 1 A TYR 163 ? A TYR 149 
3  1 Y 1 A VAL 164 ? A VAL 150 
4  1 Y 1 A THR 165 ? A THR 151 
5  1 Y 1 A ARG 166 ? A ARG 152 
6  1 Y 1 A LEU 167 ? A LEU 153 
7  1 Y 1 A GLY 168 ? A GLY 154 
8  1 Y 1 A HIS 169 ? A HIS 155 
9  1 Y 1 A ARG 170 ? A ARG 156 
10 1 Y 1 A PHE 171 ? A PHE 157 
# 
loop_
_chem_comp_atom.comp_id 
_chem_comp_atom.atom_id 
_chem_comp_atom.type_symbol 
_chem_comp_atom.pdbx_aromatic_flag 
_chem_comp_atom.pdbx_stereo_config 
_chem_comp_atom.pdbx_ordinal 
ACT C    C N N 1   
ACT O    O N N 2   
ACT OXT  O N N 3   
ACT CH3  C N N 4   
ACT H1   H N N 5   
ACT H2   H N N 6   
ACT H3   H N N 7   
ALA N    N N N 8   
ALA CA   C N S 9   
ALA C    C N N 10  
ALA O    O N N 11  
ALA CB   C N N 12  
ALA OXT  O N N 13  
ALA H    H N N 14  
ALA H2   H N N 15  
ALA HA   H N N 16  
ALA HB1  H N N 17  
ALA HB2  H N N 18  
ALA HB3  H N N 19  
ALA HXT  H N N 20  
ARG N    N N N 21  
ARG CA   C N S 22  
ARG C    C N N 23  
ARG O    O N N 24  
ARG CB   C N N 25  
ARG CG   C N N 26  
ARG CD   C N N 27  
ARG NE   N N N 28  
ARG CZ   C N N 29  
ARG NH1  N N N 30  
ARG NH2  N N N 31  
ARG OXT  O N N 32  
ARG H    H N N 33  
ARG H2   H N N 34  
ARG HA   H N N 35  
ARG HB2  H N N 36  
ARG HB3  H N N 37  
ARG HG2  H N N 38  
ARG HG3  H N N 39  
ARG HD2  H N N 40  
ARG HD3  H N N 41  
ARG HE   H N N 42  
ARG HH11 H N N 43  
ARG HH12 H N N 44  
ARG HH21 H N N 45  
ARG HH22 H N N 46  
ARG HXT  H N N 47  
ASN N    N N N 48  
ASN CA   C N S 49  
ASN C    C N N 50  
ASN O    O N N 51  
ASN CB   C N N 52  
ASN CG   C N N 53  
ASN OD1  O N N 54  
ASN ND2  N N N 55  
ASN OXT  O N N 56  
ASN H    H N N 57  
ASN H2   H N N 58  
ASN HA   H N N 59  
ASN HB2  H N N 60  
ASN HB3  H N N 61  
ASN HD21 H N N 62  
ASN HD22 H N N 63  
ASN HXT  H N N 64  
ASP N    N N N 65  
ASP CA   C N S 66  
ASP C    C N N 67  
ASP O    O N N 68  
ASP CB   C N N 69  
ASP CG   C N N 70  
ASP OD1  O N N 71  
ASP OD2  O N N 72  
ASP OXT  O N N 73  
ASP H    H N N 74  
ASP H2   H N N 75  
ASP HA   H N N 76  
ASP HB2  H N N 77  
ASP HB3  H N N 78  
ASP HD2  H N N 79  
ASP HXT  H N N 80  
CSO N    N N N 81  
CSO CA   C N R 82  
CSO CB   C N N 83  
CSO SG   S N N 84  
CSO C    C N N 85  
CSO O    O N N 86  
CSO OXT  O N N 87  
CSO OD   O N N 88  
CSO H    H N N 89  
CSO H2   H N N 90  
CSO HA   H N N 91  
CSO HB2  H N N 92  
CSO HB3  H N N 93  
CSO HXT  H N N 94  
CSO HD   H N N 95  
CYS N    N N N 96  
CYS CA   C N R 97  
CYS C    C N N 98  
CYS O    O N N 99  
CYS CB   C N N 100 
CYS SG   S N N 101 
CYS OXT  O N N 102 
CYS H    H N N 103 
CYS H2   H N N 104 
CYS HA   H N N 105 
CYS HB2  H N N 106 
CYS HB3  H N N 107 
CYS HG   H N N 108 
CYS HXT  H N N 109 
DMS S    S N N 110 
DMS O    O N N 111 
DMS C1   C N N 112 
DMS C2   C N N 113 
DMS H11  H N N 114 
DMS H12  H N N 115 
DMS H13  H N N 116 
DMS H21  H N N 117 
DMS H22  H N N 118 
DMS H23  H N N 119 
GLN N    N N N 120 
GLN CA   C N S 121 
GLN C    C N N 122 
GLN O    O N N 123 
GLN CB   C N N 124 
GLN CG   C N N 125 
GLN CD   C N N 126 
GLN OE1  O N N 127 
GLN NE2  N N N 128 
GLN OXT  O N N 129 
GLN H    H N N 130 
GLN H2   H N N 131 
GLN HA   H N N 132 
GLN HB2  H N N 133 
GLN HB3  H N N 134 
GLN HG2  H N N 135 
GLN HG3  H N N 136 
GLN HE21 H N N 137 
GLN HE22 H N N 138 
GLN HXT  H N N 139 
GLU N    N N N 140 
GLU CA   C N S 141 
GLU C    C N N 142 
GLU O    O N N 143 
GLU CB   C N N 144 
GLU CG   C N N 145 
GLU CD   C N N 146 
GLU OE1  O N N 147 
GLU OE2  O N N 148 
GLU OXT  O N N 149 
GLU H    H N N 150 
GLU H2   H N N 151 
GLU HA   H N N 152 
GLU HB2  H N N 153 
GLU HB3  H N N 154 
GLU HG2  H N N 155 
GLU HG3  H N N 156 
GLU HE2  H N N 157 
GLU HXT  H N N 158 
GLY N    N N N 159 
GLY CA   C N N 160 
GLY C    C N N 161 
GLY O    O N N 162 
GLY OXT  O N N 163 
GLY H    H N N 164 
GLY H2   H N N 165 
GLY HA2  H N N 166 
GLY HA3  H N N 167 
GLY HXT  H N N 168 
H2D N1   N Y N 169 
H2D C4   C N N 170 
H2D C5   C N R 171 
H2D C6   C Y N 172 
H2D C7   C N N 173 
H2D C8   C N N 174 
H2D C10  C Y N 175 
H2D C13  C Y N 176 
H2D O1   O Y N 177 
H2D C1   C Y N 178 
H2D C2   C Y N 179 
H2D C3   C Y N 180 
H2D N2   N N N 181 
H2D O2   O N N 182 
H2D C9   C Y N 183 
H2D C11  C Y N 184 
H2D C12  C Y N 185 
H2D H1   H N N 186 
H2D H2   H N N 187 
H2D H3   H N N 188 
H2D H4   H N N 189 
H2D H5   H N N 190 
H2D H6   H N N 191 
H2D H7   H N N 192 
H2D H8   H N N 193 
H2D H9   H N N 194 
H2D H10  H N N 195 
H2D H11  H N N 196 
H2D H12  H N N 197 
H2D H13  H N N 198 
H2D H14  H N N 199 
HIS N    N N N 200 
HIS CA   C N S 201 
HIS C    C N N 202 
HIS O    O N N 203 
HIS CB   C N N 204 
HIS CG   C Y N 205 
HIS ND1  N Y N 206 
HIS CD2  C Y N 207 
HIS CE1  C Y N 208 
HIS NE2  N Y N 209 
HIS OXT  O N N 210 
HIS H    H N N 211 
HIS H2   H N N 212 
HIS HA   H N N 213 
HIS HB2  H N N 214 
HIS HB3  H N N 215 
HIS HD1  H N N 216 
HIS HD2  H N N 217 
HIS HE1  H N N 218 
HIS HE2  H N N 219 
HIS HXT  H N N 220 
HOH O    O N N 221 
HOH H1   H N N 222 
HOH H2   H N N 223 
HYP N    N N N 224 
HYP CA   C N S 225 
HYP C    C N N 226 
HYP O    O N N 227 
HYP CB   C N N 228 
HYP CG   C N R 229 
HYP CD   C N N 230 
HYP OD1  O N N 231 
HYP OXT  O N N 232 
HYP H    H N N 233 
HYP HA   H N N 234 
HYP HB2  H N N 235 
HYP HB3  H N N 236 
HYP HG   H N N 237 
HYP HD22 H N N 238 
HYP HD23 H N N 239 
HYP HD1  H N N 240 
HYP HXT  H N N 241 
ILE N    N N N 242 
ILE CA   C N S 243 
ILE C    C N N 244 
ILE O    O N N 245 
ILE CB   C N S 246 
ILE CG1  C N N 247 
ILE CG2  C N N 248 
ILE CD1  C N N 249 
ILE OXT  O N N 250 
ILE H    H N N 251 
ILE H2   H N N 252 
ILE HA   H N N 253 
ILE HB   H N N 254 
ILE HG12 H N N 255 
ILE HG13 H N N 256 
ILE HG21 H N N 257 
ILE HG22 H N N 258 
ILE HG23 H N N 259 
ILE HD11 H N N 260 
ILE HD12 H N N 261 
ILE HD13 H N N 262 
ILE HXT  H N N 263 
LEU N    N N N 264 
LEU CA   C N S 265 
LEU C    C N N 266 
LEU O    O N N 267 
LEU CB   C N N 268 
LEU CG   C N N 269 
LEU CD1  C N N 270 
LEU CD2  C N N 271 
LEU OXT  O N N 272 
LEU H    H N N 273 
LEU H2   H N N 274 
LEU HA   H N N 275 
LEU HB2  H N N 276 
LEU HB3  H N N 277 
LEU HG   H N N 278 
LEU HD11 H N N 279 
LEU HD12 H N N 280 
LEU HD13 H N N 281 
LEU HD21 H N N 282 
LEU HD22 H N N 283 
LEU HD23 H N N 284 
LEU HXT  H N N 285 
LYS N    N N N 286 
LYS CA   C N S 287 
LYS C    C N N 288 
LYS O    O N N 289 
LYS CB   C N N 290 
LYS CG   C N N 291 
LYS CD   C N N 292 
LYS CE   C N N 293 
LYS NZ   N N N 294 
LYS OXT  O N N 295 
LYS H    H N N 296 
LYS H2   H N N 297 
LYS HA   H N N 298 
LYS HB2  H N N 299 
LYS HB3  H N N 300 
LYS HG2  H N N 301 
LYS HG3  H N N 302 
LYS HD2  H N N 303 
LYS HD3  H N N 304 
LYS HE2  H N N 305 
LYS HE3  H N N 306 
LYS HZ1  H N N 307 
LYS HZ2  H N N 308 
LYS HZ3  H N N 309 
LYS HXT  H N N 310 
MET N    N N N 311 
MET CA   C N S 312 
MET C    C N N 313 
MET O    O N N 314 
MET CB   C N N 315 
MET CG   C N N 316 
MET SD   S N N 317 
MET CE   C N N 318 
MET OXT  O N N 319 
MET H    H N N 320 
MET H2   H N N 321 
MET HA   H N N 322 
MET HB2  H N N 323 
MET HB3  H N N 324 
MET HG2  H N N 325 
MET HG3  H N N 326 
MET HE1  H N N 327 
MET HE2  H N N 328 
MET HE3  H N N 329 
MET HXT  H N N 330 
PHE N    N N N 331 
PHE CA   C N S 332 
PHE C    C N N 333 
PHE O    O N N 334 
PHE CB   C N N 335 
PHE CG   C Y N 336 
PHE CD1  C Y N 337 
PHE CD2  C Y N 338 
PHE CE1  C Y N 339 
PHE CE2  C Y N 340 
PHE CZ   C Y N 341 
PHE OXT  O N N 342 
PHE H    H N N 343 
PHE H2   H N N 344 
PHE HA   H N N 345 
PHE HB2  H N N 346 
PHE HB3  H N N 347 
PHE HD1  H N N 348 
PHE HD2  H N N 349 
PHE HE1  H N N 350 
PHE HE2  H N N 351 
PHE HZ   H N N 352 
PHE HXT  H N N 353 
PRO N    N N N 354 
PRO CA   C N S 355 
PRO C    C N N 356 
PRO O    O N N 357 
PRO CB   C N N 358 
PRO CG   C N N 359 
PRO CD   C N N 360 
PRO OXT  O N N 361 
PRO H    H N N 362 
PRO HA   H N N 363 
PRO HB2  H N N 364 
PRO HB3  H N N 365 
PRO HG2  H N N 366 
PRO HG3  H N N 367 
PRO HD2  H N N 368 
PRO HD3  H N N 369 
PRO HXT  H N N 370 
SER N    N N N 371 
SER CA   C N S 372 
SER C    C N N 373 
SER O    O N N 374 
SER CB   C N N 375 
SER OG   O N N 376 
SER OXT  O N N 377 
SER H    H N N 378 
SER H2   H N N 379 
SER HA   H N N 380 
SER HB2  H N N 381 
SER HB3  H N N 382 
SER HG   H N N 383 
SER HXT  H N N 384 
THR N    N N N 385 
THR CA   C N S 386 
THR C    C N N 387 
THR O    O N N 388 
THR CB   C N R 389 
THR OG1  O N N 390 
THR CG2  C N N 391 
THR OXT  O N N 392 
THR H    H N N 393 
THR H2   H N N 394 
THR HA   H N N 395 
THR HB   H N N 396 
THR HG1  H N N 397 
THR HG21 H N N 398 
THR HG22 H N N 399 
THR HG23 H N N 400 
THR HXT  H N N 401 
TYR N    N N N 402 
TYR CA   C N S 403 
TYR C    C N N 404 
TYR O    O N N 405 
TYR CB   C N N 406 
TYR CG   C Y N 407 
TYR CD1  C Y N 408 
TYR CD2  C Y N 409 
TYR CE1  C Y N 410 
TYR CE2  C Y N 411 
TYR CZ   C Y N 412 
TYR OH   O N N 413 
TYR OXT  O N N 414 
TYR H    H N N 415 
TYR H2   H N N 416 
TYR HA   H N N 417 
TYR HB2  H N N 418 
TYR HB3  H N N 419 
TYR HD1  H N N 420 
TYR HD2  H N N 421 
TYR HE1  H N N 422 
TYR HE2  H N N 423 
TYR HH   H N N 424 
TYR HXT  H N N 425 
VAL N    N N N 426 
VAL CA   C N S 427 
VAL C    C N N 428 
VAL O    O N N 429 
VAL CB   C N N 430 
VAL CG1  C N N 431 
VAL CG2  C N N 432 
VAL OXT  O N N 433 
VAL H    H N N 434 
VAL H2   H N N 435 
VAL HA   H N N 436 
VAL HB   H N N 437 
VAL HG11 H N N 438 
VAL HG12 H N N 439 
VAL HG13 H N N 440 
VAL HG21 H N N 441 
VAL HG22 H N N 442 
VAL HG23 H N N 443 
VAL HXT  H N N 444 
# 
loop_
_chem_comp_bond.comp_id 
_chem_comp_bond.atom_id_1 
_chem_comp_bond.atom_id_2 
_chem_comp_bond.value_order 
_chem_comp_bond.pdbx_aromatic_flag 
_chem_comp_bond.pdbx_stereo_config 
_chem_comp_bond.pdbx_ordinal 
ACT C   O    doub N N 1   
ACT C   OXT  sing N N 2   
ACT C   CH3  sing N N 3   
ACT CH3 H1   sing N N 4   
ACT CH3 H2   sing N N 5   
ACT CH3 H3   sing N N 6   
ALA N   CA   sing N N 7   
ALA N   H    sing N N 8   
ALA N   H2   sing N N 9   
ALA CA  C    sing N N 10  
ALA CA  CB   sing N N 11  
ALA CA  HA   sing N N 12  
ALA C   O    doub N N 13  
ALA C   OXT  sing N N 14  
ALA CB  HB1  sing N N 15  
ALA CB  HB2  sing N N 16  
ALA CB  HB3  sing N N 17  
ALA OXT HXT  sing N N 18  
ARG N   CA   sing N N 19  
ARG N   H    sing N N 20  
ARG N   H2   sing N N 21  
ARG CA  C    sing N N 22  
ARG CA  CB   sing N N 23  
ARG CA  HA   sing N N 24  
ARG C   O    doub N N 25  
ARG C   OXT  sing N N 26  
ARG CB  CG   sing N N 27  
ARG CB  HB2  sing N N 28  
ARG CB  HB3  sing N N 29  
ARG CG  CD   sing N N 30  
ARG CG  HG2  sing N N 31  
ARG CG  HG3  sing N N 32  
ARG CD  NE   sing N N 33  
ARG CD  HD2  sing N N 34  
ARG CD  HD3  sing N N 35  
ARG NE  CZ   sing N N 36  
ARG NE  HE   sing N N 37  
ARG CZ  NH1  sing N N 38  
ARG CZ  NH2  doub N N 39  
ARG NH1 HH11 sing N N 40  
ARG NH1 HH12 sing N N 41  
ARG NH2 HH21 sing N N 42  
ARG NH2 HH22 sing N N 43  
ARG OXT HXT  sing N N 44  
ASN N   CA   sing N N 45  
ASN N   H    sing N N 46  
ASN N   H2   sing N N 47  
ASN CA  C    sing N N 48  
ASN CA  CB   sing N N 49  
ASN CA  HA   sing N N 50  
ASN C   O    doub N N 51  
ASN C   OXT  sing N N 52  
ASN CB  CG   sing N N 53  
ASN CB  HB2  sing N N 54  
ASN CB  HB3  sing N N 55  
ASN CG  OD1  doub N N 56  
ASN CG  ND2  sing N N 57  
ASN ND2 HD21 sing N N 58  
ASN ND2 HD22 sing N N 59  
ASN OXT HXT  sing N N 60  
ASP N   CA   sing N N 61  
ASP N   H    sing N N 62  
ASP N   H2   sing N N 63  
ASP CA  C    sing N N 64  
ASP CA  CB   sing N N 65  
ASP CA  HA   sing N N 66  
ASP C   O    doub N N 67  
ASP C   OXT  sing N N 68  
ASP CB  CG   sing N N 69  
ASP CB  HB2  sing N N 70  
ASP CB  HB3  sing N N 71  
ASP CG  OD1  doub N N 72  
ASP CG  OD2  sing N N 73  
ASP OD2 HD2  sing N N 74  
ASP OXT HXT  sing N N 75  
CSO N   CA   sing N N 76  
CSO N   H    sing N N 77  
CSO N   H2   sing N N 78  
CSO CA  CB   sing N N 79  
CSO CA  C    sing N N 80  
CSO CA  HA   sing N N 81  
CSO CB  SG   sing N N 82  
CSO CB  HB2  sing N N 83  
CSO CB  HB3  sing N N 84  
CSO SG  OD   sing N N 85  
CSO C   O    doub N N 86  
CSO C   OXT  sing N N 87  
CSO OXT HXT  sing N N 88  
CSO OD  HD   sing N N 89  
CYS N   CA   sing N N 90  
CYS N   H    sing N N 91  
CYS N   H2   sing N N 92  
CYS CA  C    sing N N 93  
CYS CA  CB   sing N N 94  
CYS CA  HA   sing N N 95  
CYS C   O    doub N N 96  
CYS C   OXT  sing N N 97  
CYS CB  SG   sing N N 98  
CYS CB  HB2  sing N N 99  
CYS CB  HB3  sing N N 100 
CYS SG  HG   sing N N 101 
CYS OXT HXT  sing N N 102 
DMS S   O    doub N N 103 
DMS S   C1   sing N N 104 
DMS S   C2   sing N N 105 
DMS C1  H11  sing N N 106 
DMS C1  H12  sing N N 107 
DMS C1  H13  sing N N 108 
DMS C2  H21  sing N N 109 
DMS C2  H22  sing N N 110 
DMS C2  H23  sing N N 111 
GLN N   CA   sing N N 112 
GLN N   H    sing N N 113 
GLN N   H2   sing N N 114 
GLN CA  C    sing N N 115 
GLN CA  CB   sing N N 116 
GLN CA  HA   sing N N 117 
GLN C   O    doub N N 118 
GLN C   OXT  sing N N 119 
GLN CB  CG   sing N N 120 
GLN CB  HB2  sing N N 121 
GLN CB  HB3  sing N N 122 
GLN CG  CD   sing N N 123 
GLN CG  HG2  sing N N 124 
GLN CG  HG3  sing N N 125 
GLN CD  OE1  doub N N 126 
GLN CD  NE2  sing N N 127 
GLN NE2 HE21 sing N N 128 
GLN NE2 HE22 sing N N 129 
GLN OXT HXT  sing N N 130 
GLU N   CA   sing N N 131 
GLU N   H    sing N N 132 
GLU N   H2   sing N N 133 
GLU CA  C    sing N N 134 
GLU CA  CB   sing N N 135 
GLU CA  HA   sing N N 136 
GLU C   O    doub N N 137 
GLU C   OXT  sing N N 138 
GLU CB  CG   sing N N 139 
GLU CB  HB2  sing N N 140 
GLU CB  HB3  sing N N 141 
GLU CG  CD   sing N N 142 
GLU CG  HG2  sing N N 143 
GLU CG  HG3  sing N N 144 
GLU CD  OE1  doub N N 145 
GLU CD  OE2  sing N N 146 
GLU OE2 HE2  sing N N 147 
GLU OXT HXT  sing N N 148 
GLY N   CA   sing N N 149 
GLY N   H    sing N N 150 
GLY N   H2   sing N N 151 
GLY CA  C    sing N N 152 
GLY CA  HA2  sing N N 153 
GLY CA  HA3  sing N N 154 
GLY C   O    doub N N 155 
GLY C   OXT  sing N N 156 
GLY OXT HXT  sing N N 157 
H2D C2  C1   doub Y N 158 
H2D C2  C3   sing Y N 159 
H2D C1  O1   sing Y N 160 
H2D O2  C4   doub N N 161 
H2D C7  C8   sing N N 162 
H2D C7  C5   sing N N 163 
H2D C4  N2   sing N N 164 
H2D C4  C5   sing N N 165 
H2D C3  N2   sing N N 166 
H2D C3  N1   doub Y N 167 
H2D O1  N1   sing Y N 168 
H2D C5  C6   sing N N 169 
H2D C6  C13  doub Y N 170 
H2D C6  C9   sing Y N 171 
H2D C13 C12  sing Y N 172 
H2D C12 C11  doub Y N 173 
H2D C9  C10  doub Y N 174 
H2D C11 C10  sing Y N 175 
H2D C5  H1   sing N N 176 
H2D C7  H2   sing N N 177 
H2D C7  H3   sing N N 178 
H2D C8  H4   sing N N 179 
H2D C8  H5   sing N N 180 
H2D C8  H6   sing N N 181 
H2D C10 H7   sing N N 182 
H2D C13 H8   sing N N 183 
H2D C1  H9   sing N N 184 
H2D C2  H10  sing N N 185 
H2D N2  H11  sing N N 186 
H2D C9  H12  sing N N 187 
H2D C11 H13  sing N N 188 
H2D C12 H14  sing N N 189 
HIS N   CA   sing N N 190 
HIS N   H    sing N N 191 
HIS N   H2   sing N N 192 
HIS CA  C    sing N N 193 
HIS CA  CB   sing N N 194 
HIS CA  HA   sing N N 195 
HIS C   O    doub N N 196 
HIS C   OXT  sing N N 197 
HIS CB  CG   sing N N 198 
HIS CB  HB2  sing N N 199 
HIS CB  HB3  sing N N 200 
HIS CG  ND1  sing Y N 201 
HIS CG  CD2  doub Y N 202 
HIS ND1 CE1  doub Y N 203 
HIS ND1 HD1  sing N N 204 
HIS CD2 NE2  sing Y N 205 
HIS CD2 HD2  sing N N 206 
HIS CE1 NE2  sing Y N 207 
HIS CE1 HE1  sing N N 208 
HIS NE2 HE2  sing N N 209 
HIS OXT HXT  sing N N 210 
HOH O   H1   sing N N 211 
HOH O   H2   sing N N 212 
HYP N   CA   sing N N 213 
HYP N   CD   sing N N 214 
HYP N   H    sing N N 215 
HYP CA  C    sing N N 216 
HYP CA  CB   sing N N 217 
HYP CA  HA   sing N N 218 
HYP C   O    doub N N 219 
HYP C   OXT  sing N N 220 
HYP CB  CG   sing N N 221 
HYP CB  HB2  sing N N 222 
HYP CB  HB3  sing N N 223 
HYP CG  CD   sing N N 224 
HYP CG  OD1  sing N N 225 
HYP CG  HG   sing N N 226 
HYP CD  HD22 sing N N 227 
HYP CD  HD23 sing N N 228 
HYP OD1 HD1  sing N N 229 
HYP OXT HXT  sing N N 230 
ILE N   CA   sing N N 231 
ILE N   H    sing N N 232 
ILE N   H2   sing N N 233 
ILE CA  C    sing N N 234 
ILE CA  CB   sing N N 235 
ILE CA  HA   sing N N 236 
ILE C   O    doub N N 237 
ILE C   OXT  sing N N 238 
ILE CB  CG1  sing N N 239 
ILE CB  CG2  sing N N 240 
ILE CB  HB   sing N N 241 
ILE CG1 CD1  sing N N 242 
ILE CG1 HG12 sing N N 243 
ILE CG1 HG13 sing N N 244 
ILE CG2 HG21 sing N N 245 
ILE CG2 HG22 sing N N 246 
ILE CG2 HG23 sing N N 247 
ILE CD1 HD11 sing N N 248 
ILE CD1 HD12 sing N N 249 
ILE CD1 HD13 sing N N 250 
ILE OXT HXT  sing N N 251 
LEU N   CA   sing N N 252 
LEU N   H    sing N N 253 
LEU N   H2   sing N N 254 
LEU CA  C    sing N N 255 
LEU CA  CB   sing N N 256 
LEU CA  HA   sing N N 257 
LEU C   O    doub N N 258 
LEU C   OXT  sing N N 259 
LEU CB  CG   sing N N 260 
LEU CB  HB2  sing N N 261 
LEU CB  HB3  sing N N 262 
LEU CG  CD1  sing N N 263 
LEU CG  CD2  sing N N 264 
LEU CG  HG   sing N N 265 
LEU CD1 HD11 sing N N 266 
LEU CD1 HD12 sing N N 267 
LEU CD1 HD13 sing N N 268 
LEU CD2 HD21 sing N N 269 
LEU CD2 HD22 sing N N 270 
LEU CD2 HD23 sing N N 271 
LEU OXT HXT  sing N N 272 
LYS N   CA   sing N N 273 
LYS N   H    sing N N 274 
LYS N   H2   sing N N 275 
LYS CA  C    sing N N 276 
LYS CA  CB   sing N N 277 
LYS CA  HA   sing N N 278 
LYS C   O    doub N N 279 
LYS C   OXT  sing N N 280 
LYS CB  CG   sing N N 281 
LYS CB  HB2  sing N N 282 
LYS CB  HB3  sing N N 283 
LYS CG  CD   sing N N 284 
LYS CG  HG2  sing N N 285 
LYS CG  HG3  sing N N 286 
LYS CD  CE   sing N N 287 
LYS CD  HD2  sing N N 288 
LYS CD  HD3  sing N N 289 
LYS CE  NZ   sing N N 290 
LYS CE  HE2  sing N N 291 
LYS CE  HE3  sing N N 292 
LYS NZ  HZ1  sing N N 293 
LYS NZ  HZ2  sing N N 294 
LYS NZ  HZ3  sing N N 295 
LYS OXT HXT  sing N N 296 
MET N   CA   sing N N 297 
MET N   H    sing N N 298 
MET N   H2   sing N N 299 
MET CA  C    sing N N 300 
MET CA  CB   sing N N 301 
MET CA  HA   sing N N 302 
MET C   O    doub N N 303 
MET C   OXT  sing N N 304 
MET CB  CG   sing N N 305 
MET CB  HB2  sing N N 306 
MET CB  HB3  sing N N 307 
MET CG  SD   sing N N 308 
MET CG  HG2  sing N N 309 
MET CG  HG3  sing N N 310 
MET SD  CE   sing N N 311 
MET CE  HE1  sing N N 312 
MET CE  HE2  sing N N 313 
MET CE  HE3  sing N N 314 
MET OXT HXT  sing N N 315 
PHE N   CA   sing N N 316 
PHE N   H    sing N N 317 
PHE N   H2   sing N N 318 
PHE CA  C    sing N N 319 
PHE CA  CB   sing N N 320 
PHE CA  HA   sing N N 321 
PHE C   O    doub N N 322 
PHE C   OXT  sing N N 323 
PHE CB  CG   sing N N 324 
PHE CB  HB2  sing N N 325 
PHE CB  HB3  sing N N 326 
PHE CG  CD1  doub Y N 327 
PHE CG  CD2  sing Y N 328 
PHE CD1 CE1  sing Y N 329 
PHE CD1 HD1  sing N N 330 
PHE CD2 CE2  doub Y N 331 
PHE CD2 HD2  sing N N 332 
PHE CE1 CZ   doub Y N 333 
PHE CE1 HE1  sing N N 334 
PHE CE2 CZ   sing Y N 335 
PHE CE2 HE2  sing N N 336 
PHE CZ  HZ   sing N N 337 
PHE OXT HXT  sing N N 338 
PRO N   CA   sing N N 339 
PRO N   CD   sing N N 340 
PRO N   H    sing N N 341 
PRO CA  C    sing N N 342 
PRO CA  CB   sing N N 343 
PRO CA  HA   sing N N 344 
PRO C   O    doub N N 345 
PRO C   OXT  sing N N 346 
PRO CB  CG   sing N N 347 
PRO CB  HB2  sing N N 348 
PRO CB  HB3  sing N N 349 
PRO CG  CD   sing N N 350 
PRO CG  HG2  sing N N 351 
PRO CG  HG3  sing N N 352 
PRO CD  HD2  sing N N 353 
PRO CD  HD3  sing N N 354 
PRO OXT HXT  sing N N 355 
SER N   CA   sing N N 356 
SER N   H    sing N N 357 
SER N   H2   sing N N 358 
SER CA  C    sing N N 359 
SER CA  CB   sing N N 360 
SER CA  HA   sing N N 361 
SER C   O    doub N N 362 
SER C   OXT  sing N N 363 
SER CB  OG   sing N N 364 
SER CB  HB2  sing N N 365 
SER CB  HB3  sing N N 366 
SER OG  HG   sing N N 367 
SER OXT HXT  sing N N 368 
THR N   CA   sing N N 369 
THR N   H    sing N N 370 
THR N   H2   sing N N 371 
THR CA  C    sing N N 372 
THR CA  CB   sing N N 373 
THR CA  HA   sing N N 374 
THR C   O    doub N N 375 
THR C   OXT  sing N N 376 
THR CB  OG1  sing N N 377 
THR CB  CG2  sing N N 378 
THR CB  HB   sing N N 379 
THR OG1 HG1  sing N N 380 
THR CG2 HG21 sing N N 381 
THR CG2 HG22 sing N N 382 
THR CG2 HG23 sing N N 383 
THR OXT HXT  sing N N 384 
TYR N   CA   sing N N 385 
TYR N   H    sing N N 386 
TYR N   H2   sing N N 387 
TYR CA  C    sing N N 388 
TYR CA  CB   sing N N 389 
TYR CA  HA   sing N N 390 
TYR C   O    doub N N 391 
TYR C   OXT  sing N N 392 
TYR CB  CG   sing N N 393 
TYR CB  HB2  sing N N 394 
TYR CB  HB3  sing N N 395 
TYR CG  CD1  doub Y N 396 
TYR CG  CD2  sing Y N 397 
TYR CD1 CE1  sing Y N 398 
TYR CD1 HD1  sing N N 399 
TYR CD2 CE2  doub Y N 400 
TYR CD2 HD2  sing N N 401 
TYR CE1 CZ   doub Y N 402 
TYR CE1 HE1  sing N N 403 
TYR CE2 CZ   sing Y N 404 
TYR CE2 HE2  sing N N 405 
TYR CZ  OH   sing N N 406 
TYR OH  HH   sing N N 407 
TYR OXT HXT  sing N N 408 
VAL N   CA   sing N N 409 
VAL N   H    sing N N 410 
VAL N   H2   sing N N 411 
VAL CA  C    sing N N 412 
VAL CA  CB   sing N N 413 
VAL CA  HA   sing N N 414 
VAL C   O    doub N N 415 
VAL C   OXT  sing N N 416 
VAL CB  CG1  sing N N 417 
VAL CB  CG2  sing N N 418 
VAL CB  HB   sing N N 419 
VAL CG1 HG11 sing N N 420 
VAL CG1 HG12 sing N N 421 
VAL CG1 HG13 sing N N 422 
VAL CG2 HG21 sing N N 423 
VAL CG2 HG22 sing N N 424 
VAL CG2 HG23 sing N N 425 
VAL OXT HXT  sing N N 426 
# 
_pdbx_deposit_group.group_id            G_1002045 
_pdbx_deposit_group.group_description   
;human NUDT7 screened against the 3D-Fragment Consortium Library by X-ray Crystallography at the XChem facility of Diamond Light Source beamline I04-1
;
_pdbx_deposit_group.group_title         'PanDDA analysis group deposition of models with modelled events (e.g. bound ligands)' 
_pdbx_deposit_group.group_type          'changed state' 
# 
loop_
_pdbx_entity_nonpoly.entity_id 
_pdbx_entity_nonpoly.name 
_pdbx_entity_nonpoly.comp_id 
2 'ACETATE ION'                                 ACT 
3 'DIMETHYL SULFOXIDE'                          DMS 
4 '(2R)-N-(1,2-oxazol-3-yl)-2-phenylbutanamide' H2D 
5 water                                         HOH 
# 
_pdbx_related_exp_data_set.ordinal              1 
_pdbx_related_exp_data_set.data_reference       10.5281/zenodo.1244111 
_pdbx_related_exp_data_set.metadata_reference   10.5281/zenodo.1244111 
_pdbx_related_exp_data_set.data_set_type        'other data' 
_pdbx_related_exp_data_set.details              'Complete PanDDA analysis' 
# 
